data_6IEQ
#
_entry.id   6IEQ
#
_cell.length_a   127.590
_cell.length_b   127.590
_cell.length_c   315.507
_cell.angle_alpha   90.00
_cell.angle_beta   90.00
_cell.angle_gamma   120.00
#
_symmetry.space_group_name_H-M   'P 63'
#
loop_
_entity.id
_entity.type
_entity.pdbx_description
1 polymer 'Envelope glycoprotein gp160'
2 polymer 'Envelope glycoprotein gp160'
3 polymer 'PGT124 Fab Light Chain'
4 polymer 'PGT124 Fab Heavy Chain'
5 polymer '35O22 Fab Heavy Chain'
6 polymer '35O22 Fab Light Chain'
7 branched alpha-D-mannopyranose-(1-3)-alpha-D-mannopyranose-(1-6)-[alpha-D-mannopyranose-(1-3)]beta-D-mannopyranose-(1-4)-2-acetamido-2-deoxy-beta-D-glucopyranose-(1-4)-2-acetamido-2-deoxy-beta-D-glucopyranose
8 branched alpha-D-mannopyranose-(1-3)-beta-D-mannopyranose-(1-4)-2-acetamido-2-deoxy-beta-D-glucopyranose-(1-4)-2-acetamido-2-deoxy-beta-D-glucopyranose
9 branched 2-acetamido-2-deoxy-beta-D-glucopyranose-(1-4)-2-acetamido-2-deoxy-beta-D-glucopyranose
10 branched alpha-D-mannopyranose-(1-2)-alpha-D-mannopyranose-(1-3)-beta-D-mannopyranose-(1-4)-2-acetamido-2-deoxy-beta-D-glucopyranose-(1-4)-2-acetamido-2-deoxy-beta-D-glucopyranose
11 branched alpha-D-mannopyranose-(1-6)-alpha-D-mannopyranose
12 branched alpha-D-mannopyranose-(1-2)-alpha-D-mannopyranose-(1-2)-alpha-D-mannopyranose-(1-3)-[alpha-D-mannopyranose-(1-6)-alpha-D-mannopyranose-(1-6)]beta-D-mannopyranose-(1-4)-2-acetamido-2-deoxy-beta-D-glucopyranose-(1-4)-2-acetamido-2-deoxy-beta-D-glucopyranose
13 non-polymer 2-acetamido-2-deoxy-beta-D-glucopyranose
14 non-polymer alpha-D-mannopyranose
#
loop_
_entity_poly.entity_id
_entity_poly.type
_entity_poly.pdbx_seq_one_letter_code
_entity_poly.pdbx_strand_id
1 'polypeptide(L)'
;MDAMKRGLCCVLLLCGAVFVSPSQEIHARFRRGARAENLWVTVYYGVPVWKDAETTLFCASDAKAYDTEKRNVWATHCCV
PTDPNPQEIVLENVTENFNMWKNNMVEQMHTDIISLWDQSLKPCVKLTPLCVTLNCTDVNATNNTTNNEEIKNCSFNITT
ELRDKKKKVYALFYKLDVVPIDDNNS(UNK)YRLINCNTSAITQACPKVSFEPIPIHYCAPAGFAILKCNDKKFNGTGPC
KNVSTVQCTHGIKPVVSTQLLLNGSLAEEEIIIRSENITNNAKTIIVQLNESVEINCTRPNNNTRKSIRI(UNK)(UNK)
GPGQWFYATGDIIGDIRQAHCNISRTKWNKTLQQVAKKLREHFN(UNK)(UNK)KTIIFNPSSGGDLEITTHSFNCGGEF
FYCNTSELFNSTWNGTNNTITLPCRIKQIINMWQRVGQAMYAPPIEGKIRCTSNITGLLLTRDGGNNNTETFRPGGGDMR
DNWRSELYKYKVVKIEPLGVAPTRCKRRVVERRRRRR
;
G
2 'polypeptide(L)'
;AVGIGAVFLGFLGAAGSTMGAASMTLTVQARNLLSGIVQQQSNLLRAPECQQHLLQLTVWGIKQLQARVLAVERYLKDQQ
LLGIWGCSGKLICCTNVPWNSSWSNKSQDEIWDNMTWMEWDKEINNYTDIIYSLIEESQNQQEKNEQELLALD
;
B
3 'polypeptide(L)'
;SYVSPLSVALGETARISCGRQALGSRAVQWYQHKPGQAPILLIYNNQDRPSGIPERFSGTPDINFGTTATLTISGVEVGD
EADYYCHMWDSRSGFSWSFGGATRLTVLSQPKAAPSVTLFPPSSEELQANKATLVCLISDFYPGAVTVAWKADSSPVKAG
VETTTPSKQSNNKYAASSYLSLTPEQWKSHKSYSCQVTHEGSTVEKTVAPTECS
;
L
4 'polypeptide(L)'
;QVQLQESGPGLVRPSETLSVTCIVSGGSISNYYWTWIRQSPGKGLEWIGYISDRETTTYNPSLNSRAVISRDTSKNQLSL
QLRSVTTADTAIYFCATARRGQRIYGVVSFGEFFYYYYMDVWGKGTAVTVSSASTKGPSVFPLAPSSKSTSGGTAALGCL
VKDYFPEPVTVSWNSGALTSGVHTFPAVLQSSGLYSLSSVVTVPSSSLGTQTYICNVNHKPSNTKVDKKVEPKSCD
;
H
5 'polypeptide(L)'
;EGQLVQSGAELKKPGASVKISCKTSGYRFNFYHINWIRQTAGRGPEWMGWISPYSGDKNLAPAFQDRVIMTTDTEVPVTS
FTSTGAAYMEIRNLKFDDTGTYFCAKGLLRDGSSTWLPYLWGQGTLLTVSSASTKGPSVFPLAPSSKSTSGGTAALGCLV
KDYFPEPVTVSWNSGALTSGVHTFPAVLQSSGLYSLSSVVTVPSSSLGTQTYICNVNHKPSNTKVDKRVEPKSCDKGLEV
;
D
6 'polypeptide(L)'
;QSVLTQSASVSGSLGQSVTISCTGPNSVCCSHKSISWYQWPPGRAPTLIIYEDNERAPGISPRFSGYKSYWSAYLTISDL
RPEDETTYYCCSYTHNSGCVFGTGTKVSVLGQSKANPSVTLFPPSSEELQANKATLVCLISDFYPGAVTVAWKADSSPVK
AGVETTTPSKQSNNKYAASSYLSLTPEQWKSHRSYSCQVTHEGSTVEKTVAPTECS
;
E
#
loop_
_chem_comp.id
_chem_comp.type
_chem_comp.name
_chem_comp.formula
BMA D-saccharide, beta linking beta-D-mannopyranose 'C6 H12 O6'
MAN D-saccharide, alpha linking alpha-D-mannopyranose 'C6 H12 O6'
NAG D-saccharide, beta linking 2-acetamido-2-deoxy-beta-D-glucopyranose 'C8 H15 N O6'
#
# COMPACT_ATOMS: atom_id res chain seq x y z
N GLU A 37 43.63 -37.97 30.26
CA GLU A 37 44.38 -36.68 30.11
C GLU A 37 44.91 -36.42 28.69
N ASN A 38 45.24 -37.49 27.96
CA ASN A 38 45.67 -37.37 26.57
C ASN A 38 44.48 -37.15 25.63
N LEU A 39 44.35 -35.92 25.12
CA LEU A 39 43.33 -35.57 24.13
C LEU A 39 43.92 -35.62 22.72
N TRP A 40 43.09 -36.06 21.78
CA TRP A 40 43.47 -36.18 20.37
C TRP A 40 42.36 -35.60 19.51
N VAL A 41 42.73 -34.81 18.50
CA VAL A 41 41.77 -34.39 17.47
C VAL A 41 41.07 -35.59 16.85
N THR A 42 39.81 -35.38 16.47
CA THR A 42 38.99 -36.40 15.86
C THR A 42 38.11 -35.69 14.84
N VAL A 43 38.10 -36.18 13.60
CA VAL A 43 37.45 -35.48 12.50
C VAL A 43 35.97 -35.84 12.49
N TYR A 44 35.13 -34.82 12.43
CA TYR A 44 33.68 -34.98 12.29
C TYR A 44 33.28 -34.42 10.94
N TYR A 45 32.63 -35.26 10.12
CA TYR A 45 32.13 -34.86 8.82
C TYR A 45 30.61 -34.74 8.90
N GLY A 46 30.10 -33.63 8.41
CA GLY A 46 28.66 -33.34 8.42
C GLY A 46 28.21 -32.61 9.67
N VAL A 47 29.01 -31.66 10.14
CA VAL A 47 28.63 -30.82 11.27
C VAL A 47 27.74 -29.69 10.77
N PRO A 48 26.73 -29.29 11.57
CA PRO A 48 25.94 -28.11 11.20
C PRO A 48 26.69 -26.79 11.44
N VAL A 49 27.55 -26.46 10.49
CA VAL A 49 28.33 -25.21 10.49
C VAL A 49 28.16 -24.58 9.12
N TRP A 50 28.01 -23.26 9.10
CA TRP A 50 27.89 -22.53 7.85
C TRP A 50 28.55 -21.17 7.94
N LYS A 51 28.84 -20.60 6.78
CA LYS A 51 29.37 -19.24 6.66
C LYS A 51 28.61 -18.51 5.57
N ASP A 52 28.59 -17.19 5.67
CA ASP A 52 27.88 -16.35 4.69
C ASP A 52 28.62 -16.40 3.36
N ALA A 53 27.88 -16.75 2.31
CA ALA A 53 28.43 -16.85 0.97
C ALA A 53 27.40 -16.40 -0.06
N GLU A 54 27.86 -16.29 -1.29
CA GLU A 54 27.03 -15.93 -2.43
C GLU A 54 27.32 -16.93 -3.54
N THR A 55 26.30 -17.67 -3.96
CA THR A 55 26.44 -18.64 -5.06
C THR A 55 25.30 -18.47 -6.04
N THR A 56 25.45 -19.13 -7.19
CA THR A 56 24.47 -19.05 -8.27
C THR A 56 23.21 -19.86 -7.92
N LEU A 57 22.15 -19.14 -7.57
CA LEU A 57 20.84 -19.73 -7.28
C LEU A 57 20.12 -19.99 -8.60
N PHE A 58 19.18 -20.93 -8.60
CA PHE A 58 18.43 -21.26 -9.81
C PHE A 58 16.91 -21.17 -9.62
N CYS A 59 16.20 -21.03 -10.75
CA CYS A 59 14.73 -20.88 -10.77
C CYS A 59 14.02 -22.18 -10.41
N ALA A 60 12.91 -22.05 -9.67
CA ALA A 60 11.97 -23.16 -9.47
C ALA A 60 10.55 -22.63 -9.47
N SER A 61 9.67 -23.30 -10.19
CA SER A 61 8.27 -22.88 -10.33
C SER A 61 7.35 -24.10 -10.30
N ASP A 62 6.23 -23.98 -9.60
CA ASP A 62 5.26 -25.10 -9.46
C ASP A 62 4.73 -25.51 -10.81
N ALA A 63 4.51 -26.80 -11.01
CA ALA A 63 4.07 -27.32 -12.31
C ALA A 63 2.68 -26.81 -12.69
N LYS A 64 2.66 -25.64 -13.33
CA LYS A 64 1.42 -25.07 -13.89
C LYS A 64 1.31 -25.46 -15.38
N ALA A 65 0.07 -25.60 -15.84
CA ALA A 65 -0.21 -26.18 -17.16
C ALA A 65 0.16 -25.27 -18.33
N TYR A 66 -0.55 -24.15 -18.46
CA TYR A 66 -0.38 -23.20 -19.58
C TYR A 66 -0.51 -23.88 -20.95
N ASP A 67 -1.74 -24.14 -21.39
CA ASP A 67 -2.00 -24.94 -22.60
C ASP A 67 -2.47 -24.14 -23.83
N THR A 68 -3.49 -23.30 -23.69
CA THR A 68 -4.01 -22.48 -24.81
C THR A 68 -3.11 -21.25 -25.06
N GLU A 69 -2.67 -20.62 -23.97
CA GLU A 69 -1.69 -19.53 -23.99
C GLU A 69 -0.55 -19.97 -23.08
N LYS A 70 0.69 -19.84 -23.54
CA LYS A 70 1.84 -20.38 -22.81
C LYS A 70 3.10 -19.53 -22.94
N ARG A 71 4.19 -20.03 -22.36
CA ARG A 71 5.54 -19.46 -22.44
C ARG A 71 5.65 -18.00 -21.98
N ASN A 72 5.26 -17.76 -20.72
CA ASN A 72 5.52 -16.46 -20.07
C ASN A 72 7.01 -16.33 -19.75
N VAL A 73 7.49 -15.08 -19.75
CA VAL A 73 8.93 -14.76 -19.66
C VAL A 73 9.67 -15.25 -18.39
N TRP A 74 8.95 -15.49 -17.29
CA TRP A 74 9.57 -15.94 -16.03
C TRP A 74 9.60 -17.46 -15.85
N ALA A 75 8.60 -18.17 -16.38
CA ALA A 75 8.65 -19.63 -16.48
C ALA A 75 9.61 -20.06 -17.59
N THR A 76 9.57 -19.35 -18.72
CA THR A 76 10.40 -19.62 -19.91
C THR A 76 10.11 -20.98 -20.55
N HIS A 77 10.91 -21.33 -21.56
CA HIS A 77 10.92 -22.67 -22.18
C HIS A 77 11.04 -23.81 -21.16
N CYS A 78 11.81 -23.60 -20.09
CA CYS A 78 11.98 -24.60 -19.03
C CYS A 78 12.50 -23.99 -17.70
N CYS A 79 11.75 -24.21 -16.63
CA CYS A 79 12.22 -23.99 -15.25
C CYS A 79 11.98 -25.27 -14.45
N VAL A 80 12.76 -25.47 -13.40
CA VAL A 80 12.73 -26.73 -12.64
C VAL A 80 11.44 -26.77 -11.80
N PRO A 81 10.72 -27.90 -11.80
CA PRO A 81 9.54 -27.99 -10.94
C PRO A 81 9.91 -28.11 -9.46
N THR A 82 9.12 -27.48 -8.59
CA THR A 82 9.36 -27.50 -7.14
C THR A 82 9.08 -28.89 -6.56
N ASP A 83 9.54 -29.10 -5.34
CA ASP A 83 9.20 -30.32 -4.60
C ASP A 83 7.68 -30.35 -4.38
N PRO A 84 7.05 -31.54 -4.47
CA PRO A 84 5.62 -31.67 -4.18
C PRO A 84 5.21 -30.95 -2.89
N ASN A 85 6.01 -31.13 -1.84
CA ASN A 85 5.90 -30.36 -0.62
C ASN A 85 7.32 -29.99 -0.15
N PRO A 86 7.69 -28.69 -0.20
CA PRO A 86 8.99 -28.28 0.36
C PRO A 86 9.00 -28.32 1.90
N GLN A 87 10.13 -28.70 2.48
CA GLN A 87 10.28 -28.76 3.94
C GLN A 87 10.92 -27.48 4.46
N GLU A 88 10.31 -26.90 5.48
CA GLU A 88 10.90 -25.82 6.26
C GLU A 88 11.30 -26.42 7.60
N ILE A 89 12.59 -26.39 7.88
CA ILE A 89 13.12 -26.93 9.13
C ILE A 89 13.45 -25.77 10.05
N VAL A 90 12.67 -25.65 11.13
CA VAL A 90 12.98 -24.72 12.21
C VAL A 90 14.33 -25.09 12.83
N LEU A 91 15.22 -24.10 12.91
CA LEU A 91 16.54 -24.32 13.52
C LEU A 91 16.47 -23.81 14.96
N GLU A 92 16.24 -24.73 15.89
CA GLU A 92 16.10 -24.38 17.29
C GLU A 92 17.35 -23.69 17.81
N ASN A 93 17.14 -22.69 18.68
CA ASN A 93 18.21 -21.98 19.37
C ASN A 93 19.15 -21.14 18.48
N VAL A 94 18.82 -20.97 17.20
CA VAL A 94 19.68 -20.27 16.27
C VAL A 94 19.27 -18.81 16.22
N THR A 95 20.26 -17.94 16.37
CA THR A 95 20.09 -16.50 16.16
C THR A 95 21.10 -16.11 15.08
N GLU A 96 20.61 -15.61 13.96
CA GLU A 96 21.46 -15.24 12.82
C GLU A 96 21.23 -13.78 12.43
N ASN A 97 22.32 -13.10 12.09
CA ASN A 97 22.29 -11.70 11.68
C ASN A 97 21.99 -11.65 10.18
N PHE A 98 20.94 -10.92 9.81
CA PHE A 98 20.50 -10.77 8.42
C PHE A 98 20.84 -9.38 7.88
N ASN A 99 20.84 -9.26 6.55
CA ASN A 99 20.95 -7.97 5.89
C ASN A 99 20.30 -8.03 4.51
N MET A 100 19.11 -7.44 4.39
CA MET A 100 18.38 -7.38 3.12
C MET A 100 19.03 -6.47 2.07
N TRP A 101 19.81 -5.47 2.52
CA TRP A 101 20.39 -4.45 1.63
C TRP A 101 21.73 -4.87 1.05
N LYS A 102 22.43 -5.77 1.73
CA LYS A 102 23.64 -6.42 1.21
C LYS A 102 23.34 -7.88 0.80
N ASN A 103 22.09 -8.16 0.45
CA ASN A 103 21.66 -9.48 0.00
C ASN A 103 22.08 -9.66 -1.46
N ASN A 104 22.57 -10.86 -1.79
CA ASN A 104 23.00 -11.20 -3.14
C ASN A 104 21.87 -11.82 -3.98
N MET A 105 20.85 -12.36 -3.32
CA MET A 105 19.67 -12.91 -4.00
C MET A 105 18.92 -11.84 -4.80
N VAL A 106 18.95 -10.62 -4.28
CA VAL A 106 18.34 -9.45 -4.93
C VAL A 106 19.09 -9.13 -6.22
N GLU A 107 20.40 -8.91 -6.11
CA GLU A 107 21.26 -8.63 -7.27
C GLU A 107 21.21 -9.71 -8.36
N GLN A 108 21.05 -10.97 -7.94
CA GLN A 108 20.89 -12.09 -8.88
C GLN A 108 19.53 -12.08 -9.58
N MET A 109 18.45 -11.90 -8.81
CA MET A 109 17.11 -11.83 -9.40
C MET A 109 17.02 -10.66 -10.39
N HIS A 110 17.56 -9.51 -10.01
CA HIS A 110 17.59 -8.32 -10.88
C HIS A 110 18.25 -8.61 -12.23
N THR A 111 19.45 -9.19 -12.18
CA THR A 111 20.17 -9.58 -13.38
C THR A 111 19.50 -10.76 -14.12
N ASP A 112 18.80 -11.63 -13.39
CA ASP A 112 17.97 -12.68 -14.01
C ASP A 112 16.78 -12.10 -14.77
N ILE A 113 16.03 -11.19 -14.15
CA ILE A 113 14.85 -10.59 -14.80
C ILE A 113 15.26 -9.81 -16.07
N ILE A 114 16.38 -9.10 -16.02
CA ILE A 114 16.90 -8.36 -17.19
C ILE A 114 17.31 -9.30 -18.33
N SER A 115 18.06 -10.35 -17.99
CA SER A 115 18.50 -11.33 -18.99
C SER A 115 17.31 -12.07 -19.62
N LEU A 116 16.34 -12.46 -18.79
CA LEU A 116 15.10 -13.10 -19.25
C LEU A 116 14.29 -12.26 -20.24
N TRP A 117 14.24 -10.95 -20.01
CA TRP A 117 13.53 -10.01 -20.88
C TRP A 117 14.20 -9.96 -22.27
N ASP A 118 15.53 -10.00 -22.30
CA ASP A 118 16.29 -10.00 -23.56
C ASP A 118 16.16 -11.31 -24.35
N GLN A 119 16.08 -12.44 -23.64
CA GLN A 119 15.88 -13.76 -24.28
C GLN A 119 14.51 -13.87 -24.95
N SER A 120 13.50 -13.24 -24.34
CA SER A 120 12.14 -13.23 -24.89
C SER A 120 11.99 -12.29 -26.09
N LEU A 121 12.67 -11.14 -26.05
CA LEU A 121 12.60 -10.14 -27.14
C LEU A 121 13.45 -10.45 -28.37
N LYS A 122 14.46 -11.31 -28.22
CA LYS A 122 15.40 -11.63 -29.32
C LYS A 122 14.75 -12.20 -30.59
N PRO A 123 13.91 -13.25 -30.47
CA PRO A 123 13.27 -13.79 -31.68
C PRO A 123 12.11 -12.95 -32.23
N CYS A 124 11.55 -12.03 -31.44
CA CYS A 124 10.39 -11.24 -31.85
C CYS A 124 10.72 -10.22 -32.94
N VAL A 125 9.67 -9.62 -33.51
CA VAL A 125 9.80 -8.71 -34.65
C VAL A 125 10.35 -7.36 -34.19
N LYS A 126 11.36 -6.87 -34.91
CA LYS A 126 11.98 -5.57 -34.59
C LYS A 126 11.46 -4.51 -35.57
N LEU A 127 11.03 -3.37 -35.02
CA LEU A 127 10.34 -2.33 -35.77
C LEU A 127 11.27 -1.16 -36.11
N THR A 128 12.43 -1.50 -36.68
CA THR A 128 13.36 -0.51 -37.22
C THR A 128 12.80 0.21 -38.46
N PRO A 129 12.05 -0.50 -39.35
CA PRO A 129 11.48 0.24 -40.50
C PRO A 129 10.22 1.04 -40.17
N LEU A 130 9.69 0.89 -38.96
CA LEU A 130 8.59 1.73 -38.47
C LEU A 130 9.03 3.17 -38.10
N CYS A 131 10.32 3.48 -38.20
CA CYS A 131 10.83 4.85 -38.03
C CYS A 131 10.75 5.73 -39.30
N VAL A 132 9.68 5.59 -40.09
CA VAL A 132 9.38 6.52 -41.18
C VAL A 132 8.65 7.71 -40.55
N THR A 133 8.70 8.86 -41.20
CA THR A 133 7.96 10.04 -40.77
C THR A 133 6.44 9.77 -40.79
N LEU A 134 5.77 10.15 -39.71
CA LEU A 134 4.36 9.84 -39.47
C LEU A 134 3.50 11.08 -39.66
N ASN A 135 2.40 10.92 -40.41
CA ASN A 135 1.46 12.00 -40.69
C ASN A 135 0.30 11.91 -39.68
N CYS A 136 0.37 12.70 -38.60
CA CYS A 136 -0.57 12.56 -37.46
C CYS A 136 -1.60 13.66 -37.29
N THR A 137 -2.79 13.26 -36.84
CA THR A 137 -3.90 14.14 -36.47
C THR A 137 -4.53 13.63 -35.17
N ASP A 138 -5.22 14.52 -34.45
CA ASP A 138 -5.91 14.15 -33.21
C ASP A 138 -7.10 13.25 -33.48
N VAL A 139 -7.43 12.39 -32.51
CA VAL A 139 -8.59 11.50 -32.62
C VAL A 139 -9.84 12.29 -32.24
N ASN A 140 -10.97 11.88 -32.83
CA ASN A 140 -12.27 12.51 -32.58
C ASN A 140 -12.71 12.40 -31.12
N ALA A 141 -12.93 13.54 -30.48
CA ALA A 141 -13.48 13.62 -29.14
C ALA A 141 -14.14 14.99 -28.90
N THR A 142 -14.81 15.15 -27.77
CA THR A 142 -15.35 16.45 -27.35
C THR A 142 -14.18 17.37 -26.95
N ASN A 143 -14.24 18.63 -27.38
CA ASN A 143 -13.13 19.59 -27.21
C ASN A 143 -12.95 20.01 -25.74
N ASN A 144 -12.26 19.14 -24.97
CA ASN A 144 -11.94 19.40 -23.56
C ASN A 144 -10.42 19.33 -23.21
N THR A 145 -9.61 18.68 -24.05
CA THR A 145 -8.15 18.67 -23.91
C THR A 145 -7.48 19.02 -25.23
N GLU A 149 -5.77 16.39 -26.51
CA GLU A 149 -5.91 15.03 -27.04
C GLU A 149 -4.58 14.27 -26.95
N GLU A 150 -4.55 13.21 -26.12
CA GLU A 150 -3.38 12.33 -26.06
C GLU A 150 -3.32 11.45 -27.28
N ILE A 151 -4.37 10.66 -27.49
CA ILE A 151 -4.45 9.71 -28.61
C ILE A 151 -4.38 10.44 -29.96
N LYS A 152 -3.60 9.89 -30.90
CA LYS A 152 -3.37 10.50 -32.22
C LYS A 152 -3.46 9.47 -33.34
N ASN A 153 -4.19 9.83 -34.40
CA ASN A 153 -4.40 8.99 -35.59
C ASN A 153 -3.34 9.34 -36.62
N CYS A 154 -2.40 8.41 -36.84
CA CYS A 154 -1.20 8.66 -37.64
C CYS A 154 -1.12 7.82 -38.91
N SER A 155 -1.07 8.49 -40.06
CA SER A 155 -0.85 7.86 -41.36
C SER A 155 0.63 7.91 -41.72
N PHE A 156 1.11 6.87 -42.40
CA PHE A 156 2.53 6.78 -42.78
C PHE A 156 2.78 5.70 -43.81
N ASN A 157 3.81 5.91 -44.63
CA ASN A 157 4.30 4.88 -45.54
C ASN A 157 5.06 3.82 -44.75
N ILE A 158 4.88 2.56 -45.14
CA ILE A 158 5.64 1.46 -44.55
C ILE A 158 6.05 0.51 -45.67
N THR A 159 7.21 -0.12 -45.51
CA THR A 159 7.67 -1.14 -46.46
C THR A 159 6.73 -2.34 -46.50
N THR A 160 6.44 -2.84 -47.71
CA THR A 160 5.56 -4.01 -47.90
C THR A 160 6.38 -5.30 -47.83
N GLU A 161 5.72 -6.42 -48.10
CA GLU A 161 6.36 -7.74 -48.16
C GLU A 161 7.35 -7.83 -49.32
N LEU A 162 7.03 -7.11 -50.40
CA LEU A 162 7.97 -6.91 -51.50
C LEU A 162 8.91 -5.75 -51.16
N ARG A 163 10.17 -5.85 -51.58
CA ARG A 163 11.19 -4.82 -51.28
C ARG A 163 10.95 -3.51 -52.03
N ASP A 164 10.64 -3.61 -53.31
CA ASP A 164 10.39 -2.44 -54.16
C ASP A 164 9.09 -1.68 -53.82
N LYS A 165 8.05 -2.39 -53.40
CA LYS A 165 6.72 -1.79 -53.15
C LYS A 165 6.56 -1.22 -51.74
N LYS A 166 5.78 -0.14 -51.65
CA LYS A 166 5.47 0.54 -50.38
C LYS A 166 3.96 0.71 -50.22
N LYS A 167 3.51 0.69 -48.96
CA LYS A 167 2.10 0.80 -48.61
C LYS A 167 1.93 1.98 -47.67
N LYS A 168 0.88 2.78 -47.88
CA LYS A 168 0.47 3.79 -46.93
C LYS A 168 -0.58 3.18 -46.01
N VAL A 169 -0.30 3.19 -44.70
CA VAL A 169 -1.21 2.68 -43.68
C VAL A 169 -1.42 3.74 -42.61
N TYR A 170 -2.45 3.54 -41.80
CA TYR A 170 -2.68 4.37 -40.62
C TYR A 170 -2.70 3.52 -39.35
N ALA A 171 -2.34 4.16 -38.25
CA ALA A 171 -2.37 3.54 -36.93
C ALA A 171 -2.51 4.63 -35.88
N LEU A 172 -3.10 4.27 -34.74
CA LEU A 172 -3.22 5.20 -33.62
C LEU A 172 -1.99 5.05 -32.72
N PHE A 173 -1.52 6.16 -32.17
CA PHE A 173 -0.45 6.12 -31.19
C PHE A 173 -0.77 7.10 -30.07
N TYR A 174 -0.30 6.77 -28.88
CA TYR A 174 -0.52 7.61 -27.71
C TYR A 174 0.54 8.73 -27.76
N LYS A 175 0.22 9.89 -27.19
CA LYS A 175 1.10 11.07 -27.29
C LYS A 175 2.50 10.83 -26.71
N LEU A 176 2.59 9.94 -25.72
CA LEU A 176 3.86 9.57 -25.10
C LEU A 176 4.80 8.81 -26.04
N ASP A 177 4.22 8.04 -26.96
CA ASP A 177 5.00 7.25 -27.92
C ASP A 177 5.60 8.06 -29.06
N VAL A 178 5.05 9.24 -29.35
CA VAL A 178 5.44 10.03 -30.52
C VAL A 178 5.91 11.44 -30.16
N VAL A 179 6.71 12.03 -31.05
CA VAL A 179 7.17 13.43 -30.90
C VAL A 179 7.24 14.11 -32.27
N PRO A 180 6.88 15.41 -32.33
CA PRO A 180 6.79 16.11 -33.62
C PRO A 180 8.15 16.41 -34.22
N ILE A 181 8.43 15.81 -35.39
CA ILE A 181 9.71 16.00 -36.09
C ILE A 181 9.97 17.47 -36.43
N ASP A 182 8.90 18.18 -36.77
CA ASP A 182 8.96 19.59 -37.16
C ASP A 182 7.68 20.27 -36.70
N ASP A 183 6.56 19.86 -37.31
CA ASP A 183 5.24 20.39 -37.03
C ASP A 183 4.24 19.28 -36.74
N ASN A 184 3.04 19.68 -36.35
CA ASN A 184 1.91 18.77 -36.13
C ASN A 184 1.31 18.19 -37.41
N ASN A 185 1.54 18.87 -38.54
CA ASN A 185 1.08 18.39 -39.87
C ASN A 185 1.40 16.91 -40.09
N SER A 186 2.65 16.54 -39.79
CA SER A 186 3.11 15.18 -39.80
C SER A 186 3.61 14.87 -38.41
N TYR A 188 5.87 13.93 -37.25
CA TYR A 188 5.91 13.07 -36.07
C TYR A 188 6.74 11.85 -36.37
N ARG A 189 7.45 11.39 -35.34
CA ARG A 189 8.16 10.12 -35.36
C ARG A 189 7.88 9.45 -34.04
N LEU A 190 8.33 8.21 -33.88
CA LEU A 190 8.26 7.53 -32.60
C LEU A 190 9.38 8.04 -31.71
N ILE A 191 9.06 8.25 -30.43
CA ILE A 191 10.00 8.80 -29.42
C ILE A 191 11.38 8.12 -29.42
N ASN A 192 11.37 6.79 -29.57
CA ASN A 192 12.60 6.00 -29.50
C ASN A 192 13.57 6.23 -30.67
N CYS A 193 13.04 6.48 -31.87
CA CYS A 193 13.82 6.36 -33.12
C CYS A 193 15.13 7.14 -33.15
N ASN A 194 15.18 8.28 -32.47
CA ASN A 194 16.42 9.04 -32.34
C ASN A 194 17.41 8.40 -31.36
N THR A 195 16.89 7.90 -30.22
CA THR A 195 17.72 7.33 -29.16
C THR A 195 18.27 5.96 -29.54
N SER A 196 17.36 5.05 -29.89
CA SER A 196 17.70 3.64 -30.04
C SER A 196 16.70 2.86 -30.90
N ALA A 197 17.05 1.62 -31.21
CA ALA A 197 16.17 0.71 -31.95
C ALA A 197 15.04 0.23 -31.07
N ILE A 198 14.05 -0.38 -31.72
CA ILE A 198 12.85 -0.84 -31.05
C ILE A 198 12.56 -2.27 -31.49
N THR A 199 11.94 -3.03 -30.60
CA THR A 199 11.46 -4.37 -30.93
C THR A 199 10.08 -4.62 -30.33
N GLN A 200 9.21 -5.24 -31.13
CA GLN A 200 7.88 -5.60 -30.69
C GLN A 200 7.97 -6.81 -29.78
N ALA A 201 7.20 -6.81 -28.70
CA ALA A 201 7.05 -7.99 -27.86
C ALA A 201 6.15 -8.97 -28.60
N CYS A 202 6.56 -10.23 -28.67
CA CYS A 202 5.76 -11.28 -29.30
C CYS A 202 4.38 -11.32 -28.65
N PRO A 203 3.31 -11.45 -29.45
CA PRO A 203 1.97 -11.45 -28.87
C PRO A 203 1.64 -12.68 -28.00
N LYS A 204 2.43 -13.75 -28.13
CA LYS A 204 2.23 -14.98 -27.36
C LYS A 204 2.75 -14.88 -25.91
N VAL A 205 3.92 -14.28 -25.71
CA VAL A 205 4.52 -14.19 -24.36
C VAL A 205 3.75 -13.19 -23.49
N SER A 206 3.32 -13.63 -22.30
CA SER A 206 2.50 -12.83 -21.41
C SER A 206 3.38 -12.12 -20.37
N PHE A 207 2.93 -10.95 -19.95
CA PHE A 207 3.61 -10.14 -18.93
C PHE A 207 3.12 -10.41 -17.51
N GLU A 208 2.22 -11.40 -17.35
CA GLU A 208 1.70 -11.78 -16.02
C GLU A 208 2.82 -12.36 -15.13
N PRO A 209 3.05 -11.76 -13.94
CA PRO A 209 3.98 -12.38 -13.00
C PRO A 209 3.38 -13.64 -12.37
N ILE A 210 4.21 -14.68 -12.25
CA ILE A 210 3.81 -15.95 -11.65
C ILE A 210 4.72 -16.23 -10.46
N PRO A 211 4.31 -17.14 -9.55
CA PRO A 211 5.19 -17.42 -8.40
C PRO A 211 6.49 -18.11 -8.82
N ILE A 212 7.62 -17.52 -8.43
CA ILE A 212 8.95 -18.10 -8.67
C ILE A 212 9.64 -18.32 -7.31
N HIS A 213 10.15 -19.54 -7.13
CA HIS A 213 10.89 -19.93 -5.95
C HIS A 213 12.37 -19.98 -6.34
N TYR A 214 13.19 -19.24 -5.61
CA TYR A 214 14.65 -19.27 -5.81
C TYR A 214 15.26 -20.35 -4.91
N CYS A 215 16.03 -21.25 -5.51
CA CYS A 215 16.64 -22.37 -4.80
C CYS A 215 18.16 -22.30 -4.79
N ALA A 216 18.75 -22.82 -3.72
CA ALA A 216 20.21 -22.93 -3.59
C ALA A 216 20.65 -24.34 -3.98
N PRO A 217 21.89 -24.47 -4.49
CA PRO A 217 22.40 -25.80 -4.85
C PRO A 217 22.77 -26.62 -3.63
N ALA A 218 23.08 -27.90 -3.85
CA ALA A 218 23.49 -28.79 -2.77
C ALA A 218 24.81 -28.31 -2.18
N GLY A 219 24.94 -28.46 -0.86
CA GLY A 219 26.07 -27.91 -0.11
C GLY A 219 25.87 -26.48 0.33
N PHE A 220 24.72 -25.88 -0.03
CA PHE A 220 24.33 -24.57 0.44
C PHE A 220 22.92 -24.70 1.02
N ALA A 221 22.47 -23.63 1.67
CA ALA A 221 21.12 -23.56 2.23
C ALA A 221 20.65 -22.13 2.38
N ILE A 222 19.34 -21.97 2.44
CA ILE A 222 18.72 -20.66 2.64
C ILE A 222 18.16 -20.62 4.05
N LEU A 223 18.46 -19.52 4.75
CA LEU A 223 17.96 -19.28 6.10
C LEU A 223 16.85 -18.25 6.04
N LYS A 224 15.69 -18.60 6.58
CA LYS A 224 14.50 -17.76 6.57
C LYS A 224 14.28 -17.18 7.96
N CYS A 225 14.19 -15.86 8.03
CA CYS A 225 13.82 -15.21 9.27
C CYS A 225 12.33 -15.41 9.49
N ASN A 226 11.99 -15.99 10.63
CA ASN A 226 10.62 -16.29 11.01
C ASN A 226 10.04 -15.23 11.96
N ASP A 227 10.82 -14.18 12.25
CA ASP A 227 10.47 -13.18 13.27
C ASP A 227 9.39 -12.24 12.75
N LYS A 228 8.35 -12.02 13.55
CA LYS A 228 7.15 -11.29 13.11
C LYS A 228 7.38 -9.80 12.90
N LYS A 229 8.00 -9.14 13.86
CA LYS A 229 8.26 -7.70 13.80
C LYS A 229 9.66 -7.41 13.21
N PHE A 230 10.08 -8.21 12.23
CA PHE A 230 11.48 -8.18 11.78
C PHE A 230 11.78 -6.87 11.07
N ASN A 231 12.81 -6.17 11.56
CA ASN A 231 13.34 -4.98 10.89
C ASN A 231 14.05 -5.44 9.62
N GLY A 232 14.55 -4.50 8.82
CA GLY A 232 15.30 -4.88 7.62
C GLY A 232 16.48 -5.77 7.96
N THR A 233 17.34 -5.28 8.84
CA THR A 233 18.58 -5.95 9.20
C THR A 233 18.64 -6.24 10.70
N GLY A 234 19.73 -6.85 11.15
CA GLY A 234 19.95 -7.20 12.55
C GLY A 234 19.72 -8.68 12.81
N PRO A 235 19.89 -9.11 14.07
CA PRO A 235 19.64 -10.51 14.43
C PRO A 235 18.16 -10.91 14.37
N CYS A 236 17.92 -12.16 13.96
CA CYS A 236 16.58 -12.74 13.93
C CYS A 236 16.59 -13.92 14.90
N LYS A 237 15.75 -13.86 15.94
CA LYS A 237 15.77 -14.87 17.01
C LYS A 237 15.21 -16.23 16.55
N ASN A 238 14.13 -16.19 15.78
CA ASN A 238 13.42 -17.38 15.32
C ASN A 238 13.77 -17.60 13.85
N VAL A 239 14.67 -18.56 13.59
CA VAL A 239 15.17 -18.84 12.23
C VAL A 239 14.82 -20.28 11.81
N SER A 240 14.62 -20.45 10.51
CA SER A 240 14.40 -21.74 9.90
C SER A 240 15.22 -21.82 8.61
N THR A 241 15.46 -23.03 8.13
CA THR A 241 16.13 -23.21 6.85
C THR A 241 15.21 -23.83 5.82
N VAL A 242 15.48 -23.50 4.56
CA VAL A 242 14.76 -24.05 3.42
C VAL A 242 15.73 -24.21 2.27
N GLN A 243 15.41 -25.12 1.37
CA GLN A 243 16.17 -25.27 0.12
C GLN A 243 15.73 -24.24 -0.90
N CYS A 244 14.42 -23.92 -0.90
CA CYS A 244 13.82 -22.97 -1.85
C CYS A 244 12.91 -21.97 -1.14
N THR A 245 12.80 -20.76 -1.67
CA THR A 245 11.99 -19.68 -1.08
C THR A 245 10.49 -19.92 -1.32
N HIS A 246 9.65 -19.05 -0.75
CA HIS A 246 8.22 -19.05 -1.08
C HIS A 246 7.98 -18.52 -2.49
N GLY A 247 6.75 -18.64 -2.97
CA GLY A 247 6.37 -18.18 -4.30
C GLY A 247 6.36 -16.67 -4.42
N ILE A 248 7.46 -16.11 -4.92
CA ILE A 248 7.58 -14.66 -5.14
C ILE A 248 7.08 -14.34 -6.56
N LYS A 249 6.18 -13.37 -6.67
CA LYS A 249 5.71 -12.90 -7.98
C LYS A 249 6.55 -11.69 -8.39
N PRO A 250 7.23 -11.76 -9.55
CA PRO A 250 8.04 -10.61 -9.97
C PRO A 250 7.18 -9.47 -10.55
N VAL A 251 6.56 -8.71 -9.65
CA VAL A 251 5.66 -7.61 -10.03
C VAL A 251 6.46 -6.34 -10.24
N VAL A 252 6.55 -5.90 -11.51
CA VAL A 252 7.26 -4.68 -11.86
C VAL A 252 6.31 -3.52 -11.53
N SER A 253 6.78 -2.60 -10.67
CA SER A 253 5.92 -1.60 -10.03
C SER A 253 6.74 -0.41 -9.53
N THR A 254 6.07 0.75 -9.41
CA THR A 254 6.70 2.00 -8.97
C THR A 254 5.89 2.60 -7.83
N GLN A 255 6.54 3.40 -6.99
CA GLN A 255 5.88 4.11 -5.89
C GLN A 255 5.19 3.14 -4.92
N LEU A 256 3.95 2.76 -5.21
CA LEU A 256 3.24 1.77 -4.39
C LEU A 256 3.44 0.35 -4.95
N LEU A 257 3.60 -0.62 -4.05
CA LEU A 257 3.89 -2.01 -4.40
C LEU A 257 2.59 -2.79 -4.51
N LEU A 258 2.56 -3.75 -5.44
CA LEU A 258 1.36 -4.52 -5.77
C LEU A 258 1.58 -6.02 -5.56
N ASN A 259 0.56 -6.70 -5.02
CA ASN A 259 0.52 -8.16 -4.86
C ASN A 259 1.70 -8.79 -4.09
N GLY A 260 2.30 -8.03 -3.17
CA GLY A 260 3.35 -8.57 -2.31
C GLY A 260 2.78 -9.45 -1.22
N SER A 261 3.59 -9.66 -0.18
CA SER A 261 3.13 -10.30 1.05
C SER A 261 3.00 -9.20 2.10
N LEU A 262 2.04 -9.35 2.99
CA LEU A 262 1.73 -8.35 4.01
C LEU A 262 2.49 -8.66 5.29
N ALA A 263 2.99 -7.62 5.96
CA ALA A 263 3.73 -7.80 7.20
C ALA A 263 2.75 -8.11 8.32
N GLU A 264 3.03 -9.17 9.09
CA GLU A 264 2.13 -9.63 10.15
C GLU A 264 2.09 -8.63 11.32
N GLU A 265 0.94 -8.56 11.98
CA GLU A 265 0.70 -7.66 13.12
C GLU A 265 0.87 -6.17 12.78
N GLU A 266 1.99 -5.55 13.16
CA GLU A 266 2.21 -4.13 12.93
C GLU A 266 2.94 -3.91 11.61
N ILE A 267 2.67 -2.78 10.96
CA ILE A 267 3.34 -2.43 9.70
C ILE A 267 4.82 -2.13 9.95
N ILE A 268 5.67 -2.61 9.05
CA ILE A 268 7.12 -2.53 9.20
C ILE A 268 7.66 -1.49 8.22
N ILE A 269 8.55 -0.64 8.73
CA ILE A 269 9.23 0.36 7.94
C ILE A 269 10.68 -0.08 7.79
N ARG A 270 11.09 -0.38 6.56
CA ARG A 270 12.45 -0.85 6.28
C ARG A 270 13.24 0.20 5.52
N SER A 271 14.50 0.37 5.90
CA SER A 271 15.43 1.25 5.21
C SER A 271 16.86 0.80 5.46
N GLU A 272 17.74 1.05 4.49
CA GLU A 272 19.17 0.77 4.66
C GLU A 272 19.79 1.67 5.71
N ASN A 273 19.36 2.93 5.71
CA ASN A 273 19.83 3.92 6.68
C ASN A 273 18.76 4.99 6.79
N ILE A 274 18.13 5.09 7.95
CA ILE A 274 16.99 5.99 8.15
C ILE A 274 17.42 7.47 8.11
N THR A 275 18.60 7.77 8.64
CA THR A 275 19.12 9.15 8.64
C THR A 275 19.62 9.63 7.27
N ASN A 276 19.86 8.72 6.33
CA ASN A 276 20.33 9.07 4.97
C ASN A 276 19.14 9.21 4.00
N ASN A 277 18.91 10.44 3.53
CA ASN A 277 17.80 10.74 2.60
C ASN A 277 17.95 10.11 1.20
N ALA A 278 19.17 9.80 0.79
CA ALA A 278 19.45 9.21 -0.52
C ALA A 278 18.93 7.77 -0.69
N LYS A 279 18.94 6.99 0.39
CA LYS A 279 18.41 5.63 0.36
C LYS A 279 16.90 5.64 0.58
N THR A 280 16.20 4.80 -0.19
CA THR A 280 14.73 4.78 -0.20
C THR A 280 14.19 4.07 1.04
N ILE A 281 12.87 4.11 1.21
CA ILE A 281 12.21 3.57 2.39
C ILE A 281 11.13 2.58 1.93
N ILE A 282 11.36 1.30 2.19
CA ILE A 282 10.34 0.27 1.95
C ILE A 282 9.33 0.34 3.09
N VAL A 283 8.06 0.29 2.73
CA VAL A 283 6.96 0.15 3.67
C VAL A 283 6.30 -1.18 3.32
N GLN A 284 5.82 -1.88 4.34
CA GLN A 284 5.03 -3.09 4.12
C GLN A 284 3.79 -3.00 5.02
N LEU A 285 2.61 -3.00 4.38
CA LEU A 285 1.35 -2.91 5.11
C LEU A 285 1.00 -4.24 5.77
N ASN A 286 0.04 -4.17 6.69
CA ASN A 286 -0.54 -5.34 7.36
C ASN A 286 -1.96 -5.62 6.86
N GLU A 287 -2.70 -4.55 6.57
CA GLU A 287 -4.03 -4.63 5.95
C GLU A 287 -3.89 -4.13 4.50
N SER A 288 -4.30 -4.97 3.54
CA SER A 288 -4.19 -4.65 2.12
C SER A 288 -5.25 -3.63 1.68
N VAL A 289 -4.80 -2.59 0.97
CA VAL A 289 -5.69 -1.69 0.23
C VAL A 289 -5.78 -2.27 -1.18
N GLU A 290 -6.97 -2.23 -1.77
CA GLU A 290 -7.18 -2.79 -3.11
C GLU A 290 -7.36 -1.69 -4.16
N ILE A 291 -6.81 -1.94 -5.35
CA ILE A 291 -6.75 -0.95 -6.44
C ILE A 291 -7.37 -1.54 -7.70
N ASN A 292 -8.17 -0.73 -8.37
CA ASN A 292 -8.96 -1.14 -9.53
C ASN A 292 -8.55 -0.29 -10.73
N CYS A 293 -7.85 -0.91 -11.67
CA CYS A 293 -7.31 -0.21 -12.84
C CYS A 293 -7.93 -0.73 -14.13
N THR A 294 -8.44 0.21 -14.95
CA THR A 294 -9.13 -0.12 -16.20
C THR A 294 -8.71 0.82 -17.32
N ARG A 295 -8.67 0.28 -18.54
CA ARG A 295 -8.62 1.08 -19.76
C ARG A 295 -9.98 0.87 -20.44
N PRO A 296 -10.92 1.83 -20.28
CA PRO A 296 -12.28 1.62 -20.83
C PRO A 296 -12.34 1.51 -22.37
N ASN A 297 -11.37 2.09 -23.07
CA ASN A 297 -11.33 2.08 -24.53
C ASN A 297 -11.31 0.65 -25.07
N ASN A 298 -12.22 0.39 -25.99
CA ASN A 298 -12.39 -0.90 -26.64
C ASN A 298 -11.51 -0.86 -27.90
N ASN A 299 -10.20 -0.99 -27.70
CA ASN A 299 -9.24 -0.88 -28.80
C ASN A 299 -9.37 -2.04 -29.79
N THR A 300 -8.77 -1.86 -30.97
CA THR A 300 -8.68 -2.89 -32.00
C THR A 300 -7.24 -3.10 -32.46
N ARG A 301 -6.90 -4.36 -32.76
CA ARG A 301 -5.58 -4.74 -33.25
C ARG A 301 -5.63 -4.78 -34.77
N LYS A 302 -4.64 -4.14 -35.42
CA LYS A 302 -4.54 -4.12 -36.88
C LYS A 302 -3.22 -4.75 -37.32
N SER A 303 -3.27 -6.00 -37.78
CA SER A 303 -2.08 -6.72 -38.24
C SER A 303 -1.66 -6.24 -39.62
N ILE A 304 -0.65 -5.37 -39.66
CA ILE A 304 -0.09 -4.88 -40.92
C ILE A 304 1.30 -5.48 -41.11
N ARG A 305 1.54 -6.03 -42.30
CA ARG A 305 2.73 -6.82 -42.60
C ARG A 305 3.78 -5.87 -43.15
N ILE A 306 4.94 -5.80 -42.51
CA ILE A 306 5.90 -4.70 -42.69
C ILE A 306 7.21 -5.09 -43.40
N GLY A 309 6.48 -7.38 -44.55
CA GLY A 309 7.79 -8.00 -44.51
C GLY A 309 7.64 -9.50 -44.63
N PRO A 310 8.72 -10.20 -45.02
CA PRO A 310 8.62 -11.65 -45.15
C PRO A 310 8.44 -12.31 -43.78
N GLY A 311 7.18 -12.54 -43.41
CA GLY A 311 6.82 -13.08 -42.09
C GLY A 311 6.73 -12.08 -40.94
N GLN A 312 7.09 -10.82 -41.19
CA GLN A 312 7.14 -9.77 -40.16
C GLN A 312 5.76 -9.10 -40.04
N TRP A 313 5.10 -9.29 -38.90
CA TRP A 313 3.75 -8.76 -38.64
C TRP A 313 3.77 -7.73 -37.51
N PHE A 314 3.72 -6.44 -37.87
CA PHE A 314 3.56 -5.37 -36.88
C PHE A 314 2.09 -5.26 -36.47
N TYR A 315 1.86 -5.18 -35.15
CA TYR A 315 0.51 -5.07 -34.59
C TYR A 315 0.23 -3.63 -34.16
N ALA A 316 -0.48 -2.90 -35.02
CA ALA A 316 -0.88 -1.52 -34.75
C ALA A 316 -2.20 -1.49 -33.98
N THR A 317 -2.49 -0.31 -33.44
CA THR A 317 -3.81 0.00 -32.90
C THR A 317 -4.70 0.45 -34.06
N GLY A 318 -5.77 -0.29 -34.31
CA GLY A 318 -6.84 0.17 -35.20
C GLY A 318 -7.65 1.28 -34.53
N ASP A 319 -8.72 1.73 -35.20
CA ASP A 319 -9.57 2.77 -34.63
C ASP A 319 -10.40 2.25 -33.43
N ILE A 320 -10.60 3.11 -32.44
CA ILE A 320 -11.29 2.77 -31.19
C ILE A 320 -12.79 2.70 -31.43
N ILE A 321 -13.43 1.70 -30.82
CA ILE A 321 -14.86 1.44 -30.97
C ILE A 321 -15.61 2.00 -29.77
N GLY A 322 -16.49 2.97 -30.02
CA GLY A 322 -17.29 3.59 -28.96
C GLY A 322 -16.61 4.81 -28.39
N ASP A 323 -16.70 4.95 -27.07
CA ASP A 323 -16.37 6.21 -26.39
C ASP A 323 -14.87 6.38 -26.21
N ILE A 324 -14.45 7.64 -26.06
CA ILE A 324 -13.06 7.95 -25.73
C ILE A 324 -13.00 8.30 -24.24
N ARG A 325 -12.61 7.30 -23.44
CA ARG A 325 -12.42 7.47 -22.01
C ARG A 325 -10.99 7.09 -21.67
N GLN A 326 -10.29 7.97 -20.97
CA GLN A 326 -8.91 7.69 -20.58
C GLN A 326 -8.86 6.76 -19.36
N ALA A 327 -7.78 5.99 -19.26
CA ALA A 327 -7.61 4.99 -18.21
C ALA A 327 -7.47 5.62 -16.84
N HIS A 328 -7.81 4.86 -15.81
CA HIS A 328 -7.82 5.36 -14.45
C HIS A 328 -7.68 4.23 -13.43
N CYS A 329 -7.36 4.59 -12.19
CA CYS A 329 -7.35 3.65 -11.08
C CYS A 329 -8.08 4.23 -9.87
N ASN A 330 -8.91 3.40 -9.24
CA ASN A 330 -9.63 3.76 -8.01
C ASN A 330 -9.06 3.06 -6.79
N ILE A 331 -8.88 3.81 -5.71
CA ILE A 331 -8.67 3.23 -4.37
C ILE A 331 -9.58 3.91 -3.36
N SER A 332 -10.02 3.16 -2.34
CA SER A 332 -10.99 3.63 -1.36
C SER A 332 -10.41 4.73 -0.47
N ARG A 333 -11.08 5.89 -0.42
CA ARG A 333 -10.64 7.07 0.34
C ARG A 333 -10.57 6.78 1.83
N THR A 334 -11.53 6.02 2.34
CA THR A 334 -11.56 5.60 3.74
C THR A 334 -10.39 4.69 4.09
N LYS A 335 -10.16 3.67 3.27
CA LYS A 335 -9.08 2.70 3.52
C LYS A 335 -7.68 3.29 3.33
N TRP A 336 -7.52 4.14 2.31
CA TRP A 336 -6.23 4.80 2.06
C TRP A 336 -5.86 5.77 3.18
N ASN A 337 -6.82 6.60 3.59
CA ASN A 337 -6.58 7.60 4.64
C ASN A 337 -6.28 6.94 5.99
N LYS A 338 -6.91 5.79 6.26
CA LYS A 338 -6.58 4.95 7.43
C LYS A 338 -5.17 4.34 7.29
N THR A 339 -4.84 3.87 6.09
CA THR A 339 -3.53 3.29 5.80
C THR A 339 -2.43 4.34 5.95
N LEU A 340 -2.60 5.48 5.30
CA LEU A 340 -1.64 6.59 5.39
C LEU A 340 -1.52 7.13 6.83
N GLN A 341 -2.61 7.10 7.59
CA GLN A 341 -2.61 7.44 9.02
C GLN A 341 -1.64 6.55 9.81
N GLN A 342 -1.88 5.24 9.75
CA GLN A 342 -1.06 4.26 10.47
C GLN A 342 0.41 4.30 10.07
N VAL A 343 0.69 4.62 8.81
CA VAL A 343 2.06 4.81 8.29
C VAL A 343 2.77 5.96 9.03
N ALA A 344 2.11 7.11 9.11
CA ALA A 344 2.65 8.27 9.83
C ALA A 344 2.97 7.97 11.30
N LYS A 345 2.18 7.09 11.93
CA LYS A 345 2.40 6.70 13.34
C LYS A 345 3.71 5.93 13.52
N LYS A 346 3.92 4.93 12.66
CA LYS A 346 5.15 4.12 12.69
C LYS A 346 6.34 4.85 12.06
N LEU A 347 6.09 5.89 11.25
CA LEU A 347 7.14 6.81 10.79
C LEU A 347 7.69 7.67 11.93
N ARG A 348 6.81 8.12 12.81
CA ARG A 348 7.20 8.90 13.99
C ARG A 348 7.98 8.09 15.05
N GLU A 349 8.02 6.76 14.94
CA GLU A 349 8.90 5.95 15.79
C GLU A 349 10.39 6.19 15.51
N HIS A 350 10.72 6.66 14.30
CA HIS A 350 12.11 6.91 13.91
C HIS A 350 12.50 8.36 14.06
N PHE A 351 11.82 9.22 13.31
CA PHE A 351 12.15 10.63 13.23
C PHE A 351 11.50 11.38 14.39
N ASN A 352 10.25 11.03 14.66
CA ASN A 352 9.50 11.49 15.83
C ASN A 352 9.34 13.00 15.86
N LYS A 355 6.59 15.20 15.77
CA LYS A 355 7.08 16.05 14.70
C LYS A 355 6.21 15.91 13.46
N THR A 356 6.15 16.99 12.68
CA THR A 356 5.30 17.06 11.50
C THR A 356 5.82 16.16 10.36
N ILE A 357 4.92 15.29 9.87
CA ILE A 357 5.20 14.33 8.79
C ILE A 357 4.26 14.60 7.62
N ILE A 358 4.80 15.11 6.51
CA ILE A 358 4.01 15.56 5.36
C ILE A 358 4.26 14.64 4.14
N PHE A 359 3.27 14.55 3.26
CA PHE A 359 3.35 13.81 2.01
C PHE A 359 3.12 14.73 0.81
N ASN A 360 4.00 14.61 -0.18
CA ASN A 360 3.95 15.42 -1.41
C ASN A 360 4.16 14.49 -2.62
N PRO A 361 3.75 14.93 -3.84
CA PRO A 361 3.97 14.11 -5.03
C PRO A 361 5.44 14.08 -5.50
N SER A 362 5.72 13.27 -6.52
CA SER A 362 7.07 13.12 -7.04
C SER A 362 7.47 14.35 -7.86
N SER A 363 8.60 14.97 -7.50
CA SER A 363 9.11 16.16 -8.18
C SER A 363 10.37 15.92 -9.03
N GLY A 364 10.93 14.71 -8.98
CA GLY A 364 12.16 14.36 -9.72
C GLY A 364 12.03 13.09 -10.53
N GLY A 365 12.86 12.97 -11.56
CA GLY A 365 12.93 11.77 -12.40
C GLY A 365 12.11 11.84 -13.69
N ASP A 366 12.17 10.76 -14.46
CA ASP A 366 11.47 10.65 -15.74
C ASP A 366 9.97 10.40 -15.53
N LEU A 367 9.25 10.26 -16.64
CA LEU A 367 7.82 9.93 -16.61
C LEU A 367 7.51 8.56 -16.00
N GLU A 368 8.50 7.66 -16.01
CA GLU A 368 8.34 6.29 -15.52
C GLU A 368 8.61 6.16 -14.01
N ILE A 369 9.39 7.09 -13.45
CA ILE A 369 9.65 7.18 -12.01
C ILE A 369 8.54 7.95 -11.29
N THR A 370 8.16 9.09 -11.87
CA THR A 370 7.22 10.05 -11.26
C THR A 370 5.79 9.52 -11.07
N THR A 371 5.30 8.76 -12.06
CA THR A 371 3.99 8.12 -11.99
C THR A 371 4.09 6.71 -11.45
N HIS A 372 2.97 6.20 -10.93
CA HIS A 372 2.88 4.81 -10.52
C HIS A 372 2.73 3.93 -11.76
N SER A 373 3.87 3.55 -12.34
CA SER A 373 3.87 2.66 -13.49
C SER A 373 3.77 1.19 -13.09
N PHE A 374 3.06 0.42 -13.91
CA PHE A 374 2.91 -1.02 -13.75
C PHE A 374 2.28 -1.57 -15.02
N ASN A 375 2.12 -2.89 -15.10
CA ASN A 375 1.46 -3.55 -16.21
C ASN A 375 0.09 -4.05 -15.76
N CYS A 376 -0.90 -3.93 -16.63
CA CYS A 376 -2.22 -4.48 -16.38
C CYS A 376 -2.81 -5.04 -17.67
N GLY A 377 -2.96 -6.37 -17.71
CA GLY A 377 -3.50 -7.06 -18.88
C GLY A 377 -2.73 -6.86 -20.18
N GLY A 378 -1.46 -6.51 -20.11
CA GLY A 378 -0.63 -6.26 -21.29
C GLY A 378 -0.22 -4.82 -21.52
N GLU A 379 -1.14 -3.88 -21.28
CA GLU A 379 -0.84 -2.45 -21.46
C GLU A 379 -0.13 -1.89 -20.24
N PHE A 380 0.71 -0.88 -20.47
CA PHE A 380 1.53 -0.26 -19.43
C PHE A 380 0.94 1.07 -19.02
N PHE A 381 0.49 1.14 -17.76
CA PHE A 381 -0.22 2.29 -17.22
C PHE A 381 0.80 3.18 -16.54
N TYR A 382 0.48 4.46 -16.44
CA TYR A 382 1.34 5.47 -15.80
C TYR A 382 0.47 6.46 -15.06
N CYS A 383 0.22 6.15 -13.78
CA CYS A 383 -0.85 6.79 -13.01
C CYS A 383 -0.37 7.96 -12.15
N ASN A 384 -1.12 9.06 -12.21
CA ASN A 384 -0.80 10.30 -11.51
C ASN A 384 -1.28 10.18 -10.06
N THR A 385 -0.33 9.94 -9.15
CA THR A 385 -0.60 9.70 -7.73
C THR A 385 -0.53 10.97 -6.86
N SER A 386 -0.63 12.15 -7.48
CA SER A 386 -0.66 13.42 -6.74
C SER A 386 -1.88 13.55 -5.82
N GLU A 387 -2.97 12.85 -6.14
CA GLU A 387 -4.14 12.75 -5.27
C GLU A 387 -3.81 12.09 -3.92
N LEU A 388 -3.00 11.03 -3.96
CA LEU A 388 -2.72 10.19 -2.79
C LEU A 388 -1.74 10.81 -1.80
N PHE A 389 -0.68 11.45 -2.32
CA PHE A 389 0.38 12.04 -1.50
C PHE A 389 0.23 13.56 -1.48
N ASN A 390 -0.79 14.01 -0.75
CA ASN A 390 -1.10 15.44 -0.59
C ASN A 390 -1.79 15.65 0.77
N SER A 391 -1.10 15.24 1.84
CA SER A 391 -1.64 15.28 3.20
C SER A 391 -0.81 16.24 4.07
N ASN A 397 -18.83 5.43 -1.88
CA ASN A 397 -17.65 5.38 -1.04
C ASN A 397 -16.62 6.48 -1.37
N ASN A 398 -17.04 7.48 -2.14
CA ASN A 398 -16.17 8.57 -2.66
C ASN A 398 -14.72 8.17 -2.96
N THR A 399 -14.58 7.11 -3.76
CA THR A 399 -13.27 6.52 -4.09
C THR A 399 -12.37 7.51 -4.86
N ILE A 400 -11.13 7.68 -4.40
CA ILE A 400 -10.18 8.62 -5.04
C ILE A 400 -9.79 8.02 -6.38
N THR A 401 -9.98 8.78 -7.45
CA THR A 401 -9.64 8.32 -8.80
C THR A 401 -8.35 8.99 -9.27
N LEU A 402 -7.47 8.20 -9.89
CA LEU A 402 -6.18 8.68 -10.40
C LEU A 402 -6.21 8.72 -11.93
N PRO A 403 -5.73 9.83 -12.53
CA PRO A 403 -5.58 9.86 -13.99
C PRO A 403 -4.40 9.00 -14.47
N CYS A 404 -4.69 7.98 -15.29
CA CYS A 404 -3.65 7.07 -15.80
C CYS A 404 -3.50 7.20 -17.31
N ARG A 405 -2.27 7.49 -17.74
CA ARG A 405 -1.92 7.58 -19.14
C ARG A 405 -1.30 6.25 -19.56
N ILE A 406 -1.33 5.94 -20.86
CA ILE A 406 -0.76 4.69 -21.37
C ILE A 406 0.36 4.96 -22.38
N LYS A 407 1.38 4.10 -22.33
CA LYS A 407 2.52 4.13 -23.24
C LYS A 407 2.72 2.71 -23.78
N GLN A 408 3.00 2.62 -25.08
CA GLN A 408 3.31 1.35 -25.75
C GLN A 408 4.83 1.16 -25.97
N ILE A 409 5.57 2.24 -26.16
CA ILE A 409 7.03 2.19 -26.28
C ILE A 409 7.66 2.39 -24.89
N ILE A 410 8.43 1.41 -24.41
CA ILE A 410 8.95 1.45 -23.03
C ILE A 410 10.38 0.91 -22.90
N ASN A 411 11.14 1.55 -22.01
CA ASN A 411 12.49 1.13 -21.66
C ASN A 411 12.57 0.95 -20.12
N MET A 412 12.25 -0.25 -19.64
CA MET A 412 12.22 -0.52 -18.19
C MET A 412 13.58 -0.97 -17.65
N TRP A 413 13.77 -0.79 -16.34
CA TRP A 413 15.08 -0.91 -15.64
C TRP A 413 16.11 0.12 -16.11
N GLN A 414 15.63 1.31 -16.50
CA GLN A 414 16.46 2.38 -17.05
C GLN A 414 17.30 1.93 -18.25
N ARG A 415 16.75 1.00 -19.03
CA ARG A 415 17.49 0.38 -20.12
C ARG A 415 17.66 1.37 -21.26
N VAL A 416 18.91 1.57 -21.67
CA VAL A 416 19.24 2.47 -22.78
C VAL A 416 19.74 1.61 -23.93
N GLY A 417 19.17 1.82 -25.11
CA GLY A 417 19.27 0.89 -26.22
C GLY A 417 17.91 0.26 -26.45
N GLN A 418 17.83 -1.06 -26.44
CA GLN A 418 16.64 -1.79 -26.89
C GLN A 418 15.32 -1.34 -26.21
N ALA A 419 14.44 -0.72 -27.00
CA ALA A 419 13.11 -0.30 -26.57
C ALA A 419 12.08 -1.37 -26.95
N MET A 420 11.02 -1.49 -26.14
CA MET A 420 9.99 -2.50 -26.37
C MET A 420 8.66 -1.86 -26.76
N TYR A 421 8.03 -2.37 -27.83
CA TYR A 421 6.67 -1.99 -28.21
C TYR A 421 5.66 -3.00 -27.64
N ALA A 422 4.91 -2.57 -26.63
CA ALA A 422 3.84 -3.36 -26.04
C ALA A 422 2.67 -3.45 -27.01
N PRO A 423 2.41 -4.64 -27.57
CA PRO A 423 1.36 -4.72 -28.59
C PRO A 423 0.00 -4.34 -28.00
N PRO A 424 -0.87 -3.70 -28.81
CA PRO A 424 -2.16 -3.28 -28.27
C PRO A 424 -3.04 -4.46 -27.92
N ILE A 425 -3.83 -4.30 -26.87
CA ILE A 425 -4.66 -5.38 -26.34
C ILE A 425 -6.09 -5.14 -26.77
N GLU A 426 -6.71 -6.17 -27.35
CA GLU A 426 -8.07 -6.08 -27.87
C GLU A 426 -9.09 -5.99 -26.73
N GLY A 427 -10.11 -5.16 -26.91
CA GLY A 427 -11.21 -5.04 -25.96
C GLY A 427 -10.92 -4.09 -24.81
N LYS A 428 -11.85 -4.05 -23.87
CA LYS A 428 -11.70 -3.27 -22.63
C LYS A 428 -10.77 -4.02 -21.68
N ILE A 429 -9.87 -3.28 -21.01
CA ILE A 429 -8.99 -3.84 -19.99
C ILE A 429 -9.54 -3.52 -18.60
N ARG A 430 -9.41 -4.48 -17.69
CA ARG A 430 -9.77 -4.29 -16.29
C ARG A 430 -9.01 -5.31 -15.44
N CYS A 431 -8.30 -4.81 -14.43
CA CYS A 431 -7.62 -5.63 -13.45
C CYS A 431 -7.86 -5.08 -12.05
N THR A 432 -7.77 -5.95 -11.05
CA THR A 432 -7.96 -5.59 -9.65
C THR A 432 -6.78 -6.14 -8.85
N SER A 433 -6.00 -5.24 -8.22
CA SER A 433 -4.78 -5.61 -7.48
C SER A 433 -4.85 -5.27 -6.00
N ASN A 434 -4.04 -5.99 -5.21
CA ASN A 434 -3.82 -5.68 -3.79
C ASN A 434 -2.57 -4.82 -3.67
N ILE A 435 -2.72 -3.63 -3.08
CA ILE A 435 -1.58 -2.75 -2.77
C ILE A 435 -1.04 -3.12 -1.40
N THR A 436 0.14 -3.75 -1.38
CA THR A 436 0.73 -4.30 -0.17
C THR A 436 1.82 -3.45 0.48
N GLY A 437 2.51 -2.62 -0.30
CA GLY A 437 3.61 -1.81 0.22
C GLY A 437 3.76 -0.48 -0.46
N LEU A 438 4.78 0.28 -0.05
CA LEU A 438 5.13 1.58 -0.64
C LEU A 438 6.62 1.74 -0.78
N LEU A 439 7.01 2.65 -1.68
CA LEU A 439 8.39 3.07 -1.85
C LEU A 439 8.44 4.58 -1.70
N LEU A 440 9.03 5.04 -0.60
CA LEU A 440 9.07 6.47 -0.27
C LEU A 440 10.50 6.98 -0.39
N THR A 441 10.67 8.30 -0.24
CA THR A 441 11.98 8.94 -0.28
C THR A 441 11.91 10.29 0.47
N ARG A 442 12.99 10.62 1.19
CA ARG A 442 13.11 11.93 1.86
C ARG A 442 13.65 13.00 0.91
N ASP A 443 13.24 14.24 1.16
CA ASP A 443 13.80 15.39 0.45
C ASP A 443 15.20 15.73 0.97
N GLY A 444 15.41 15.55 2.28
CA GLY A 444 16.70 15.80 2.92
C GLY A 444 16.80 17.20 3.48
N ASN A 446 16.70 21.07 9.60
CA ASN A 446 15.95 19.81 9.56
C ASN A 446 15.70 19.25 10.97
N ASN A 447 14.86 18.21 11.04
CA ASN A 447 14.17 17.79 12.28
C ASN A 447 13.24 18.92 12.79
N ASN A 448 12.59 19.58 11.83
CA ASN A 448 11.54 20.58 12.11
C ASN A 448 10.24 20.11 11.44
N THR A 449 10.28 19.86 10.12
CA THR A 449 9.21 19.20 9.39
C THR A 449 9.84 18.18 8.44
N GLU A 450 9.23 17.00 8.33
CA GLU A 450 9.70 15.97 7.39
C GLU A 450 8.68 15.72 6.29
N THR A 451 9.20 15.60 5.06
CA THR A 451 8.38 15.47 3.86
C THR A 451 8.77 14.19 3.14
N PHE A 452 7.78 13.32 2.89
CA PHE A 452 8.01 12.05 2.21
C PHE A 452 7.33 12.02 0.85
N ARG A 453 8.14 11.96 -0.21
CA ARG A 453 7.67 11.83 -1.57
C ARG A 453 7.86 10.38 -2.04
N PRO A 454 6.96 9.88 -2.91
CA PRO A 454 7.13 8.53 -3.45
C PRO A 454 8.25 8.49 -4.49
N GLY A 455 8.94 7.35 -4.59
CA GLY A 455 10.03 7.19 -5.53
C GLY A 455 10.20 5.74 -5.97
N GLY A 456 10.78 5.57 -7.14
CA GLY A 456 11.09 4.24 -7.68
C GLY A 456 12.45 4.30 -8.34
N GLY A 457 13.44 4.81 -7.60
CA GLY A 457 14.79 5.03 -8.10
C GLY A 457 15.53 3.77 -8.53
N ASP A 458 15.18 2.63 -7.93
CA ASP A 458 15.75 1.33 -8.29
C ASP A 458 14.69 0.24 -8.26
N MET A 459 14.71 -0.63 -9.26
CA MET A 459 13.78 -1.77 -9.35
C MET A 459 14.12 -2.86 -8.34
N ARG A 460 15.39 -2.92 -7.93
CA ARG A 460 15.87 -3.87 -6.91
C ARG A 460 15.07 -3.81 -5.61
N ASP A 461 14.58 -2.62 -5.26
CA ASP A 461 13.70 -2.41 -4.11
C ASP A 461 12.49 -3.35 -4.08
N ASN A 462 11.92 -3.64 -5.25
CA ASN A 462 10.78 -4.55 -5.38
C ASN A 462 11.14 -6.00 -5.06
N TRP A 463 12.35 -6.41 -5.44
CA TRP A 463 12.83 -7.75 -5.11
C TRP A 463 13.22 -7.81 -3.63
N ARG A 464 13.82 -6.73 -3.14
CA ARG A 464 14.12 -6.58 -1.71
C ARG A 464 12.90 -6.73 -0.83
N SER A 465 11.76 -6.16 -1.25
CA SER A 465 10.53 -6.20 -0.45
C SER A 465 9.98 -7.61 -0.19
N GLU A 466 10.37 -8.59 -1.00
CA GLU A 466 10.06 -10.01 -0.78
C GLU A 466 11.26 -10.90 -0.42
N LEU A 467 12.49 -10.43 -0.71
CA LEU A 467 13.74 -11.10 -0.30
C LEU A 467 14.38 -10.49 0.96
N TYR A 468 13.60 -9.77 1.77
CA TYR A 468 14.07 -9.26 3.06
C TYR A 468 14.36 -10.43 4.00
N LYS A 469 13.50 -11.44 3.98
CA LYS A 469 13.51 -12.52 4.97
C LYS A 469 14.45 -13.69 4.65
N TYR A 470 15.09 -13.67 3.49
CA TYR A 470 15.96 -14.77 3.06
C TYR A 470 17.45 -14.37 3.00
N LYS A 471 18.30 -15.39 3.09
CA LYS A 471 19.76 -15.23 3.13
C LYS A 471 20.46 -16.52 2.73
N VAL A 472 21.54 -16.40 1.96
CA VAL A 472 22.27 -17.54 1.41
C VAL A 472 23.52 -17.84 2.25
N VAL A 473 23.71 -19.12 2.57
CA VAL A 473 24.91 -19.60 3.31
C VAL A 473 25.43 -20.89 2.71
N LYS A 474 26.74 -21.11 2.85
CA LYS A 474 27.39 -22.36 2.45
C LYS A 474 27.69 -23.18 3.68
N ILE A 475 27.48 -24.49 3.57
CA ILE A 475 27.75 -25.41 4.67
C ILE A 475 29.25 -25.69 4.67
N GLU A 476 29.83 -25.80 5.86
CA GLU A 476 31.22 -26.19 6.04
C GLU A 476 31.25 -27.41 6.96
N PRO A 477 31.07 -28.61 6.39
CA PRO A 477 30.76 -29.82 7.13
C PRO A 477 31.93 -30.47 7.86
N LEU A 478 33.14 -29.94 7.70
CA LEU A 478 34.30 -30.45 8.42
C LEU A 478 34.50 -29.70 9.72
N GLY A 479 34.50 -30.46 10.81
CA GLY A 479 34.83 -29.96 12.13
C GLY A 479 35.87 -30.87 12.73
N VAL A 480 36.76 -30.28 13.53
CA VAL A 480 37.75 -31.04 14.27
C VAL A 480 37.63 -30.62 15.74
N ALA A 481 37.72 -31.61 16.63
CA ALA A 481 37.57 -31.39 18.06
C ALA A 481 38.30 -32.46 18.87
N PRO A 482 38.68 -32.15 20.11
CA PRO A 482 39.42 -33.11 20.93
C PRO A 482 38.53 -34.10 21.68
N THR A 483 38.87 -35.38 21.58
CA THR A 483 38.31 -36.43 22.43
C THR A 483 39.41 -37.39 22.86
N ARG A 484 39.18 -38.10 23.96
CA ARG A 484 40.09 -39.16 24.39
C ARG A 484 39.89 -40.40 23.51
N CYS A 485 40.42 -40.33 22.30
CA CYS A 485 40.35 -41.43 21.34
C CYS A 485 41.52 -41.34 20.38
N LYS A 486 42.33 -42.40 20.33
CA LYS A 486 43.43 -42.49 19.37
C LYS A 486 43.23 -43.69 18.44
N ARG A 487 43.73 -43.56 17.21
CA ARG A 487 43.69 -44.64 16.23
C ARG A 487 44.81 -45.65 16.51
N ARG A 488 44.58 -46.89 16.09
CA ARG A 488 45.57 -47.97 16.10
C ARG A 488 46.96 -47.55 15.56
N VAL A 489 47.99 -47.80 16.37
CA VAL A 489 49.38 -47.43 16.03
C VAL A 489 49.95 -48.30 14.90
N GLY B 10 15.73 -32.29 11.57
CA GLY B 10 16.14 -32.48 10.14
C GLY B 10 17.47 -31.83 9.81
N PHE B 11 17.67 -31.54 8.53
CA PHE B 11 18.87 -30.86 8.03
C PHE B 11 19.15 -29.55 8.77
N LEU B 12 20.35 -29.44 9.32
CA LEU B 12 20.77 -28.35 10.22
C LEU B 12 19.98 -28.25 11.53
N GLY B 13 19.25 -29.31 11.88
CA GLY B 13 18.38 -29.29 13.06
C GLY B 13 19.17 -29.02 14.33
N ALA B 14 20.34 -29.64 14.43
CA ALA B 14 21.19 -29.55 15.62
C ALA B 14 22.28 -28.48 15.54
N ALA B 15 22.14 -27.49 14.64
CA ALA B 15 23.14 -26.42 14.53
C ALA B 15 23.23 -25.58 15.80
N GLY B 16 22.07 -25.23 16.35
CA GLY B 16 21.97 -24.52 17.62
C GLY B 16 21.92 -25.39 18.86
N SER B 17 22.19 -26.69 18.71
CA SER B 17 22.33 -27.61 19.84
C SER B 17 23.80 -27.75 20.22
N THR B 18 24.03 -28.39 21.36
CA THR B 18 25.38 -28.64 21.86
C THR B 18 26.10 -29.60 20.92
N MET B 19 27.41 -29.45 20.83
CA MET B 19 28.21 -30.23 19.88
C MET B 19 28.01 -31.73 20.05
N GLY B 20 27.85 -32.16 21.30
CA GLY B 20 27.58 -33.55 21.62
C GLY B 20 26.30 -34.03 20.97
N ALA B 21 25.23 -33.27 21.16
CA ALA B 21 23.95 -33.56 20.51
C ALA B 21 24.11 -33.52 19.00
N ALA B 22 24.79 -32.48 18.52
CA ALA B 22 24.98 -32.26 17.09
C ALA B 22 25.78 -33.35 16.39
N SER B 23 26.77 -33.91 17.08
CA SER B 23 27.58 -34.99 16.54
C SER B 23 26.82 -36.32 16.33
N MET B 24 25.57 -36.39 16.80
CA MET B 24 24.73 -37.55 16.55
C MET B 24 23.94 -37.40 15.25
N THR B 25 23.79 -36.16 14.75
CA THR B 25 23.05 -35.88 13.52
C THR B 25 23.96 -35.65 12.30
N LEU B 26 25.08 -36.37 12.24
CA LEU B 26 26.07 -36.12 11.18
C LEU B 26 25.62 -36.63 9.81
N THR B 27 25.02 -37.82 9.77
CA THR B 27 24.44 -38.36 8.52
C THR B 27 23.45 -37.38 7.86
N VAL B 28 22.68 -36.68 8.70
CA VAL B 28 21.58 -35.84 8.22
C VAL B 28 22.12 -34.71 7.33
N GLN B 29 23.18 -34.06 7.77
CA GLN B 29 23.83 -33.00 6.98
C GLN B 29 24.67 -33.56 5.82
N ALA B 30 25.19 -34.78 5.97
CA ALA B 30 25.97 -35.46 4.93
C ALA B 30 25.14 -35.92 3.73
N ARG B 31 23.94 -36.43 3.99
CA ARG B 31 23.01 -36.85 2.94
C ARG B 31 22.70 -35.70 1.98
N ASN B 32 22.19 -34.62 2.54
CA ASN B 32 21.72 -33.46 1.77
C ASN B 32 22.86 -32.55 1.29
N LEU B 33 24.10 -32.99 1.50
CA LEU B 33 25.29 -32.26 1.12
C LEU B 33 25.53 -32.41 -0.38
N LEU B 34 25.37 -33.63 -0.89
CA LEU B 34 25.57 -33.93 -2.31
C LEU B 34 24.25 -34.00 -3.06
N SER B 35 23.37 -34.89 -2.60
CA SER B 35 22.13 -35.21 -3.32
C SER B 35 21.37 -33.96 -3.76
N GLY B 36 21.13 -33.74 -5.05
CA GLY B 36 21.53 -34.62 -6.17
C GLY B 36 20.36 -34.85 -7.11
N ILE B 37 20.47 -35.89 -7.94
CA ILE B 37 19.38 -36.27 -8.87
C ILE B 37 18.16 -36.89 -8.17
N VAL B 38 18.32 -37.30 -6.91
CA VAL B 38 17.21 -37.74 -6.07
C VAL B 38 16.23 -36.57 -5.83
N GLN B 39 16.76 -35.36 -5.61
CA GLN B 39 15.94 -34.16 -5.34
C GLN B 39 15.83 -33.15 -6.50
N GLN B 40 16.97 -32.80 -7.12
CA GLN B 40 17.02 -31.81 -8.21
C GLN B 40 17.47 -32.44 -9.53
N GLN B 41 16.56 -32.50 -10.50
CA GLN B 41 16.77 -33.21 -11.76
C GLN B 41 16.66 -32.27 -12.95
N LEU B 55 17.93 -23.11 -29.12
CA LEU B 55 18.99 -23.48 -28.18
C LEU B 55 18.45 -23.72 -26.77
N GLN B 56 19.23 -24.45 -25.97
CA GLN B 56 19.01 -24.59 -24.52
C GLN B 56 20.16 -23.91 -23.75
N LEU B 57 20.57 -22.73 -24.24
CA LEU B 57 21.66 -21.94 -23.64
C LEU B 57 21.08 -20.80 -22.81
N THR B 58 19.99 -21.08 -22.10
CA THR B 58 19.27 -20.08 -21.34
C THR B 58 20.13 -19.67 -20.14
N VAL B 59 19.87 -18.48 -19.62
CA VAL B 59 20.43 -18.04 -18.33
C VAL B 59 20.35 -19.15 -17.25
N TRP B 60 19.24 -19.89 -17.23
CA TRP B 60 19.04 -20.98 -16.27
C TRP B 60 19.88 -22.23 -16.59
N GLY B 61 19.99 -22.58 -17.87
CA GLY B 61 20.72 -23.79 -18.30
C GLY B 61 22.20 -23.81 -18.02
N ILE B 62 22.85 -22.65 -18.13
CA ILE B 62 24.29 -22.53 -17.92
C ILE B 62 24.57 -22.48 -16.42
N LYS B 63 23.79 -21.64 -15.72
CA LYS B 63 23.82 -21.53 -14.26
C LYS B 63 23.63 -22.89 -13.56
N GLN B 64 22.51 -23.55 -13.87
CA GLN B 64 22.16 -24.84 -13.28
C GLN B 64 23.32 -25.80 -13.43
N LEU B 65 23.79 -25.98 -14.67
CA LEU B 65 24.88 -26.91 -14.95
C LEU B 65 26.16 -26.53 -14.22
N GLN B 66 26.53 -25.25 -14.27
CA GLN B 66 27.71 -24.74 -13.55
C GLN B 66 27.61 -24.99 -12.04
N ALA B 67 26.40 -24.80 -11.50
CA ALA B 67 26.13 -25.05 -10.09
C ALA B 67 26.21 -26.55 -9.75
N ARG B 68 25.66 -27.40 -10.63
CA ARG B 68 25.72 -28.85 -10.43
C ARG B 68 27.16 -29.35 -10.37
N VAL B 69 28.01 -28.79 -11.22
CA VAL B 69 29.44 -29.11 -11.23
C VAL B 69 30.14 -28.59 -9.98
N LEU B 70 29.80 -27.39 -9.54
CA LEU B 70 30.34 -26.86 -8.28
C LEU B 70 30.01 -27.76 -7.08
N ALA B 71 28.80 -28.33 -7.09
CA ALA B 71 28.35 -29.20 -6.00
C ALA B 71 29.22 -30.43 -5.86
N VAL B 72 29.55 -31.09 -6.98
CA VAL B 72 30.39 -32.30 -6.96
C VAL B 72 31.83 -31.94 -6.60
N GLU B 73 32.30 -30.81 -7.12
CA GLU B 73 33.61 -30.28 -6.75
C GLU B 73 33.73 -30.06 -5.25
N ARG B 74 32.76 -29.37 -4.66
CA ARG B 74 32.71 -29.17 -3.20
C ARG B 74 32.65 -30.48 -2.44
N TYR B 75 31.86 -31.43 -2.93
CA TYR B 75 31.72 -32.74 -2.29
C TYR B 75 33.03 -33.52 -2.36
N LEU B 76 33.58 -33.64 -3.56
CA LEU B 76 34.83 -34.36 -3.76
C LEU B 76 36.02 -33.71 -3.07
N LYS B 77 35.97 -32.39 -2.89
CA LYS B 77 36.95 -31.66 -2.05
C LYS B 77 37.03 -32.25 -0.65
N ASP B 78 35.87 -32.39 -0.01
CA ASP B 78 35.81 -32.91 1.35
C ASP B 78 36.18 -34.39 1.38
N GLN B 79 35.66 -35.17 0.45
CA GLN B 79 35.98 -36.60 0.37
C GLN B 79 37.44 -36.85 -0.03
N GLN B 80 38.07 -35.88 -0.70
CA GLN B 80 39.51 -35.91 -0.94
C GLN B 80 40.25 -35.85 0.39
N LEU B 81 39.95 -34.84 1.20
CA LEU B 81 40.60 -34.65 2.50
C LEU B 81 40.43 -35.87 3.41
N LEU B 82 39.22 -36.40 3.49
CA LEU B 82 38.96 -37.63 4.25
C LEU B 82 39.76 -38.83 3.71
N GLY B 83 39.95 -38.87 2.39
CA GLY B 83 40.82 -39.88 1.75
C GLY B 83 42.26 -39.79 2.19
N ILE B 84 42.86 -38.61 2.04
CA ILE B 84 44.24 -38.36 2.51
C ILE B 84 44.42 -38.32 4.04
N TRP B 85 43.33 -38.17 4.79
CA TRP B 85 43.37 -38.29 6.25
C TRP B 85 43.08 -39.72 6.76
N GLY B 86 42.91 -40.67 5.84
CA GLY B 86 42.64 -42.07 6.18
C GLY B 86 41.34 -42.27 6.92
N CYS B 87 40.32 -41.48 6.57
CA CYS B 87 39.01 -41.51 7.22
C CYS B 87 37.86 -41.76 6.24
N SER B 88 38.20 -42.12 5.00
CA SER B 88 37.28 -42.09 3.85
C SER B 88 35.88 -42.63 4.14
N GLY B 89 35.82 -43.81 4.74
CA GLY B 89 34.53 -44.45 5.05
C GLY B 89 33.77 -43.78 6.18
N LYS B 90 34.50 -43.26 7.16
CA LYS B 90 33.89 -42.82 8.42
C LYS B 90 33.34 -41.40 8.35
N LEU B 91 32.39 -41.12 9.24
CA LEU B 91 31.89 -39.77 9.50
C LEU B 91 32.71 -39.19 10.65
N ILE B 92 32.85 -39.98 11.71
CA ILE B 92 33.75 -39.66 12.82
C ILE B 92 34.92 -40.63 12.75
N CYS B 93 36.14 -40.11 12.72
CA CYS B 93 37.36 -40.93 12.80
C CYS B 93 38.32 -40.33 13.82
N CYS B 94 39.08 -41.20 14.48
CA CYS B 94 40.08 -40.78 15.46
C CYS B 94 41.45 -40.70 14.83
N THR B 95 42.37 -39.98 15.48
CA THR B 95 43.67 -39.66 14.90
C THR B 95 44.82 -39.81 15.88
N ASN B 96 46.04 -39.74 15.35
CA ASN B 96 47.27 -39.77 16.14
C ASN B 96 47.81 -38.39 16.51
N VAL B 97 47.18 -37.33 16.00
CA VAL B 97 47.58 -35.96 16.31
C VAL B 97 47.09 -35.57 17.72
N PRO B 98 48.01 -35.14 18.61
CA PRO B 98 47.61 -34.72 19.95
C PRO B 98 47.06 -33.30 19.98
N TRP B 99 46.07 -33.06 20.84
CA TRP B 99 45.46 -31.74 20.95
C TRP B 99 46.42 -30.75 21.62
N ASN B 100 46.90 -29.79 20.82
CA ASN B 100 47.67 -28.64 21.31
C ASN B 100 46.73 -27.73 22.10
N SER B 101 47.05 -27.49 23.37
CA SER B 101 46.22 -26.67 24.27
C SER B 101 46.16 -25.19 23.91
N SER B 102 47.11 -24.72 23.10
CA SER B 102 47.08 -23.37 22.52
C SER B 102 45.85 -23.13 21.65
N TRP B 103 45.38 -24.18 20.98
CA TRP B 103 44.21 -24.08 20.10
C TRP B 103 42.96 -23.75 20.93
N SER B 104 42.67 -24.59 21.91
CA SER B 104 41.64 -24.30 22.90
C SER B 104 42.04 -24.90 24.25
N ASN B 105 41.65 -24.22 25.31
CA ASN B 105 41.96 -24.63 26.67
C ASN B 105 40.74 -25.24 27.39
N LYS B 106 39.62 -25.40 26.68
CA LYS B 106 38.37 -25.87 27.30
C LYS B 106 38.36 -27.37 27.54
N SER B 107 37.57 -27.77 28.54
CA SER B 107 37.41 -29.16 28.94
C SER B 107 36.43 -29.89 28.05
N GLN B 108 36.44 -31.22 28.15
CA GLN B 108 35.47 -32.06 27.43
C GLN B 108 34.01 -31.79 27.83
N ASP B 109 33.79 -31.42 29.10
CA ASP B 109 32.46 -30.97 29.55
C ASP B 109 32.10 -29.64 28.89
N GLU B 110 33.04 -28.71 28.90
CA GLU B 110 32.83 -27.35 28.42
C GLU B 110 32.75 -27.23 26.90
N ILE B 111 33.27 -28.21 26.16
CA ILE B 111 33.19 -28.21 24.70
C ILE B 111 31.88 -28.87 24.28
N TRP B 112 31.74 -30.15 24.64
CA TRP B 112 30.67 -31.00 24.11
C TRP B 112 29.28 -30.72 24.68
N ASP B 113 29.22 -30.17 25.90
CA ASP B 113 27.93 -29.91 26.57
C ASP B 113 27.70 -28.44 26.96
N ASN B 114 28.45 -27.52 26.35
CA ASN B 114 28.25 -26.08 26.54
C ASN B 114 28.25 -25.28 25.21
N MET B 115 29.17 -25.62 24.28
CA MET B 115 29.26 -24.95 23.00
C MET B 115 28.48 -25.66 21.89
N THR B 116 28.16 -24.90 20.85
CA THR B 116 27.69 -25.42 19.55
C THR B 116 28.86 -25.44 18.58
N TRP B 117 28.67 -26.10 17.44
CA TRP B 117 29.71 -26.19 16.41
C TRP B 117 30.04 -24.86 15.73
N MET B 118 29.06 -23.95 15.69
CA MET B 118 29.27 -22.64 15.06
C MET B 118 30.26 -21.82 15.88
N GLU B 119 29.94 -21.61 17.16
CA GLU B 119 30.83 -20.87 18.07
C GLU B 119 32.15 -21.61 18.37
N TRP B 120 32.15 -22.94 18.24
CA TRP B 120 33.37 -23.74 18.30
C TRP B 120 34.26 -23.42 17.11
N ASP B 121 33.71 -23.58 15.91
CA ASP B 121 34.46 -23.34 14.68
C ASP B 121 34.95 -21.89 14.59
N LYS B 122 34.28 -20.96 15.27
CA LYS B 122 34.78 -19.58 15.43
C LYS B 122 36.03 -19.52 16.31
N GLU B 123 36.02 -20.27 17.42
CA GLU B 123 37.18 -20.31 18.32
C GLU B 123 38.42 -20.89 17.64
N ILE B 124 38.23 -21.95 16.86
CA ILE B 124 39.32 -22.74 16.29
C ILE B 124 39.74 -22.27 14.88
N ASN B 125 38.86 -21.57 14.15
CA ASN B 125 39.12 -21.14 12.74
C ASN B 125 40.55 -20.71 12.43
N ASN B 126 41.18 -20.05 13.40
CA ASN B 126 42.60 -19.67 13.34
C ASN B 126 43.55 -20.84 13.04
N TYR B 127 43.35 -21.95 13.73
CA TYR B 127 44.29 -23.08 13.71
C TYR B 127 43.84 -24.24 12.82
N THR B 128 42.70 -24.11 12.15
CA THR B 128 42.20 -25.15 11.24
C THR B 128 43.23 -25.46 10.17
N ASP B 129 43.78 -24.41 9.57
CA ASP B 129 44.80 -24.55 8.53
C ASP B 129 46.03 -25.28 9.04
N ILE B 130 46.39 -25.01 10.30
CA ILE B 130 47.50 -25.68 10.98
C ILE B 130 47.18 -27.16 11.21
N ILE B 131 46.02 -27.43 11.80
CA ILE B 131 45.61 -28.80 12.15
C ILE B 131 45.52 -29.68 10.89
N TYR B 132 44.88 -29.16 9.85
CA TYR B 132 44.66 -29.90 8.60
C TYR B 132 45.96 -30.46 8.01
N SER B 133 47.02 -29.64 8.06
CA SER B 133 48.35 -30.07 7.59
C SER B 133 48.96 -31.16 8.47
N LEU B 134 48.82 -31.01 9.78
CA LEU B 134 49.24 -32.02 10.74
C LEU B 134 48.55 -33.36 10.49
N ILE B 135 47.24 -33.33 10.24
CA ILE B 135 46.44 -34.56 10.11
C ILE B 135 46.95 -35.41 8.95
N GLU B 136 47.00 -34.83 7.75
CA GLU B 136 47.48 -35.53 6.55
C GLU B 136 48.91 -36.03 6.69
N GLU B 137 49.76 -35.21 7.30
CA GLU B 137 51.17 -35.57 7.51
C GLU B 137 51.32 -36.57 8.65
N SER B 138 51.05 -36.12 9.87
CA SER B 138 51.44 -36.80 11.11
C SER B 138 51.03 -38.26 11.16
N GLN B 139 49.77 -38.54 10.84
CA GLN B 139 49.29 -39.92 10.85
C GLN B 139 49.47 -40.58 9.49
N ASN B 140 48.82 -40.08 8.45
CA ASN B 140 48.59 -40.89 7.26
C ASN B 140 49.86 -41.14 6.46
N GLN B 141 50.70 -40.11 6.28
CA GLN B 141 51.94 -40.32 5.56
C GLN B 141 52.96 -41.12 6.37
N GLN B 142 52.88 -41.06 7.70
CA GLN B 142 53.70 -41.90 8.58
C GLN B 142 53.18 -43.35 8.65
N GLU B 143 51.86 -43.51 8.77
CA GLU B 143 51.24 -44.84 8.81
C GLU B 143 51.40 -45.63 7.50
N LYS B 144 51.33 -44.94 6.35
CA LYS B 144 51.52 -45.58 5.03
C LYS B 144 52.96 -46.07 4.83
N ASN B 145 53.94 -45.26 5.24
CA ASN B 145 55.36 -45.65 5.19
C ASN B 145 55.68 -46.76 6.20
N GLU B 146 55.07 -46.71 7.38
CA GLU B 146 55.17 -47.79 8.36
C GLU B 146 54.47 -49.07 7.90
N GLN B 147 53.34 -48.92 7.20
CA GLN B 147 52.62 -50.06 6.61
C GLN B 147 53.46 -50.81 5.56
N GLU B 148 54.27 -50.07 4.80
CA GLU B 148 55.24 -50.64 3.85
C GLU B 148 56.29 -51.47 4.58
N LEU B 149 56.87 -50.88 5.62
CA LEU B 149 57.90 -51.55 6.44
C LEU B 149 57.35 -52.74 7.26
N LEU B 150 56.07 -52.68 7.66
CA LEU B 150 55.43 -53.75 8.46
C LEU B 150 54.97 -54.95 7.61
N ALA B 151 54.35 -54.68 6.46
CA ALA B 151 53.91 -55.74 5.54
C ALA B 151 55.02 -56.24 4.60
N LEU B 152 56.28 -55.88 4.88
CA LEU B 152 57.44 -56.35 4.11
C LEU B 152 57.82 -57.82 4.37
N ASP B 153 57.27 -58.42 5.43
CA ASP B 153 57.54 -59.84 5.78
C ASP B 153 56.27 -60.69 5.74
N TYR C 2 -31.83 15.84 -48.22
CA TYR C 2 -33.09 15.57 -48.99
C TYR C 2 -33.80 14.29 -48.51
N VAL C 3 -35.05 14.16 -48.92
CA VAL C 3 -35.98 13.22 -48.27
C VAL C 3 -35.82 11.81 -48.84
N SER C 4 -36.02 10.81 -47.98
CA SER C 4 -36.00 9.39 -48.37
C SER C 4 -37.40 8.78 -48.16
N PRO C 5 -37.92 8.04 -49.17
CA PRO C 5 -39.30 7.54 -49.08
C PRO C 5 -39.43 6.21 -48.37
N LEU C 6 -40.43 6.11 -47.48
CA LEU C 6 -40.77 4.85 -46.79
C LEU C 6 -42.24 4.53 -47.05
N SER C 7 -42.53 3.26 -47.33
CA SER C 7 -43.88 2.79 -47.63
C SER C 7 -44.28 1.67 -46.67
N VAL C 8 -45.46 1.82 -46.05
CA VAL C 8 -45.95 0.87 -45.03
C VAL C 8 -47.44 0.59 -45.25
N ALA C 9 -47.84 -0.67 -45.09
CA ALA C 9 -49.25 -1.06 -45.17
C ALA C 9 -50.03 -0.56 -43.95
N LEU C 10 -51.32 -0.25 -44.15
CA LEU C 10 -52.17 0.31 -43.09
C LEU C 10 -52.45 -0.70 -41.97
N GLY C 11 -52.15 -0.31 -40.73
CA GLY C 11 -52.29 -1.18 -39.56
C GLY C 11 -51.07 -2.00 -39.19
N GLU C 12 -50.09 -2.08 -40.10
CA GLU C 12 -48.85 -2.84 -39.87
C GLU C 12 -47.81 -1.96 -39.18
N THR C 13 -46.94 -2.57 -38.39
CA THR C 13 -45.90 -1.83 -37.66
C THR C 13 -44.75 -1.46 -38.61
N ALA C 14 -44.14 -0.29 -38.38
CA ALA C 14 -43.08 0.25 -39.25
C ALA C 14 -41.86 0.67 -38.45
N ARG C 15 -40.67 0.48 -39.03
CA ARG C 15 -39.40 0.81 -38.38
C ARG C 15 -38.61 1.78 -39.27
N ILE C 16 -38.27 2.95 -38.73
CA ILE C 16 -37.63 4.03 -39.48
C ILE C 16 -36.14 4.10 -39.14
N SER C 17 -35.30 3.73 -40.10
CA SER C 17 -33.84 3.74 -39.95
C SER C 17 -33.28 5.17 -39.88
N CYS C 18 -32.50 5.44 -38.83
CA CYS C 18 -31.81 6.73 -38.69
C CYS C 18 -30.57 6.74 -39.56
N GLY C 19 -30.43 7.76 -40.41
CA GLY C 19 -29.20 7.99 -41.14
C GLY C 19 -28.10 8.39 -40.18
N ARG C 20 -26.87 8.49 -40.66
CA ARG C 20 -25.70 8.89 -39.86
C ARG C 20 -25.67 8.26 -38.44
N GLN C 21 -25.64 6.93 -38.38
CA GLN C 21 -25.65 6.24 -37.08
C GLN C 21 -24.35 6.49 -36.31
N ALA C 22 -24.45 6.48 -34.99
CA ALA C 22 -23.43 7.06 -34.11
C ALA C 22 -22.11 6.32 -34.08
N LEU C 23 -21.11 7.02 -33.53
CA LEU C 23 -19.77 6.49 -33.31
C LEU C 23 -19.51 6.12 -31.85
N GLY C 24 -20.19 6.79 -30.90
CA GLY C 24 -20.14 6.45 -29.48
C GLY C 24 -21.53 6.47 -28.85
N SER C 25 -21.57 6.63 -27.52
CA SER C 25 -22.83 6.68 -26.77
C SER C 25 -23.64 7.92 -27.17
N ARG C 26 -24.97 7.77 -27.21
CA ARG C 26 -25.83 8.70 -27.95
C ARG C 26 -27.19 8.97 -27.33
N ALA C 27 -27.69 10.19 -27.54
CA ALA C 27 -29.03 10.60 -27.09
C ALA C 27 -29.82 11.23 -28.23
N VAL C 28 -30.40 10.37 -29.08
CA VAL C 28 -31.16 10.82 -30.25
C VAL C 28 -32.52 11.43 -29.91
N GLN C 29 -33.00 12.27 -30.81
CA GLN C 29 -34.38 12.76 -30.79
C GLN C 29 -35.07 12.32 -32.09
N TRP C 30 -36.39 12.16 -32.01
CA TRP C 30 -37.22 11.83 -33.18
C TRP C 30 -38.37 12.84 -33.31
N TYR C 31 -38.41 13.55 -34.45
CA TYR C 31 -39.36 14.62 -34.71
C TYR C 31 -40.32 14.25 -35.85
N GLN C 32 -41.63 14.24 -35.56
CA GLN C 32 -42.69 14.10 -36.57
C GLN C 32 -43.04 15.49 -37.11
N HIS C 33 -42.99 15.65 -38.44
CA HIS C 33 -43.22 16.94 -39.09
C HIS C 33 -44.16 16.80 -40.28
N LYS C 34 -45.39 17.31 -40.14
CA LYS C 34 -46.33 17.43 -41.27
C LYS C 34 -45.99 18.71 -42.05
N PRO C 35 -46.10 18.69 -43.40
CA PRO C 35 -45.83 19.90 -44.18
C PRO C 35 -46.73 21.08 -43.81
N GLY C 36 -46.13 22.25 -43.57
CA GLY C 36 -46.86 23.46 -43.20
C GLY C 36 -47.22 23.63 -41.72
N GLN C 37 -47.15 22.53 -40.95
CA GLN C 37 -47.58 22.50 -39.56
C GLN C 37 -46.37 22.45 -38.64
N ALA C 38 -46.62 22.60 -37.34
CA ALA C 38 -45.57 22.60 -36.33
C ALA C 38 -45.01 21.19 -36.12
N PRO C 39 -43.66 21.05 -36.10
CA PRO C 39 -43.07 19.74 -35.72
C PRO C 39 -43.38 19.36 -34.27
N ILE C 40 -43.58 18.06 -34.04
CA ILE C 40 -43.86 17.50 -32.72
C ILE C 40 -42.80 16.43 -32.48
N LEU C 41 -42.00 16.55 -31.41
CA LEU C 41 -41.04 15.50 -31.09
C LEU C 41 -41.76 14.32 -30.43
N LEU C 42 -41.46 13.12 -30.92
CA LEU C 42 -42.02 11.89 -30.39
C LEU C 42 -41.14 11.32 -29.29
N ILE C 43 -39.81 11.41 -29.49
CA ILE C 43 -38.83 10.87 -28.56
C ILE C 43 -37.72 11.89 -28.36
N TYR C 44 -37.39 12.19 -27.09
CA TYR C 44 -36.38 13.20 -26.74
C TYR C 44 -35.07 12.56 -26.26
N ASN C 45 -35.18 11.55 -25.41
CA ASN C 45 -34.07 10.65 -25.11
C ASN C 45 -34.50 9.30 -25.65
N ASN C 46 -33.56 8.54 -26.19
CA ASN C 46 -33.82 7.34 -27.05
C ASN C 46 -35.06 6.49 -26.75
N GLN C 47 -35.42 6.38 -25.47
CA GLN C 47 -36.59 5.62 -25.00
C GLN C 47 -37.77 6.53 -24.65
N ASP C 48 -37.46 7.70 -24.09
CA ASP C 48 -38.43 8.54 -23.39
C ASP C 48 -39.27 9.36 -24.35
N ARG C 49 -40.58 9.41 -24.08
CA ARG C 49 -41.54 10.21 -24.84
C ARG C 49 -42.17 11.25 -23.89
N PRO C 50 -42.47 12.48 -24.39
CA PRO C 50 -43.15 13.44 -23.54
C PRO C 50 -44.63 13.08 -23.38
N SER C 51 -45.24 13.56 -22.30
CA SER C 51 -46.62 13.22 -21.95
C SER C 51 -47.60 13.63 -23.05
N GLY C 52 -48.48 12.70 -23.44
CA GLY C 52 -49.44 12.93 -24.52
C GLY C 52 -49.13 12.19 -25.83
N ILE C 53 -47.87 11.79 -26.02
CA ILE C 53 -47.48 10.98 -27.16
C ILE C 53 -47.91 9.53 -26.87
N PRO C 54 -48.55 8.85 -27.86
CA PRO C 54 -49.03 7.49 -27.59
C PRO C 54 -47.94 6.44 -27.41
N GLU C 55 -48.33 5.27 -26.91
CA GLU C 55 -47.41 4.14 -26.67
C GLU C 55 -47.01 3.35 -27.93
N ARG C 56 -47.52 3.76 -29.09
CA ARG C 56 -47.19 3.11 -30.37
C ARG C 56 -45.76 3.44 -30.79
N PHE C 57 -45.39 4.71 -30.69
CA PHE C 57 -44.05 5.19 -31.07
C PHE C 57 -43.02 4.78 -30.01
N SER C 58 -41.85 4.31 -30.45
CA SER C 58 -40.75 4.03 -29.53
C SER C 58 -39.41 3.93 -30.27
N GLY C 59 -38.33 4.19 -29.54
CA GLY C 59 -36.98 4.26 -30.08
C GLY C 59 -36.03 3.38 -29.31
N THR C 60 -34.95 2.97 -29.97
CA THR C 60 -34.06 1.95 -29.42
C THR C 60 -33.07 2.55 -28.42
N PRO C 61 -33.01 2.01 -27.17
CA PRO C 61 -31.95 2.42 -26.24
C PRO C 61 -30.58 1.89 -26.65
N ASP C 62 -29.51 2.55 -26.22
CA ASP C 62 -28.14 2.07 -26.45
C ASP C 62 -27.53 1.50 -25.16
N ILE C 63 -28.19 0.48 -24.61
CA ILE C 63 -27.70 -0.24 -23.43
C ILE C 63 -26.35 -0.94 -23.72
N ASN C 64 -26.23 -1.49 -24.92
CA ASN C 64 -25.00 -2.10 -25.40
C ASN C 64 -24.67 -1.45 -26.74
N PHE C 65 -23.45 -0.95 -26.89
CA PHE C 65 -23.06 -0.26 -28.12
C PHE C 65 -23.06 -1.21 -29.32
N GLY C 66 -23.39 -0.67 -30.49
CA GLY C 66 -23.56 -1.45 -31.71
C GLY C 66 -25.00 -1.40 -32.23
N THR C 67 -25.95 -1.09 -31.34
CA THR C 67 -27.37 -0.96 -31.72
C THR C 67 -27.59 0.27 -32.59
N THR C 68 -28.54 0.15 -33.51
CA THR C 68 -28.83 1.19 -34.51
C THR C 68 -30.17 1.87 -34.20
N ALA C 69 -30.21 3.20 -34.31
CA ALA C 69 -31.38 4.00 -33.94
C ALA C 69 -32.53 3.82 -34.92
N THR C 70 -33.61 3.19 -34.45
CA THR C 70 -34.81 2.97 -35.27
C THR C 70 -36.05 3.44 -34.53
N LEU C 71 -36.85 4.28 -35.19
CA LEU C 71 -38.16 4.70 -34.67
C LEU C 71 -39.18 3.66 -35.09
N THR C 72 -39.81 3.01 -34.11
CA THR C 72 -40.77 1.93 -34.34
C THR C 72 -42.20 2.40 -34.11
N ILE C 73 -42.98 2.45 -35.19
CA ILE C 73 -44.40 2.85 -35.14
C ILE C 73 -45.24 1.58 -35.29
N SER C 74 -46.06 1.26 -34.28
CA SER C 74 -47.01 0.16 -34.37
C SER C 74 -48.40 0.69 -34.68
N GLY C 75 -49.24 -0.14 -35.32
CA GLY C 75 -50.59 0.26 -35.71
C GLY C 75 -50.59 1.52 -36.56
N VAL C 76 -49.94 1.44 -37.71
CA VAL C 76 -49.78 2.60 -38.60
C VAL C 76 -51.14 2.98 -39.19
N GLU C 77 -51.47 4.26 -39.06
CA GLU C 77 -52.76 4.79 -39.51
C GLU C 77 -52.53 5.96 -40.47
N VAL C 78 -53.62 6.45 -41.03
CA VAL C 78 -53.59 7.57 -42.00
C VAL C 78 -52.86 8.81 -41.48
N GLY C 79 -53.12 9.18 -40.21
CA GLY C 79 -52.52 10.36 -39.58
C GLY C 79 -51.02 10.31 -39.33
N ASP C 80 -50.45 9.10 -39.26
CA ASP C 80 -49.00 8.92 -39.07
C ASP C 80 -48.15 9.38 -40.26
N GLU C 81 -48.75 9.41 -41.46
CA GLU C 81 -48.08 9.85 -42.68
C GLU C 81 -47.54 11.29 -42.54
N ALA C 82 -46.22 11.40 -42.32
CA ALA C 82 -45.54 12.70 -42.22
C ALA C 82 -44.02 12.55 -42.42
N ASP C 83 -43.29 13.66 -42.37
CA ASP C 83 -41.81 13.63 -42.40
C ASP C 83 -41.26 13.34 -41.01
N TYR C 84 -40.30 12.41 -40.94
CA TYR C 84 -39.62 12.07 -39.70
C TYR C 84 -38.13 12.44 -39.76
N TYR C 85 -37.68 13.22 -38.78
CA TYR C 85 -36.30 13.65 -38.66
C TYR C 85 -35.64 12.97 -37.46
N CYS C 86 -34.44 12.43 -37.66
CA CYS C 86 -33.67 11.79 -36.59
C CYS C 86 -32.50 12.70 -36.19
N HIS C 87 -32.65 13.41 -35.08
CA HIS C 87 -31.59 14.27 -34.57
C HIS C 87 -30.61 13.40 -33.80
N MET C 88 -29.32 13.49 -34.16
CA MET C 88 -28.28 12.59 -33.67
C MET C 88 -27.29 13.35 -32.81
N TRP C 89 -27.03 12.84 -31.60
CA TRP C 89 -25.98 13.38 -30.74
C TRP C 89 -25.18 12.21 -30.21
N ASP C 90 -23.87 12.17 -30.51
CA ASP C 90 -22.96 11.15 -29.99
C ASP C 90 -21.72 11.77 -29.35
N SER C 91 -20.96 10.95 -28.63
CA SER C 91 -19.80 11.41 -27.87
C SER C 91 -18.60 11.83 -28.72
N ARG C 92 -18.42 11.16 -29.86
CA ARG C 92 -17.27 11.37 -30.73
C ARG C 92 -17.42 12.61 -31.60
N SER C 93 -18.52 12.69 -32.33
CA SER C 93 -18.81 13.84 -33.21
C SER C 93 -19.15 15.09 -32.39
N GLY C 94 -18.95 16.25 -32.99
CA GLY C 94 -19.17 17.54 -32.32
C GLY C 94 -20.63 17.93 -32.17
N PHE C 95 -20.90 19.23 -32.25
CA PHE C 95 -22.27 19.76 -32.12
C PHE C 95 -23.06 19.43 -33.38
N SER C 96 -24.11 18.62 -33.23
CA SER C 96 -24.96 18.26 -34.37
C SER C 96 -25.96 19.39 -34.62
N TRP C 97 -25.68 20.17 -35.66
CA TRP C 97 -26.54 21.30 -36.02
C TRP C 97 -27.70 20.85 -36.89
N SER C 98 -27.39 20.16 -37.98
CA SER C 98 -28.44 19.66 -38.88
C SER C 98 -29.23 18.54 -38.21
N PHE C 99 -30.53 18.50 -38.49
CA PHE C 99 -31.35 17.34 -38.14
C PHE C 99 -31.08 16.27 -39.20
N GLY C 100 -31.56 15.07 -38.95
CA GLY C 100 -31.37 13.96 -39.88
C GLY C 100 -32.05 14.22 -41.21
N GLY C 101 -31.65 13.50 -42.24
CA GLY C 101 -32.36 13.54 -43.52
C GLY C 101 -33.81 13.15 -43.27
N ALA C 102 -34.73 13.92 -43.87
CA ALA C 102 -36.16 13.68 -43.68
C ALA C 102 -36.55 12.30 -44.21
N THR C 103 -37.49 11.65 -43.52
CA THR C 103 -38.02 10.35 -43.96
C THR C 103 -39.51 10.50 -44.26
N ARG C 104 -39.84 10.49 -45.55
CA ARG C 104 -41.25 10.60 -46.00
C ARG C 104 -41.95 9.27 -45.80
N LEU C 105 -42.70 9.15 -44.70
CA LEU C 105 -43.57 8.00 -44.49
C LEU C 105 -44.77 8.15 -45.42
N THR C 106 -45.13 7.06 -46.10
CA THR C 106 -46.35 6.96 -46.88
C THR C 106 -47.11 5.72 -46.41
N VAL C 107 -48.42 5.84 -46.23
CA VAL C 107 -49.26 4.75 -45.73
C VAL C 107 -50.02 4.11 -46.89
N LEU C 108 -49.60 2.92 -47.30
CA LEU C 108 -50.21 2.19 -48.41
C LEU C 108 -51.52 1.51 -48.01
N SER C 109 -52.27 1.08 -49.03
CA SER C 109 -53.58 0.41 -48.88
C SER C 109 -54.66 1.25 -48.18
N GLN C 110 -54.59 2.57 -48.33
CA GLN C 110 -55.67 3.47 -47.89
C GLN C 110 -56.85 3.30 -48.86
N PRO C 111 -58.08 3.63 -48.40
CA PRO C 111 -59.25 3.46 -49.26
C PRO C 111 -59.31 4.56 -50.32
N LYS C 112 -59.51 4.18 -51.59
CA LYS C 112 -59.60 5.16 -52.67
C LYS C 112 -60.94 5.90 -52.56
N ALA C 113 -60.89 7.22 -52.79
CA ALA C 113 -62.06 8.09 -52.71
C ALA C 113 -62.26 8.77 -54.07
N ALA C 114 -63.49 8.75 -54.57
CA ALA C 114 -63.84 9.41 -55.83
C ALA C 114 -63.85 10.94 -55.61
N PRO C 115 -63.44 11.71 -56.63
CA PRO C 115 -63.32 13.17 -56.47
C PRO C 115 -64.65 13.93 -56.49
N SER C 116 -64.87 14.77 -55.48
CA SER C 116 -66.05 15.65 -55.41
C SER C 116 -65.77 16.97 -56.11
N VAL C 117 -66.11 17.04 -57.40
CA VAL C 117 -65.87 18.26 -58.20
C VAL C 117 -67.03 19.26 -58.09
N THR C 118 -66.68 20.54 -58.08
CA THR C 118 -67.67 21.63 -58.10
C THR C 118 -67.13 22.74 -59.00
N LEU C 119 -67.73 22.88 -60.17
CA LEU C 119 -67.38 23.94 -61.13
C LEU C 119 -68.25 25.17 -60.88
N PHE C 120 -67.62 26.31 -60.60
CA PHE C 120 -68.32 27.58 -60.43
C PHE C 120 -68.11 28.50 -61.64
N PRO C 121 -69.20 29.13 -62.15
CA PRO C 121 -69.03 30.12 -63.21
C PRO C 121 -68.41 31.41 -62.67
N PRO C 122 -67.92 32.30 -63.56
CA PRO C 122 -67.39 33.57 -63.06
C PRO C 122 -68.48 34.39 -62.39
N SER C 123 -68.14 35.00 -61.25
CA SER C 123 -69.10 35.81 -60.49
C SER C 123 -69.48 37.07 -61.26
N SER C 124 -70.68 37.59 -60.96
CA SER C 124 -71.20 38.80 -61.62
C SER C 124 -70.29 40.01 -61.40
N GLU C 125 -69.72 40.12 -60.20
CA GLU C 125 -68.84 41.23 -59.83
C GLU C 125 -67.45 41.13 -60.50
N GLU C 126 -67.00 39.91 -60.81
CA GLU C 126 -65.78 39.70 -61.59
C GLU C 126 -65.99 40.12 -63.06
N LEU C 127 -67.12 39.74 -63.63
CA LEU C 127 -67.50 40.16 -64.99
C LEU C 127 -67.65 41.68 -65.08
N GLN C 128 -68.14 42.30 -64.00
CA GLN C 128 -68.18 43.76 -63.86
C GLN C 128 -66.77 44.39 -63.90
N ALA C 129 -65.79 43.68 -63.35
CA ALA C 129 -64.37 44.07 -63.46
C ALA C 129 -63.69 43.72 -64.82
N ASN C 130 -64.48 43.25 -65.79
CA ASN C 130 -64.01 42.93 -67.15
C ASN C 130 -63.00 41.76 -67.20
N LYS C 131 -63.20 40.79 -66.31
CA LYS C 131 -62.41 39.55 -66.30
C LYS C 131 -63.32 38.37 -65.98
N ALA C 132 -62.85 37.17 -66.26
CA ALA C 132 -63.63 35.95 -66.02
C ALA C 132 -62.70 34.79 -65.70
N THR C 133 -63.05 34.05 -64.65
CA THR C 133 -62.31 32.85 -64.26
C THR C 133 -63.29 31.75 -63.85
N LEU C 134 -63.26 30.64 -64.59
CA LEU C 134 -64.00 29.44 -64.23
C LEU C 134 -63.20 28.68 -63.18
N VAL C 135 -63.86 28.33 -62.06
CA VAL C 135 -63.17 27.76 -60.90
C VAL C 135 -63.67 26.34 -60.64
N CYS C 136 -62.80 25.35 -60.90
CA CYS C 136 -63.11 23.93 -60.72
C CYS C 136 -62.42 23.41 -59.46
N LEU C 137 -63.21 23.09 -58.43
CA LEU C 137 -62.70 22.71 -57.11
C LEU C 137 -62.91 21.22 -56.88
N ILE C 138 -61.82 20.50 -56.55
CA ILE C 138 -61.80 19.05 -56.44
C ILE C 138 -61.43 18.66 -55.00
N SER C 139 -62.34 18.01 -54.28
CA SER C 139 -62.15 17.69 -52.87
C SER C 139 -62.38 16.21 -52.55
N ASP C 140 -61.77 15.77 -51.46
CA ASP C 140 -62.01 14.45 -50.86
C ASP C 140 -61.71 13.28 -51.81
N PHE C 141 -60.49 13.28 -52.36
CA PHE C 141 -60.04 12.23 -53.27
C PHE C 141 -58.69 11.63 -52.84
N TYR C 142 -58.57 10.32 -53.04
CA TYR C 142 -57.35 9.56 -52.76
C TYR C 142 -57.24 8.41 -53.78
N PRO C 143 -56.06 8.13 -54.35
CA PRO C 143 -54.81 8.84 -54.08
C PRO C 143 -54.78 10.23 -54.72
N GLY C 144 -54.04 11.14 -54.08
CA GLY C 144 -53.97 12.54 -54.50
C GLY C 144 -53.19 12.72 -55.78
N ALA C 145 -53.81 12.32 -56.89
CA ALA C 145 -53.20 12.38 -58.20
C ALA C 145 -54.31 12.52 -59.23
N VAL C 146 -54.39 13.70 -59.84
CA VAL C 146 -55.46 14.02 -60.80
C VAL C 146 -54.91 14.80 -61.98
N THR C 147 -55.60 14.69 -63.11
CA THR C 147 -55.27 15.44 -64.32
C THR C 147 -56.51 16.18 -64.79
N VAL C 148 -56.43 17.51 -64.82
CA VAL C 148 -57.55 18.38 -65.18
C VAL C 148 -57.43 18.78 -66.65
N ALA C 149 -58.49 18.49 -67.42
CA ALA C 149 -58.61 18.94 -68.80
C ALA C 149 -59.88 19.80 -68.92
N TRP C 150 -59.76 20.96 -69.55
CA TRP C 150 -60.89 21.87 -69.77
C TRP C 150 -61.46 21.71 -71.18
N LYS C 151 -62.74 22.03 -71.32
CA LYS C 151 -63.47 21.91 -72.60
C LYS C 151 -64.42 23.09 -72.83
N ALA C 152 -64.28 23.73 -73.98
CA ALA C 152 -65.31 24.63 -74.51
C ALA C 152 -66.11 23.82 -75.51
N ASP C 153 -67.37 23.51 -75.17
CA ASP C 153 -68.23 22.64 -75.99
C ASP C 153 -67.58 21.24 -76.15
N SER C 154 -67.14 20.87 -77.36
CA SER C 154 -66.32 19.67 -77.58
C SER C 154 -64.82 19.97 -77.50
N SER C 155 -64.42 21.15 -77.97
CA SER C 155 -63.00 21.48 -78.12
C SER C 155 -62.31 21.75 -76.78
N PRO C 156 -61.07 21.23 -76.59
CA PRO C 156 -60.31 21.50 -75.36
C PRO C 156 -59.68 22.90 -75.36
N VAL C 157 -59.61 23.53 -74.18
CA VAL C 157 -59.21 24.93 -74.08
C VAL C 157 -57.69 25.07 -74.16
N LYS C 158 -56.99 24.43 -73.21
CA LYS C 158 -55.51 24.34 -73.23
C LYS C 158 -54.74 25.66 -73.05
N ALA C 159 -55.45 26.76 -72.75
CA ALA C 159 -54.85 28.09 -72.67
C ALA C 159 -55.49 28.89 -71.54
N GLY C 160 -54.66 29.57 -70.77
CA GLY C 160 -55.10 30.27 -69.56
C GLY C 160 -55.53 29.32 -68.45
N VAL C 161 -54.96 28.12 -68.43
CA VAL C 161 -55.27 27.08 -67.44
C VAL C 161 -54.21 27.10 -66.34
N GLU C 162 -54.65 27.21 -65.10
CA GLU C 162 -53.78 27.24 -63.93
C GLU C 162 -54.33 26.23 -62.92
N THR C 163 -53.49 25.28 -62.49
CA THR C 163 -53.94 24.17 -61.63
C THR C 163 -52.95 23.88 -60.50
N THR C 164 -53.46 23.83 -59.26
CA THR C 164 -52.65 23.45 -58.10
C THR C 164 -52.43 21.95 -58.06
N THR C 165 -51.23 21.52 -57.66
CA THR C 165 -50.96 20.12 -57.41
C THR C 165 -51.69 19.70 -56.12
N PRO C 166 -52.20 18.46 -56.05
CA PRO C 166 -53.01 18.03 -54.90
C PRO C 166 -52.30 18.18 -53.54
N SER C 167 -53.02 18.75 -52.57
CA SER C 167 -52.51 18.89 -51.20
C SER C 167 -53.53 18.30 -50.20
N LYS C 168 -53.02 17.70 -49.13
CA LYS C 168 -53.86 16.99 -48.17
C LYS C 168 -54.66 17.95 -47.29
N GLN C 169 -55.83 17.50 -46.84
CA GLN C 169 -56.70 18.26 -45.94
C GLN C 169 -56.86 17.50 -44.62
N SER C 170 -57.66 18.04 -43.70
CA SER C 170 -57.87 17.43 -42.37
C SER C 170 -58.60 16.06 -42.40
N ASN C 171 -59.30 15.78 -43.49
CA ASN C 171 -59.88 14.45 -43.76
C ASN C 171 -58.85 13.36 -44.11
N ASN C 172 -57.58 13.74 -44.34
CA ASN C 172 -56.53 12.87 -44.89
C ASN C 172 -56.78 12.42 -46.34
N LYS C 173 -57.69 13.12 -47.02
CA LYS C 173 -57.88 12.99 -48.45
C LYS C 173 -57.22 14.24 -49.04
N TYR C 174 -57.10 14.29 -50.36
CA TYR C 174 -56.45 15.42 -51.02
C TYR C 174 -57.47 16.41 -51.58
N ALA C 175 -56.99 17.63 -51.81
CA ALA C 175 -57.80 18.73 -52.34
C ALA C 175 -56.99 19.52 -53.38
N ALA C 176 -57.55 19.68 -54.57
CA ALA C 176 -56.93 20.42 -55.66
C ALA C 176 -57.95 21.37 -56.30
N SER C 177 -57.44 22.46 -56.88
CA SER C 177 -58.28 23.47 -57.53
C SER C 177 -57.67 23.88 -58.88
N SER C 178 -58.52 24.05 -59.89
CA SER C 178 -58.10 24.48 -61.23
C SER C 178 -58.83 25.77 -61.65
N TYR C 179 -58.06 26.70 -62.23
CA TYR C 179 -58.55 28.03 -62.63
C TYR C 179 -58.32 28.23 -64.12
N LEU C 180 -59.41 28.51 -64.85
CA LEU C 180 -59.35 28.82 -66.27
C LEU C 180 -59.73 30.29 -66.49
N SER C 181 -58.73 31.11 -66.81
CA SER C 181 -58.94 32.54 -67.06
C SER C 181 -59.41 32.79 -68.50
N LEU C 182 -60.48 33.57 -68.63
CA LEU C 182 -61.05 33.96 -69.94
C LEU C 182 -61.41 35.44 -69.91
N THR C 183 -61.71 35.99 -71.09
CA THR C 183 -62.35 37.31 -71.17
C THR C 183 -63.86 37.12 -71.04
N PRO C 184 -64.58 38.13 -70.51
CA PRO C 184 -66.05 38.01 -70.38
C PRO C 184 -66.76 37.68 -71.69
N GLU C 185 -66.29 38.29 -72.78
CA GLU C 185 -66.76 38.00 -74.14
C GLU C 185 -66.48 36.57 -74.62
N GLN C 186 -65.33 36.01 -74.25
CA GLN C 186 -65.02 34.60 -74.53
C GLN C 186 -65.90 33.62 -73.74
N TRP C 187 -66.16 33.95 -72.47
CA TRP C 187 -67.10 33.18 -71.64
C TRP C 187 -68.49 33.13 -72.27
N LYS C 188 -68.97 34.28 -72.74
CA LYS C 188 -70.29 34.38 -73.38
C LYS C 188 -70.36 33.71 -74.76
N SER C 189 -69.27 33.75 -75.52
CA SER C 189 -69.24 33.24 -76.90
C SER C 189 -69.62 31.77 -77.04
N HIS C 190 -69.06 30.93 -76.16
CA HIS C 190 -69.32 29.49 -76.20
C HIS C 190 -70.65 29.14 -75.52
N LYS C 191 -71.10 27.92 -75.79
CA LYS C 191 -72.45 27.46 -75.42
C LYS C 191 -72.40 27.07 -73.95
N SER C 192 -71.41 26.21 -73.64
CA SER C 192 -71.14 25.76 -72.29
C SER C 192 -69.64 25.49 -72.11
N TYR C 193 -69.21 25.44 -70.85
CA TYR C 193 -67.84 25.08 -70.49
C TYR C 193 -67.86 23.93 -69.51
N SER C 194 -66.91 23.00 -69.68
CA SER C 194 -66.84 21.77 -68.88
C SER C 194 -65.44 21.54 -68.30
N CYS C 195 -65.39 21.17 -67.02
CA CYS C 195 -64.15 20.79 -66.34
C CYS C 195 -64.12 19.27 -66.18
N GLN C 196 -63.26 18.61 -66.95
CA GLN C 196 -63.05 17.16 -66.85
C GLN C 196 -61.91 16.84 -65.89
N VAL C 197 -62.22 16.11 -64.81
CA VAL C 197 -61.26 15.70 -63.81
C VAL C 197 -61.13 14.17 -63.85
N THR C 198 -59.97 13.69 -64.28
CA THR C 198 -59.67 12.26 -64.34
C THR C 198 -58.92 11.85 -63.07
N HIS C 199 -59.56 11.01 -62.25
CA HIS C 199 -58.95 10.42 -61.07
C HIS C 199 -58.79 8.91 -61.27
N GLU C 200 -57.55 8.47 -61.47
CA GLU C 200 -57.23 7.07 -61.84
C GLU C 200 -57.92 6.73 -63.18
N GLY C 201 -58.63 5.60 -63.26
CA GLY C 201 -59.38 5.24 -64.47
C GLY C 201 -60.58 6.13 -64.70
N SER C 202 -61.29 6.47 -63.62
CA SER C 202 -62.54 7.24 -63.68
C SER C 202 -62.32 8.70 -64.08
N THR C 203 -63.32 9.28 -64.74
CA THR C 203 -63.31 10.69 -65.15
C THR C 203 -64.66 11.34 -64.82
N VAL C 204 -64.62 12.38 -63.98
CA VAL C 204 -65.82 13.14 -63.62
C VAL C 204 -65.80 14.45 -64.41
N GLU C 205 -66.96 14.78 -65.01
CA GLU C 205 -67.13 16.02 -65.78
C GLU C 205 -68.29 16.84 -65.19
N LYS C 206 -68.04 18.15 -65.01
CA LYS C 206 -69.10 19.10 -64.63
C LYS C 206 -69.15 20.22 -65.66
N THR C 207 -70.37 20.62 -66.01
CA THR C 207 -70.62 21.57 -67.09
C THR C 207 -71.39 22.79 -66.58
N VAL C 208 -70.93 23.99 -66.96
CA VAL C 208 -71.62 25.23 -66.62
C VAL C 208 -71.73 26.12 -67.86
N ALA C 209 -72.88 26.78 -68.00
CA ALA C 209 -73.20 27.62 -69.15
C ALA C 209 -73.58 29.03 -68.71
N PRO C 210 -73.48 30.03 -69.62
CA PRO C 210 -73.99 31.37 -69.31
C PRO C 210 -75.52 31.39 -69.20
N THR C 211 -76.04 32.10 -68.19
CA THR C 211 -77.49 32.15 -67.94
C THR C 211 -78.22 33.01 -68.98
N GLN D 1 -48.01 23.17 -20.49
CA GLN D 1 -48.39 24.48 -19.85
C GLN D 1 -47.85 25.76 -20.53
N VAL D 2 -47.12 25.63 -21.64
CA VAL D 2 -46.49 26.76 -22.33
C VAL D 2 -47.02 26.88 -23.76
N GLN D 3 -47.36 28.10 -24.17
CA GLN D 3 -47.85 28.37 -25.52
C GLN D 3 -47.01 29.46 -26.19
N LEU D 4 -46.49 29.15 -27.39
CA LEU D 4 -45.67 30.06 -28.17
C LEU D 4 -46.51 30.63 -29.30
N GLN D 5 -46.24 31.88 -29.68
CA GLN D 5 -46.96 32.54 -30.78
C GLN D 5 -46.05 33.45 -31.60
N GLU D 6 -45.72 33.01 -32.81
CA GLU D 6 -44.84 33.77 -33.70
C GLU D 6 -45.63 34.89 -34.36
N SER D 7 -45.04 36.09 -34.38
CA SER D 7 -45.56 37.22 -35.13
C SER D 7 -44.42 37.76 -35.99
N GLY D 8 -44.74 38.17 -37.21
CA GLY D 8 -43.74 38.67 -38.15
C GLY D 8 -44.36 39.37 -39.35
N PRO D 9 -43.50 39.93 -40.24
CA PRO D 9 -43.98 40.74 -41.37
C PRO D 9 -44.68 39.93 -42.47
N GLY D 10 -44.18 38.75 -42.78
CA GLY D 10 -44.69 37.95 -43.89
C GLY D 10 -43.90 38.18 -45.16
N LEU D 11 -43.59 39.43 -45.45
CA LEU D 11 -42.75 39.81 -46.59
C LEU D 11 -41.59 40.68 -46.12
N VAL D 12 -40.41 40.45 -46.70
CA VAL D 12 -39.23 41.29 -46.45
C VAL D 12 -38.46 41.46 -47.76
N ARG D 13 -37.89 42.65 -47.97
CA ARG D 13 -37.13 42.94 -49.20
C ARG D 13 -35.77 42.25 -49.08
N PRO D 14 -35.17 41.84 -50.23
CA PRO D 14 -33.78 41.34 -50.17
C PRO D 14 -32.78 42.42 -49.72
N SER D 15 -31.68 41.97 -49.12
CA SER D 15 -30.65 42.84 -48.52
C SER D 15 -31.20 43.75 -47.41
N GLU D 16 -32.06 43.18 -46.56
CA GLU D 16 -32.67 43.87 -45.41
C GLU D 16 -32.56 43.04 -44.12
N THR D 17 -33.04 43.61 -43.01
CA THR D 17 -33.12 42.94 -41.72
C THR D 17 -34.49 42.28 -41.52
N LEU D 18 -34.56 40.96 -41.69
CA LEU D 18 -35.75 40.18 -41.31
C LEU D 18 -35.86 40.17 -39.78
N SER D 19 -37.06 40.44 -39.28
CA SER D 19 -37.35 40.32 -37.86
C SER D 19 -38.58 39.44 -37.66
N VAL D 20 -38.55 38.62 -36.61
CA VAL D 20 -39.74 37.88 -36.15
C VAL D 20 -39.73 37.83 -34.62
N THR D 21 -40.92 37.72 -34.02
CA THR D 21 -41.09 37.75 -32.56
C THR D 21 -41.98 36.59 -32.10
N CYS D 22 -41.58 35.94 -31.01
CA CYS D 22 -42.25 34.73 -30.50
C CYS D 22 -42.78 34.97 -29.07
N ILE D 23 -44.09 35.20 -28.96
CA ILE D 23 -44.74 35.50 -27.67
C ILE D 23 -44.97 34.23 -26.85
N VAL D 24 -44.31 34.16 -25.69
CA VAL D 24 -44.49 33.05 -24.74
C VAL D 24 -45.51 33.47 -23.67
N SER D 25 -46.44 32.57 -23.35
CA SER D 25 -47.47 32.82 -22.34
C SER D 25 -47.31 32.02 -21.04
N GLY D 26 -46.85 30.77 -21.15
CA GLY D 26 -46.89 29.82 -20.04
C GLY D 26 -46.01 30.12 -18.84
N GLY D 27 -44.77 30.50 -19.09
CA GLY D 27 -43.78 30.72 -18.02
C GLY D 27 -42.77 31.81 -18.32
N SER D 28 -41.76 31.87 -17.45
CA SER D 28 -40.69 32.85 -17.56
C SER D 28 -39.72 32.47 -18.68
N ILE D 29 -39.24 33.50 -19.37
CA ILE D 29 -38.29 33.34 -20.49
C ILE D 29 -36.84 33.08 -20.00
N SER D 30 -36.57 33.36 -18.72
CA SER D 30 -35.26 33.10 -18.11
C SER D 30 -35.20 31.81 -17.26
N ASN D 31 -36.09 30.85 -17.54
CA ASN D 31 -36.02 29.50 -16.95
C ASN D 31 -35.60 28.43 -17.96
N TYR D 32 -36.09 28.52 -19.19
CA TYR D 32 -35.78 27.55 -20.24
C TYR D 32 -34.99 28.18 -21.38
N TYR D 33 -34.35 27.33 -22.17
CA TYR D 33 -33.62 27.75 -23.36
C TYR D 33 -34.64 27.97 -24.48
N TRP D 34 -34.29 28.76 -25.48
CA TRP D 34 -35.15 29.00 -26.64
C TRP D 34 -34.36 28.93 -27.91
N THR D 35 -35.03 28.61 -29.02
CA THR D 35 -34.35 28.40 -30.28
C THR D 35 -35.26 28.65 -31.49
N TRP D 36 -34.62 28.89 -32.64
CA TRP D 36 -35.29 29.14 -33.91
C TRP D 36 -34.93 28.06 -34.93
N ILE D 37 -35.93 27.56 -35.62
CA ILE D 37 -35.78 26.59 -36.71
C ILE D 37 -36.62 27.12 -37.88
N ARG D 38 -36.11 26.93 -39.10
CA ARG D 38 -36.81 27.36 -40.32
C ARG D 38 -36.98 26.20 -41.30
N GLN D 39 -38.11 26.18 -42.00
CA GLN D 39 -38.45 25.15 -43.00
C GLN D 39 -38.64 25.85 -44.35
N SER D 40 -37.56 25.98 -45.10
CA SER D 40 -37.62 26.54 -46.46
C SER D 40 -38.18 25.48 -47.41
N PRO D 41 -39.00 25.90 -48.39
CA PRO D 41 -39.69 24.93 -49.26
C PRO D 41 -38.72 24.19 -50.19
N GLY D 42 -38.93 22.88 -50.35
CA GLY D 42 -38.03 22.03 -51.13
C GLY D 42 -36.70 21.69 -50.46
N LYS D 43 -36.62 21.88 -49.14
CA LYS D 43 -35.44 21.54 -48.34
C LYS D 43 -35.87 21.05 -46.96
N GLY D 44 -35.00 20.27 -46.30
CA GLY D 44 -35.24 19.83 -44.93
C GLY D 44 -35.02 20.96 -43.93
N LEU D 45 -35.66 20.87 -42.77
CA LEU D 45 -35.61 21.95 -41.77
C LEU D 45 -34.23 22.14 -41.14
N GLU D 46 -33.92 23.41 -40.82
CA GLU D 46 -32.58 23.84 -40.41
C GLU D 46 -32.60 24.54 -39.05
N TRP D 47 -31.84 23.99 -38.10
CA TRP D 47 -31.64 24.61 -36.79
C TRP D 47 -30.67 25.78 -36.96
N ILE D 48 -31.12 27.00 -36.70
CA ILE D 48 -30.33 28.21 -36.99
C ILE D 48 -29.57 28.80 -35.80
N GLY D 49 -30.10 28.62 -34.59
CA GLY D 49 -29.43 29.11 -33.37
C GLY D 49 -30.32 29.08 -32.14
N TYR D 50 -29.70 29.12 -30.96
CA TYR D 50 -30.43 29.11 -29.69
C TYR D 50 -29.91 30.16 -28.70
N ILE D 51 -30.77 30.46 -27.71
CA ILE D 51 -30.50 31.44 -26.66
C ILE D 51 -30.79 30.76 -25.33
N SER D 52 -29.86 30.90 -24.39
CA SER D 52 -29.99 30.26 -23.09
C SER D 52 -30.91 31.05 -22.16
N ASP D 53 -31.22 30.44 -21.03
CA ASP D 53 -31.84 31.14 -19.89
C ASP D 53 -30.91 32.24 -19.33
N ARG D 54 -29.60 32.00 -19.41
CA ARG D 54 -28.57 32.95 -18.93
C ARG D 54 -28.26 34.12 -19.88
N GLU D 55 -28.98 34.24 -21.00
CA GLU D 55 -28.65 35.17 -22.08
C GLU D 55 -27.22 34.93 -22.62
N THR D 56 -27.06 33.76 -23.22
CA THR D 56 -25.87 33.40 -23.97
C THR D 56 -26.31 32.70 -25.25
N THR D 57 -25.97 33.29 -26.38
CA THR D 57 -26.39 32.81 -27.70
C THR D 57 -25.38 31.85 -28.30
N THR D 58 -25.87 30.99 -29.20
CA THR D 58 -25.00 30.18 -30.07
C THR D 58 -25.70 30.04 -31.42
N TYR D 59 -24.93 30.18 -32.51
CA TYR D 59 -25.50 30.19 -33.86
C TYR D 59 -24.92 29.08 -34.73
N ASN D 60 -25.72 28.61 -35.69
CA ASN D 60 -25.31 27.64 -36.70
C ASN D 60 -24.19 28.26 -37.55
N PRO D 61 -23.06 27.54 -37.74
CA PRO D 61 -21.91 28.06 -38.50
C PRO D 61 -22.19 28.61 -39.91
N SER D 62 -23.23 28.13 -40.58
CA SER D 62 -23.62 28.65 -41.92
C SER D 62 -24.22 30.07 -41.85
N LEU D 63 -25.07 30.32 -40.86
CA LEU D 63 -25.80 31.58 -40.71
C LEU D 63 -25.27 32.50 -39.59
N ASN D 64 -24.18 32.11 -38.93
CA ASN D 64 -23.65 32.85 -37.75
C ASN D 64 -23.23 34.29 -38.05
N SER D 65 -22.78 34.52 -39.28
CA SER D 65 -22.39 35.83 -39.77
C SER D 65 -23.55 36.80 -39.88
N ARG D 66 -24.76 36.29 -40.10
CA ARG D 66 -25.93 37.10 -40.40
C ARG D 66 -27.01 37.13 -39.29
N ALA D 67 -26.93 36.20 -38.33
CA ALA D 67 -28.00 36.01 -37.34
C ALA D 67 -27.70 36.65 -35.99
N VAL D 68 -28.75 37.17 -35.36
CA VAL D 68 -28.72 37.56 -33.95
C VAL D 68 -30.08 37.22 -33.32
N ILE D 69 -30.03 36.54 -32.17
CA ILE D 69 -31.22 36.18 -31.40
C ILE D 69 -31.18 36.95 -30.10
N SER D 70 -32.35 37.42 -29.65
CA SER D 70 -32.46 38.15 -28.39
C SER D 70 -33.66 37.68 -27.57
N ARG D 71 -33.63 38.08 -26.30
CA ARG D 71 -34.66 37.75 -25.32
C ARG D 71 -35.07 39.04 -24.62
N ASP D 72 -36.36 39.41 -24.74
CA ASP D 72 -36.90 40.52 -23.96
C ASP D 72 -37.26 40.00 -22.57
N THR D 73 -36.91 40.78 -21.54
CA THR D 73 -37.12 40.37 -20.14
C THR D 73 -38.50 40.80 -19.63
N SER D 74 -38.89 42.04 -19.95
CA SER D 74 -40.19 42.60 -19.53
C SER D 74 -41.36 41.88 -20.18
N LYS D 75 -41.29 41.73 -21.51
CA LYS D 75 -42.27 40.95 -22.27
C LYS D 75 -41.73 39.54 -22.39
N ASN D 76 -42.58 38.53 -22.15
CA ASN D 76 -42.20 37.13 -22.44
C ASN D 76 -42.18 36.94 -23.96
N GLN D 77 -41.11 37.44 -24.58
CA GLN D 77 -40.95 37.37 -26.04
C GLN D 77 -39.48 37.34 -26.43
N LEU D 78 -39.18 36.62 -27.50
CA LEU D 78 -37.84 36.49 -28.04
C LEU D 78 -37.87 36.84 -29.52
N SER D 79 -36.85 37.54 -29.99
CA SER D 79 -36.79 37.97 -31.38
C SER D 79 -35.65 37.28 -32.11
N LEU D 80 -35.76 37.23 -33.43
CA LEU D 80 -34.71 36.76 -34.32
C LEU D 80 -34.54 37.78 -35.41
N GLN D 81 -33.37 38.41 -35.46
CA GLN D 81 -33.00 39.29 -36.57
C GLN D 81 -32.08 38.52 -37.52
N LEU D 82 -32.20 38.83 -38.81
CA LEU D 82 -31.39 38.20 -39.85
C LEU D 82 -31.03 39.25 -40.92
N ARG D 83 -29.75 39.60 -40.99
CA ARG D 83 -29.28 40.70 -41.81
C ARG D 83 -28.91 40.21 -43.22
N SER D 84 -29.11 41.08 -44.21
CA SER D 84 -28.83 40.77 -45.62
C SER D 84 -29.53 39.51 -46.13
N VAL D 85 -30.85 39.46 -45.96
CA VAL D 85 -31.64 38.29 -46.42
C VAL D 85 -31.68 38.20 -47.94
N THR D 86 -31.90 36.98 -48.44
CA THR D 86 -32.01 36.72 -49.88
C THR D 86 -33.22 35.81 -50.14
N THR D 87 -33.42 35.46 -51.40
CA THR D 87 -34.42 34.46 -51.82
C THR D 87 -34.34 33.12 -51.05
N ALA D 88 -33.13 32.71 -50.67
CA ALA D 88 -32.92 31.47 -49.90
C ALA D 88 -33.52 31.51 -48.49
N ASP D 89 -33.53 32.69 -47.86
CA ASP D 89 -34.03 32.85 -46.47
C ASP D 89 -35.56 32.78 -46.32
N THR D 90 -36.27 32.74 -47.45
CA THR D 90 -37.70 32.42 -47.48
C THR D 90 -37.98 31.08 -46.80
N ALA D 91 -38.72 31.11 -45.69
CA ALA D 91 -39.06 29.90 -44.94
C ALA D 91 -40.20 30.11 -43.93
N ILE D 92 -40.67 29.00 -43.36
CA ILE D 92 -41.61 29.00 -42.23
C ILE D 92 -40.74 29.01 -40.97
N TYR D 93 -40.78 30.11 -40.21
CA TYR D 93 -39.92 30.27 -39.03
C TYR D 93 -40.64 29.85 -37.74
N PHE D 94 -40.21 28.72 -37.17
CA PHE D 94 -40.75 28.21 -35.92
C PHE D 94 -39.83 28.62 -34.76
N CYS D 95 -40.42 29.02 -33.64
CA CYS D 95 -39.71 29.14 -32.37
C CYS D 95 -40.09 27.94 -31.49
N ALA D 96 -39.18 27.57 -30.58
CA ALA D 96 -39.42 26.43 -29.70
C ALA D 96 -38.59 26.51 -28.42
N THR D 97 -39.18 26.07 -27.31
CA THR D 97 -38.46 25.99 -26.03
C THR D 97 -37.55 24.75 -26.05
N ALA D 98 -36.24 24.97 -25.94
CA ALA D 98 -35.24 23.90 -25.90
C ALA D 98 -34.90 23.51 -24.46
N ARG D 99 -34.55 22.24 -24.27
CA ARG D 99 -34.15 21.71 -22.95
C ARG D 99 -32.75 21.12 -23.05
N ARG D 100 -31.83 21.60 -22.22
CA ARG D 100 -30.47 21.05 -22.15
C ARG D 100 -30.45 19.82 -21.25
N GLY D 101 -30.15 18.67 -21.83
CA GLY D 101 -29.82 17.45 -21.08
C GLY D 101 -28.33 17.19 -21.24
N GLN D 102 -27.71 16.61 -20.22
CA GLN D 102 -26.31 16.16 -20.31
C GLN D 102 -26.25 14.63 -20.30
N ARG D 103 -25.58 14.07 -21.31
CA ARG D 103 -25.41 12.63 -21.45
C ARG D 103 -24.01 12.28 -20.97
N ILE D 104 -23.95 11.46 -19.91
CA ILE D 104 -22.68 11.09 -19.26
C ILE D 104 -22.45 9.59 -19.51
N TYR D 105 -21.32 9.28 -20.13
CA TYR D 105 -20.96 7.91 -20.50
C TYR D 105 -19.79 7.33 -19.69
N GLY D 106 -19.11 8.16 -18.91
CA GLY D 106 -18.02 7.71 -18.03
C GLY D 106 -17.96 8.53 -16.75
N VAL D 107 -16.75 8.99 -16.41
CA VAL D 107 -16.50 9.72 -15.16
C VAL D 107 -16.62 11.22 -15.38
N VAL D 108 -17.31 11.92 -14.48
CA VAL D 108 -17.61 13.35 -14.66
C VAL D 108 -16.34 14.20 -14.57
N SER D 109 -15.50 13.90 -13.59
CA SER D 109 -14.25 14.62 -13.36
C SER D 109 -13.33 14.70 -14.59
N PHE D 110 -13.26 13.60 -15.33
CA PHE D 110 -12.42 13.50 -16.53
C PHE D 110 -12.97 14.28 -17.74
N GLY D 111 -14.26 14.60 -17.71
CA GLY D 111 -15.00 15.00 -18.90
C GLY D 111 -15.96 13.86 -19.15
N GLU D 112 -15.87 13.24 -20.33
CA GLU D 112 -16.64 12.04 -20.66
C GLU D 112 -18.19 12.23 -20.60
N PHE D 113 -18.64 13.48 -20.73
CA PHE D 113 -20.05 13.81 -20.95
C PHE D 113 -20.15 14.81 -22.10
N PHE D 114 -21.33 14.87 -22.72
CA PHE D 114 -21.64 15.89 -23.74
C PHE D 114 -23.06 16.42 -23.50
N TYR D 115 -23.26 17.70 -23.75
CA TYR D 115 -24.57 18.32 -23.64
C TYR D 115 -25.35 18.10 -24.94
N TYR D 116 -26.65 17.84 -24.82
CA TYR D 116 -27.56 17.76 -25.99
C TYR D 116 -28.83 18.57 -25.71
N TYR D 117 -29.39 19.14 -26.77
CA TYR D 117 -30.60 19.98 -26.68
C TYR D 117 -31.74 19.35 -27.47
N TYR D 118 -32.94 19.40 -26.90
CA TYR D 118 -34.16 18.91 -27.55
C TYR D 118 -35.31 19.89 -27.32
N MET D 119 -36.13 20.09 -28.36
CA MET D 119 -37.16 21.13 -28.36
C MET D 119 -38.57 20.56 -28.15
N ASP D 120 -39.00 20.50 -26.89
CA ASP D 120 -40.28 19.84 -26.52
C ASP D 120 -41.55 20.59 -26.95
N VAL D 121 -41.57 21.91 -26.78
CA VAL D 121 -42.74 22.75 -27.13
C VAL D 121 -42.38 23.68 -28.29
N TRP D 122 -43.14 23.56 -29.39
CA TRP D 122 -42.95 24.38 -30.58
C TRP D 122 -44.04 25.45 -30.68
N GLY D 123 -43.76 26.49 -31.46
CA GLY D 123 -44.77 27.47 -31.86
C GLY D 123 -45.45 27.03 -33.14
N LYS D 124 -46.55 27.71 -33.48
CA LYS D 124 -47.33 27.38 -34.68
C LYS D 124 -46.51 27.55 -35.95
N GLY D 125 -45.89 28.73 -36.07
CA GLY D 125 -44.95 29.04 -37.13
C GLY D 125 -45.45 30.21 -37.95
N THR D 126 -44.52 31.09 -38.34
CA THR D 126 -44.85 32.28 -39.14
C THR D 126 -44.16 32.19 -40.51
N ALA D 127 -44.97 32.24 -41.58
CA ALA D 127 -44.45 32.19 -42.95
C ALA D 127 -43.81 33.53 -43.30
N VAL D 128 -42.65 33.47 -43.93
CA VAL D 128 -41.93 34.67 -44.37
C VAL D 128 -41.39 34.45 -45.79
N THR D 129 -41.88 35.26 -46.73
CA THR D 129 -41.36 35.30 -48.10
C THR D 129 -40.36 36.45 -48.23
N VAL D 130 -39.33 36.25 -49.06
CA VAL D 130 -38.35 37.29 -49.36
C VAL D 130 -38.43 37.59 -50.85
N SER D 131 -38.88 38.79 -51.20
CA SER D 131 -39.12 39.18 -52.60
C SER D 131 -39.07 40.71 -52.78
N SER D 132 -38.48 41.15 -53.89
CA SER D 132 -38.46 42.57 -54.27
C SER D 132 -39.85 43.10 -54.65
N ALA D 133 -40.72 42.20 -55.11
CA ALA D 133 -42.08 42.54 -55.51
C ALA D 133 -42.91 43.13 -54.36
N SER D 134 -43.76 44.10 -54.71
CA SER D 134 -44.56 44.82 -53.74
C SER D 134 -45.73 43.99 -53.25
N THR D 135 -46.36 44.46 -52.18
CA THR D 135 -47.53 43.79 -51.61
C THR D 135 -48.76 44.13 -52.44
N LYS D 136 -49.64 43.14 -52.63
CA LYS D 136 -50.89 43.32 -53.36
C LYS D 136 -52.07 42.86 -52.51
N GLY D 137 -53.12 43.67 -52.44
CA GLY D 137 -54.35 43.31 -51.75
C GLY D 137 -55.17 42.34 -52.59
N PRO D 138 -55.86 41.39 -51.93
CA PRO D 138 -56.72 40.45 -52.65
C PRO D 138 -58.07 41.05 -53.04
N SER D 139 -58.51 40.78 -54.27
CA SER D 139 -59.85 41.14 -54.71
C SER D 139 -60.80 39.98 -54.38
N VAL D 140 -61.84 40.26 -53.59
CA VAL D 140 -62.79 39.24 -53.14
C VAL D 140 -64.10 39.34 -53.95
N PHE D 141 -64.35 38.33 -54.79
CA PHE D 141 -65.61 38.22 -55.54
C PHE D 141 -66.40 37.00 -55.05
N PRO D 142 -67.71 37.17 -54.73
CA PRO D 142 -68.50 36.06 -54.19
C PRO D 142 -68.97 35.06 -55.24
N LEU D 143 -68.85 33.77 -54.93
CA LEU D 143 -69.34 32.68 -55.80
C LEU D 143 -70.74 32.26 -55.40
N ALA D 144 -71.71 32.48 -56.29
CA ALA D 144 -73.12 32.25 -56.00
C ALA D 144 -73.46 30.75 -55.93
N PRO D 145 -74.52 30.38 -55.17
CA PRO D 145 -74.99 28.99 -55.20
C PRO D 145 -75.64 28.61 -56.54
N SER D 146 -75.28 27.44 -57.07
CA SER D 146 -75.86 26.94 -58.33
C SER D 146 -77.31 26.42 -58.18
N SER D 147 -77.77 26.24 -56.94
CA SER D 147 -79.17 25.89 -56.62
C SER D 147 -79.54 24.46 -57.02
N SER D 149 -77.04 22.37 -56.47
CA SER D 149 -75.76 21.74 -56.79
C SER D 149 -75.88 20.21 -56.76
N THR D 150 -76.43 19.70 -55.65
CA THR D 150 -76.73 18.27 -55.48
C THR D 150 -78.21 18.10 -55.11
N SER D 151 -78.64 16.85 -54.99
CA SER D 151 -79.99 16.55 -54.48
C SER D 151 -80.09 17.00 -53.03
N GLY D 152 -81.24 17.54 -52.65
CA GLY D 152 -81.44 18.14 -51.31
C GLY D 152 -81.09 17.20 -50.16
N GLY D 153 -80.60 17.71 -49.03
CA GLY D 153 -80.58 19.15 -48.71
C GLY D 153 -79.47 20.00 -49.32
N THR D 154 -78.29 19.44 -49.53
CA THR D 154 -77.07 20.24 -49.73
C THR D 154 -76.97 21.07 -51.04
N ALA D 155 -76.40 22.26 -50.91
CA ALA D 155 -76.00 23.12 -52.04
C ALA D 155 -74.70 23.84 -51.67
N ALA D 156 -73.95 24.29 -52.67
CA ALA D 156 -72.61 24.85 -52.45
C ALA D 156 -72.48 26.31 -52.88
N LEU D 157 -71.92 27.14 -52.01
CA LEU D 157 -71.54 28.52 -52.32
C LEU D 157 -70.09 28.75 -51.90
N GLY D 158 -69.56 29.94 -52.15
CA GLY D 158 -68.21 30.28 -51.70
C GLY D 158 -67.75 31.69 -52.01
N CYS D 159 -66.46 31.94 -51.74
CA CYS D 159 -65.81 33.21 -52.02
C CYS D 159 -64.48 33.00 -52.76
N LEU D 160 -64.31 33.74 -53.85
CA LEU D 160 -63.07 33.72 -54.63
C LEU D 160 -62.15 34.82 -54.10
N VAL D 161 -60.91 34.46 -53.79
CA VAL D 161 -59.88 35.44 -53.41
C VAL D 161 -58.92 35.53 -54.60
N LYS D 162 -59.08 36.57 -55.41
CA LYS D 162 -58.31 36.73 -56.66
C LYS D 162 -56.89 37.20 -56.35
N ASP D 163 -56.05 37.19 -57.38
CA ASP D 163 -54.59 37.44 -57.27
C ASP D 163 -54.10 38.44 -56.19
N TYR D 164 -53.23 37.95 -55.30
CA TYR D 164 -52.62 38.73 -54.21
C TYR D 164 -51.15 38.32 -54.04
N PHE D 165 -50.44 39.01 -53.15
CA PHE D 165 -49.05 38.64 -52.80
C PHE D 165 -48.64 39.28 -51.47
N PRO D 166 -47.98 38.54 -50.56
CA PRO D 166 -47.65 37.11 -50.68
C PRO D 166 -48.55 36.24 -49.80
N GLU D 167 -48.25 34.95 -49.72
CA GLU D 167 -48.96 34.04 -48.81
C GLU D 167 -48.69 34.45 -47.34
N PRO D 168 -49.61 34.16 -46.41
CA PRO D 168 -50.88 33.48 -46.64
C PRO D 168 -52.09 34.42 -46.53
N VAL D 169 -53.26 33.88 -46.89
CA VAL D 169 -54.56 34.52 -46.64
C VAL D 169 -55.34 33.63 -45.66
N THR D 170 -55.97 34.26 -44.67
CA THR D 170 -56.82 33.57 -43.71
C THR D 170 -58.29 33.90 -44.00
N VAL D 171 -59.12 32.87 -44.18
CA VAL D 171 -60.54 33.02 -44.51
C VAL D 171 -61.40 32.39 -43.42
N SER D 172 -62.42 33.14 -42.96
CA SER D 172 -63.44 32.63 -42.05
C SER D 172 -64.84 33.04 -42.55
N TRP D 173 -65.87 32.48 -41.93
CA TRP D 173 -67.25 32.72 -42.36
C TRP D 173 -68.15 33.18 -41.21
N ASN D 174 -68.83 34.31 -41.42
CA ASN D 174 -69.66 34.99 -40.41
C ASN D 174 -68.86 35.35 -39.15
N SER D 175 -67.63 35.83 -39.35
CA SER D 175 -66.65 36.07 -38.28
C SER D 175 -66.42 34.83 -37.41
N GLY D 176 -66.21 33.69 -38.07
CA GLY D 176 -66.00 32.41 -37.40
C GLY D 176 -67.22 31.81 -36.70
N ALA D 177 -68.42 32.23 -37.10
CA ALA D 177 -69.66 31.70 -36.53
C ALA D 177 -70.03 30.38 -37.20
N LEU D 178 -69.88 30.32 -38.53
CA LEU D 178 -70.14 29.09 -39.29
C LEU D 178 -68.85 28.29 -39.51
N THR D 179 -68.80 27.12 -38.89
CA THR D 179 -67.67 26.18 -39.02
C THR D 179 -68.01 24.92 -39.83
N SER D 180 -69.27 24.50 -39.82
CA SER D 180 -69.72 23.29 -40.52
C SER D 180 -69.73 23.48 -42.04
N GLY D 181 -69.08 22.55 -42.75
CA GLY D 181 -69.06 22.55 -44.22
C GLY D 181 -67.97 23.39 -44.88
N VAL D 182 -67.14 24.07 -44.09
CA VAL D 182 -66.14 25.01 -44.62
C VAL D 182 -64.95 24.22 -45.16
N HIS D 183 -64.40 24.69 -46.28
CA HIS D 183 -63.23 24.07 -46.90
C HIS D 183 -62.49 25.09 -47.78
N THR D 184 -61.46 25.70 -47.21
CA THR D 184 -60.60 26.65 -47.92
C THR D 184 -59.51 25.88 -48.66
N PHE D 185 -59.40 26.10 -49.97
CA PHE D 185 -58.51 25.32 -50.84
C PHE D 185 -57.10 25.92 -50.87
N PRO D 186 -56.10 25.17 -51.38
CA PRO D 186 -54.77 25.74 -51.55
C PRO D 186 -54.74 26.75 -52.68
N ALA D 187 -53.95 27.81 -52.51
CA ALA D 187 -53.82 28.86 -53.52
C ALA D 187 -53.01 28.38 -54.72
N VAL D 188 -53.24 29.02 -55.86
CA VAL D 188 -52.45 28.78 -57.08
C VAL D 188 -51.57 30.00 -57.36
N LEU D 189 -50.28 29.77 -57.54
CA LEU D 189 -49.38 30.82 -58.00
C LEU D 189 -49.56 30.97 -59.50
N GLN D 190 -50.11 32.11 -59.91
CA GLN D 190 -50.39 32.40 -61.31
C GLN D 190 -49.10 32.84 -62.00
N SER D 191 -49.07 32.78 -63.34
CA SER D 191 -47.94 33.28 -64.13
C SER D 191 -47.70 34.79 -63.94
N SER D 192 -48.75 35.51 -63.53
CA SER D 192 -48.65 36.91 -63.06
C SER D 192 -47.65 37.11 -61.92
N GLY D 193 -47.49 36.09 -61.08
CA GLY D 193 -46.68 36.16 -59.87
C GLY D 193 -47.52 36.56 -58.67
N LEU D 194 -48.75 36.03 -58.62
CA LEU D 194 -49.73 36.39 -57.60
C LEU D 194 -50.63 35.19 -57.28
N TYR D 195 -50.80 34.91 -56.00
CA TYR D 195 -51.52 33.71 -55.53
C TYR D 195 -53.03 33.96 -55.55
N SER D 196 -53.82 32.92 -55.81
CA SER D 196 -55.29 33.02 -55.82
C SER D 196 -55.91 31.75 -55.23
N LEU D 197 -56.78 31.90 -54.22
CA LEU D 197 -57.47 30.76 -53.60
C LEU D 197 -58.99 30.88 -53.67
N SER D 198 -59.66 29.81 -53.26
CA SER D 198 -61.12 29.76 -53.14
C SER D 198 -61.49 29.13 -51.81
N SER D 199 -62.53 29.68 -51.16
CA SER D 199 -63.09 29.12 -49.94
C SER D 199 -64.57 28.85 -50.19
N VAL D 200 -65.03 27.66 -49.82
CA VAL D 200 -66.39 27.21 -50.12
C VAL D 200 -67.08 26.61 -48.89
N VAL D 201 -68.39 26.79 -48.81
CA VAL D 201 -69.22 26.24 -47.72
C VAL D 201 -70.38 25.46 -48.31
N THR D 202 -70.53 24.21 -47.86
CA THR D 202 -71.65 23.37 -48.24
C THR D 202 -72.77 23.57 -47.21
N VAL D 203 -73.85 24.23 -47.64
CA VAL D 203 -75.01 24.53 -46.77
C VAL D 203 -76.28 23.87 -47.35
N PRO D 204 -77.27 23.56 -46.48
CA PRO D 204 -78.49 22.97 -47.04
C PRO D 204 -79.30 24.00 -47.84
N SER D 205 -79.92 23.55 -48.93
CA SER D 205 -80.78 24.38 -49.78
C SER D 205 -82.03 24.89 -49.06
N SER D 206 -82.38 24.26 -47.93
CA SER D 206 -83.40 24.81 -47.02
C SER D 206 -82.91 26.08 -46.31
N SER D 207 -81.64 26.09 -45.90
CA SER D 207 -81.04 27.26 -45.23
C SER D 207 -80.96 28.50 -46.13
N LEU D 208 -80.65 28.29 -47.42
CA LEU D 208 -80.72 29.35 -48.43
C LEU D 208 -82.20 29.49 -48.84
N GLY D 209 -82.88 30.60 -48.51
CA GLY D 209 -82.28 31.78 -47.90
C GLY D 209 -83.29 32.80 -47.40
N THR D 210 -82.82 33.95 -46.90
CA THR D 210 -81.39 34.30 -46.85
C THR D 210 -80.82 34.21 -45.44
N GLN D 211 -79.85 33.31 -45.25
CA GLN D 211 -79.10 33.22 -43.99
C GLN D 211 -78.00 34.29 -43.87
N THR D 212 -77.72 35.02 -44.95
CA THR D 212 -76.78 36.15 -44.98
C THR D 212 -75.33 35.71 -44.70
N TYR D 213 -74.82 34.85 -45.60
CA TYR D 213 -73.47 34.30 -45.48
C TYR D 213 -72.42 35.29 -45.98
N ILE D 214 -71.56 35.74 -45.05
CA ILE D 214 -70.48 36.67 -45.33
C ILE D 214 -69.16 35.92 -45.10
N CYS D 215 -68.21 36.07 -46.04
CA CYS D 215 -66.86 35.55 -45.86
C CYS D 215 -65.93 36.68 -45.44
N ASN D 216 -65.13 36.44 -44.39
CA ASN D 216 -64.19 37.43 -43.85
C ASN D 216 -62.76 37.07 -44.24
N VAL D 217 -62.22 37.83 -45.20
CA VAL D 217 -60.86 37.62 -45.72
C VAL D 217 -59.91 38.59 -45.01
N ASN D 218 -58.70 38.12 -44.69
CA ASN D 218 -57.66 38.95 -44.07
C ASN D 218 -56.31 38.64 -44.69
N HIS D 219 -55.62 39.66 -45.18
CA HIS D 219 -54.28 39.56 -45.73
C HIS D 219 -53.36 40.51 -44.94
N LYS D 220 -52.54 39.92 -44.07
CA LYS D 220 -51.72 40.68 -43.10
C LYS D 220 -50.58 41.51 -43.69
N PRO D 221 -49.96 41.05 -44.80
CA PRO D 221 -48.98 41.91 -45.48
C PRO D 221 -49.58 43.19 -46.10
N SER D 222 -50.74 43.06 -46.73
CA SER D 222 -51.42 44.18 -47.40
C SER D 222 -52.25 45.04 -46.43
N ASN D 223 -52.52 44.52 -45.23
CA ASN D 223 -53.34 45.19 -44.21
C ASN D 223 -54.77 45.48 -44.69
N THR D 224 -55.35 44.54 -45.43
CA THR D 224 -56.71 44.67 -45.98
C THR D 224 -57.62 43.57 -45.46
N LYS D 225 -58.60 43.94 -44.62
CA LYS D 225 -59.66 43.03 -44.18
C LYS D 225 -60.90 43.25 -45.05
N VAL D 226 -61.30 42.22 -45.80
CA VAL D 226 -62.41 42.30 -46.74
C VAL D 226 -63.55 41.36 -46.33
N ASP D 227 -64.70 41.93 -45.98
CA ASP D 227 -65.94 41.18 -45.72
C ASP D 227 -66.86 41.33 -46.93
N LYS D 228 -67.34 40.20 -47.46
CA LYS D 228 -68.16 40.18 -48.68
C LYS D 228 -69.38 39.28 -48.52
N LYS D 229 -70.57 39.81 -48.82
CA LYS D 229 -71.81 39.01 -48.83
C LYS D 229 -71.89 38.11 -50.06
N VAL D 230 -72.58 36.98 -49.90
CA VAL D 230 -72.83 36.03 -50.99
C VAL D 230 -74.34 35.81 -51.09
N GLU D 231 -74.87 35.79 -52.32
CA GLU D 231 -76.30 35.75 -52.56
C GLU D 231 -76.65 35.34 -54.00
N PRO D 232 -77.73 34.54 -54.21
CA PRO D 232 -78.09 34.11 -55.57
C PRO D 232 -78.55 35.25 -56.49
N GLU E 1 30.80 -15.88 30.55
CA GLU E 1 31.54 -14.58 30.60
C GLU E 1 30.60 -13.35 30.53
N GLY E 2 29.45 -13.46 31.20
CA GLY E 2 28.42 -12.42 31.26
C GLY E 2 28.24 -11.85 32.65
N GLN E 3 27.46 -10.78 32.76
CA GLN E 3 27.23 -10.06 34.02
C GLN E 3 25.75 -10.01 34.41
N LEU E 4 25.39 -10.68 35.50
CA LEU E 4 24.03 -10.67 36.04
C LEU E 4 23.91 -9.50 37.02
N VAL E 5 22.98 -8.58 36.74
CA VAL E 5 22.75 -7.41 37.60
C VAL E 5 21.33 -7.50 38.17
N GLN E 6 21.24 -7.46 39.50
CA GLN E 6 19.98 -7.63 40.23
C GLN E 6 19.37 -6.30 40.65
N SER E 7 18.13 -6.35 41.13
CA SER E 7 17.42 -5.16 41.62
C SER E 7 18.01 -4.66 42.94
N GLY E 8 17.69 -3.41 43.27
CA GLY E 8 18.19 -2.76 44.48
C GLY E 8 17.60 -3.33 45.77
N ALA E 9 18.27 -3.04 46.88
CA ALA E 9 17.87 -3.54 48.20
C ALA E 9 16.57 -2.90 48.66
N GLU E 10 15.63 -3.73 49.12
CA GLU E 10 14.29 -3.30 49.48
C GLU E 10 13.95 -3.61 50.93
N LEU E 11 13.19 -2.72 51.56
CA LEU E 11 12.58 -2.96 52.86
C LEU E 11 11.10 -3.24 52.67
N LYS E 12 10.61 -4.33 53.26
CA LYS E 12 9.19 -4.66 53.22
C LYS E 12 8.72 -5.10 54.61
N LYS E 13 7.44 -4.85 54.90
CA LYS E 13 6.85 -5.25 56.18
C LYS E 13 6.48 -6.74 56.15
N PRO E 14 6.57 -7.44 57.30
CA PRO E 14 6.19 -8.86 57.34
C PRO E 14 4.72 -9.10 56.99
N GLY E 15 4.47 -10.11 56.17
CA GLY E 15 3.17 -10.33 55.55
C GLY E 15 3.17 -9.90 54.09
N ALA E 16 3.83 -8.78 53.78
CA ALA E 16 3.88 -8.24 52.41
C ALA E 16 4.73 -9.08 51.45
N SER E 17 4.62 -8.76 50.17
CA SER E 17 5.33 -9.46 49.09
C SER E 17 6.39 -8.55 48.47
N VAL E 18 7.38 -9.16 47.83
CA VAL E 18 8.45 -8.44 47.11
C VAL E 18 8.93 -9.23 45.89
N LYS E 19 9.27 -8.51 44.82
CA LYS E 19 9.69 -9.10 43.55
C LYS E 19 11.11 -8.65 43.22
N ILE E 20 12.05 -9.58 43.19
CA ILE E 20 13.46 -9.32 42.89
C ILE E 20 13.75 -9.70 41.45
N SER E 21 14.34 -8.77 40.70
CA SER E 21 14.72 -9.00 39.30
C SER E 21 16.19 -9.40 39.16
N CYS E 22 16.54 -9.88 37.97
CA CYS E 22 17.91 -10.27 37.65
C CYS E 22 18.15 -10.13 36.13
N LYS E 23 18.59 -8.96 35.71
CA LYS E 23 18.91 -8.68 34.31
C LYS E 23 20.25 -9.31 33.92
N THR E 24 20.32 -9.87 32.71
CA THR E 24 21.51 -10.57 32.22
C THR E 24 22.07 -9.92 30.97
N SER E 25 23.33 -10.22 30.68
CA SER E 25 23.98 -9.81 29.44
C SER E 25 25.28 -10.61 29.26
N GLY E 26 25.86 -10.53 28.06
CA GLY E 26 27.15 -11.19 27.76
C GLY E 26 27.11 -12.70 27.49
N TYR E 27 25.91 -13.27 27.40
CA TYR E 27 25.75 -14.69 27.10
C TYR E 27 24.32 -14.95 26.64
N ARG E 28 24.09 -16.11 26.01
CA ARG E 28 22.73 -16.48 25.59
C ARG E 28 21.88 -16.85 26.79
N PHE E 29 21.03 -15.90 27.20
CA PHE E 29 20.14 -16.03 28.38
C PHE E 29 19.29 -17.30 28.36
N ASN E 30 18.73 -17.62 27.20
CA ASN E 30 17.95 -18.84 27.00
C ASN E 30 18.71 -20.14 27.30
N PHE E 31 20.02 -20.15 27.07
CA PHE E 31 20.81 -21.39 27.13
C PHE E 31 21.10 -21.96 28.52
N TYR E 32 20.99 -21.13 29.56
CA TYR E 32 21.35 -21.53 30.91
C TYR E 32 20.23 -21.25 31.88
N HIS E 33 20.08 -22.15 32.86
CA HIS E 33 19.06 -22.00 33.89
C HIS E 33 19.41 -20.80 34.75
N ILE E 34 18.44 -20.32 35.52
CA ILE E 34 18.67 -19.22 36.46
C ILE E 34 18.29 -19.66 37.88
N ASN E 35 19.30 -19.99 38.68
CA ASN E 35 19.09 -20.40 40.08
C ASN E 35 18.85 -19.19 40.97
N TRP E 36 18.12 -19.43 42.06
CA TRP E 36 17.88 -18.44 43.10
C TRP E 36 18.28 -19.00 44.47
N ILE E 37 19.23 -18.33 45.14
CA ILE E 37 19.79 -18.79 46.42
C ILE E 37 19.88 -17.60 47.39
N ARG E 38 19.50 -17.84 48.65
CA ARG E 38 19.55 -16.82 49.70
C ARG E 38 20.48 -17.23 50.84
N GLN E 39 20.97 -16.23 51.58
CA GLN E 39 21.77 -16.45 52.78
C GLN E 39 21.22 -15.61 53.94
N THR E 40 20.77 -16.28 54.99
CA THR E 40 20.35 -15.65 56.24
C THR E 40 21.29 -16.11 57.36
N ALA E 41 21.52 -15.25 58.35
CA ALA E 41 22.44 -15.56 59.46
C ALA E 41 22.01 -16.77 60.30
N GLY E 42 20.70 -16.95 60.46
CA GLY E 42 20.15 -18.07 61.21
C GLY E 42 20.25 -19.41 60.51
N ARG E 43 19.84 -19.44 59.25
CA ARG E 43 19.75 -20.70 58.47
C ARG E 43 20.96 -20.99 57.58
N GLY E 44 21.82 -19.99 57.34
CA GLY E 44 22.97 -20.15 56.44
C GLY E 44 22.57 -20.07 54.97
N PRO E 45 23.47 -20.47 54.05
CA PRO E 45 23.11 -20.46 52.63
C PRO E 45 22.09 -21.55 52.29
N GLU E 46 21.05 -21.17 51.56
CA GLU E 46 19.91 -22.03 51.30
C GLU E 46 19.43 -21.85 49.86
N TRP E 47 19.53 -22.91 49.06
CA TRP E 47 19.05 -22.91 47.67
C TRP E 47 17.52 -22.90 47.67
N MET E 48 16.93 -22.03 46.84
CA MET E 48 15.48 -21.85 46.80
C MET E 48 14.88 -22.54 45.56
N GLY E 49 15.42 -22.25 44.39
CA GLY E 49 14.95 -22.86 43.15
C GLY E 49 15.77 -22.50 41.92
N TRP E 50 15.43 -23.12 40.79
CA TRP E 50 15.89 -22.65 39.47
C TRP E 50 14.76 -22.66 38.45
N ILE E 51 14.99 -21.93 37.35
CA ILE E 51 14.05 -21.85 36.23
C ILE E 51 14.80 -21.87 34.90
N SER E 52 14.21 -22.53 33.90
CA SER E 52 14.75 -22.62 32.54
C SER E 52 14.08 -21.55 31.66
N PRO E 53 14.86 -20.55 31.19
CA PRO E 53 14.26 -19.58 30.26
C PRO E 53 13.85 -20.15 28.90
N TYR E 54 14.50 -21.24 28.48
CA TYR E 54 14.15 -21.92 27.23
C TYR E 54 12.82 -22.66 27.38
N SER E 55 12.77 -23.63 28.29
CA SER E 55 11.59 -24.50 28.44
C SER E 55 10.49 -23.90 29.33
N GLY E 56 10.86 -23.03 30.26
CA GLY E 56 9.92 -22.52 31.27
C GLY E 56 9.76 -23.43 32.47
N ASP E 57 10.55 -24.49 32.53
CA ASP E 57 10.46 -25.47 33.62
C ASP E 57 11.16 -24.93 34.84
N LYS E 58 10.58 -25.22 36.00
CA LYS E 58 11.08 -24.75 37.29
C LYS E 58 11.13 -25.88 38.31
N ASN E 59 12.12 -25.84 39.20
CA ASN E 59 12.21 -26.77 40.33
C ASN E 59 12.50 -25.97 41.60
N LEU E 60 11.50 -25.90 42.48
CA LEU E 60 11.61 -25.20 43.75
C LEU E 60 11.87 -26.20 44.87
N ALA E 61 12.54 -25.72 45.92
CA ALA E 61 12.71 -26.51 47.14
C ALA E 61 11.37 -26.53 47.88
N PRO E 62 11.06 -27.64 48.60
CA PRO E 62 9.79 -27.72 49.35
C PRO E 62 9.57 -26.62 50.39
N ALA E 63 10.67 -26.07 50.94
CA ALA E 63 10.59 -24.92 51.86
C ALA E 63 10.01 -23.67 51.18
N PHE E 64 10.34 -23.48 49.89
CA PHE E 64 9.90 -22.31 49.12
C PHE E 64 8.89 -22.62 48.01
N GLN E 65 8.41 -23.87 47.92
CA GLN E 65 7.46 -24.29 46.88
C GLN E 65 6.08 -23.63 47.04
N ASP E 66 5.71 -23.32 48.27
CA ASP E 66 4.41 -22.72 48.59
C ASP E 66 4.41 -21.19 48.46
N ARG E 67 5.60 -20.57 48.49
CA ARG E 67 5.71 -19.10 48.64
C ARG E 67 6.49 -18.33 47.56
N VAL E 68 7.27 -19.02 46.72
CA VAL E 68 8.08 -18.36 45.69
C VAL E 68 7.51 -18.63 44.29
N ILE E 69 7.51 -17.61 43.45
CA ILE E 69 7.05 -17.70 42.07
C ILE E 69 8.16 -17.13 41.17
N MET E 70 8.82 -18.02 40.41
CA MET E 70 9.88 -17.63 39.49
C MET E 70 9.34 -17.42 38.09
N THR E 71 9.83 -16.39 37.41
CA THR E 71 9.44 -16.09 36.02
C THR E 71 10.62 -15.55 35.23
N THR E 72 10.47 -15.55 33.89
CA THR E 72 11.49 -15.06 32.97
C THR E 72 10.87 -14.41 31.72
N ASP E 73 11.39 -13.25 31.33
CA ASP E 73 11.08 -12.66 30.02
C ASP E 73 11.89 -13.38 28.95
N THR E 74 11.41 -13.33 27.71
CA THR E 74 12.16 -13.86 26.56
C THR E 74 13.32 -12.92 26.22
N GLU E 75 14.37 -13.49 25.65
CA GLU E 75 15.62 -12.75 25.43
C GLU E 75 15.54 -11.76 24.27
N VAL E 76 16.32 -10.67 24.38
CA VAL E 76 16.52 -9.69 23.31
C VAL E 76 17.92 -9.93 22.72
N PRO E 77 18.01 -10.44 21.47
CA PRO E 77 19.33 -10.72 20.90
C PRO E 77 20.18 -9.47 20.64
N VAL E 78 21.48 -9.57 20.93
CA VAL E 78 22.48 -8.51 20.68
C VAL E 78 23.38 -8.92 19.51
N THR E 79 23.96 -10.12 19.62
CA THR E 79 24.69 -10.77 18.54
C THR E 79 24.16 -12.19 18.38
N SER E 80 24.72 -12.95 17.44
CA SER E 80 24.31 -14.34 17.22
C SER E 80 24.54 -15.26 18.44
N PHE E 81 25.61 -15.00 19.21
CA PHE E 81 25.97 -15.82 20.39
C PHE E 81 25.87 -15.10 21.74
N THR E 82 25.27 -13.91 21.78
CA THR E 82 24.94 -13.24 23.06
C THR E 82 23.56 -12.59 22.99
N SER E 83 23.01 -12.33 24.16
CA SER E 83 21.68 -11.70 24.27
C SER E 83 21.50 -11.09 25.65
N THR E 84 20.40 -10.35 25.82
CA THR E 84 20.05 -9.73 27.10
C THR E 84 18.65 -10.16 27.51
N GLY E 85 18.53 -10.66 28.74
CA GLY E 85 17.26 -11.14 29.28
C GLY E 85 16.98 -10.63 30.68
N ALA E 86 16.03 -11.29 31.34
CA ALA E 86 15.64 -10.94 32.70
C ALA E 86 14.90 -12.11 33.35
N ALA E 87 15.24 -12.39 34.60
CA ALA E 87 14.58 -13.44 35.40
C ALA E 87 14.10 -12.82 36.71
N TYR E 88 12.86 -13.13 37.09
CA TYR E 88 12.25 -12.58 38.29
C TYR E 88 11.94 -13.68 39.30
N MET E 89 11.86 -13.28 40.57
CA MET E 89 11.42 -14.14 41.67
C MET E 89 10.56 -13.31 42.62
N GLU E 90 9.27 -13.66 42.71
CA GLU E 90 8.35 -13.03 43.64
C GLU E 90 8.23 -13.93 44.88
N ILE E 91 8.49 -13.34 46.05
CA ILE E 91 8.46 -14.06 47.34
C ILE E 91 7.37 -13.40 48.21
N ARG E 92 6.48 -14.22 48.78
CA ARG E 92 5.29 -13.76 49.51
C ARG E 92 5.23 -14.34 50.93
N ASN E 93 4.38 -13.73 51.76
CA ASN E 93 4.25 -14.07 53.18
C ASN E 93 5.60 -13.96 53.90
N LEU E 94 6.19 -12.77 53.82
CA LEU E 94 7.51 -12.51 54.40
C LEU E 94 7.45 -12.52 55.92
N LYS E 95 8.52 -13.03 56.54
CA LYS E 95 8.70 -13.06 57.99
C LYS E 95 10.08 -12.47 58.32
N PHE E 96 10.33 -12.22 59.60
CA PHE E 96 11.60 -11.63 60.04
C PHE E 96 12.82 -12.48 59.66
N ASP E 97 12.69 -13.81 59.80
CA ASP E 97 13.78 -14.74 59.46
C ASP E 97 14.08 -14.90 57.95
N ASP E 98 13.23 -14.34 57.09
CA ASP E 98 13.51 -14.21 55.66
C ASP E 98 14.48 -13.05 55.32
N THR E 99 14.78 -12.20 56.30
CA THR E 99 15.78 -11.13 56.13
C THR E 99 17.17 -11.71 55.81
N GLY E 100 17.76 -11.26 54.71
CA GLY E 100 19.09 -11.71 54.28
C GLY E 100 19.50 -11.16 52.93
N THR E 101 20.45 -11.86 52.29
CA THR E 101 20.93 -11.51 50.95
C THR E 101 20.50 -12.60 49.95
N TYR E 102 19.86 -12.19 48.85
CA TYR E 102 19.34 -13.10 47.82
C TYR E 102 20.15 -12.96 46.53
N PHE E 103 20.56 -14.09 45.96
CA PHE E 103 21.35 -14.13 44.73
C PHE E 103 20.59 -14.81 43.59
N CYS E 104 20.83 -14.34 42.36
CA CYS E 104 20.46 -15.06 41.14
C CYS E 104 21.75 -15.60 40.54
N ALA E 105 21.66 -16.77 39.88
CA ALA E 105 22.84 -17.43 39.37
C ALA E 105 22.59 -18.18 38.05
N LYS E 106 23.45 -17.91 37.06
CA LYS E 106 23.42 -18.61 35.77
C LYS E 106 23.91 -20.06 35.94
N GLY E 107 23.32 -20.99 35.18
CA GLY E 107 23.73 -22.40 35.17
C GLY E 107 25.12 -22.63 34.59
N LEU E 108 25.68 -23.79 34.87
CA LEU E 108 27.07 -24.10 34.47
C LEU E 108 27.17 -24.51 33.01
N LEU E 109 26.41 -25.55 32.65
CA LEU E 109 26.44 -26.14 31.31
C LEU E 109 25.06 -26.14 30.67
N ARG E 110 25.05 -26.29 29.34
CA ARG E 110 23.82 -26.47 28.58
C ARG E 110 23.28 -27.89 28.74
N ASP E 111 24.16 -28.89 28.63
CA ASP E 111 23.80 -30.31 28.78
C ASP E 111 24.74 -30.99 29.80
N GLY E 112 24.35 -32.17 30.26
CA GLY E 112 25.17 -32.99 31.16
C GLY E 112 24.52 -33.27 32.50
N SER E 113 25.33 -33.75 33.44
CA SER E 113 24.86 -34.11 34.78
C SER E 113 24.76 -32.92 35.73
N SER E 114 25.32 -31.77 35.35
CA SER E 114 25.29 -30.55 36.17
C SER E 114 25.08 -29.34 35.26
N THR E 115 23.89 -29.28 34.68
CA THR E 115 23.51 -28.20 33.76
C THR E 115 23.15 -26.94 34.53
N TRP E 116 22.17 -27.09 35.41
CA TRP E 116 21.64 -26.01 36.24
C TRP E 116 22.63 -25.44 37.29
N LEU E 117 23.60 -26.24 37.71
CA LEU E 117 24.49 -25.89 38.83
C LEU E 117 24.96 -24.42 38.74
N PRO E 118 24.70 -23.61 39.79
CA PRO E 118 24.95 -22.16 39.71
C PRO E 118 26.43 -21.78 39.58
N TYR E 119 26.78 -21.17 38.45
CA TYR E 119 28.17 -20.90 38.07
C TYR E 119 28.52 -19.41 38.16
N LEU E 120 27.74 -18.58 37.48
CA LEU E 120 27.92 -17.12 37.50
C LEU E 120 26.84 -16.48 38.36
N TRP E 121 27.28 -15.71 39.36
CA TRP E 121 26.39 -15.15 40.37
C TRP E 121 26.30 -13.63 40.26
N GLY E 122 25.14 -13.08 40.61
CA GLY E 122 24.95 -11.64 40.65
C GLY E 122 25.59 -11.01 41.87
N GLN E 123 25.54 -9.67 41.93
CA GLN E 123 26.09 -8.92 43.07
C GLN E 123 25.29 -9.15 44.36
N GLY E 124 24.00 -9.49 44.24
CA GLY E 124 23.17 -9.85 45.38
C GLY E 124 22.25 -8.71 45.81
N THR E 125 21.05 -9.09 46.28
CA THR E 125 20.01 -8.15 46.69
C THR E 125 19.74 -8.34 48.18
N LEU E 126 19.92 -7.28 48.97
CA LEU E 126 19.68 -7.31 50.41
C LEU E 126 18.20 -7.05 50.71
N LEU E 127 17.52 -8.06 51.24
CA LEU E 127 16.12 -7.93 51.69
C LEU E 127 16.09 -7.82 53.20
N THR E 128 15.43 -6.77 53.71
CA THR E 128 15.16 -6.62 55.14
C THR E 128 13.64 -6.70 55.38
N VAL E 129 13.24 -7.58 56.29
CA VAL E 129 11.84 -7.73 56.70
C VAL E 129 11.70 -7.17 58.11
N SER E 130 10.98 -6.06 58.25
CA SER E 130 10.83 -5.38 59.55
C SER E 130 9.59 -4.49 59.60
N SER E 131 8.91 -4.48 60.75
CA SER E 131 7.75 -3.60 60.99
C SER E 131 8.15 -2.13 61.14
N ALA E 132 9.42 -1.87 61.49
CA ALA E 132 9.94 -0.52 61.58
C ALA E 132 10.00 0.14 60.20
N SER E 133 9.70 1.44 60.15
CA SER E 133 9.75 2.20 58.92
C SER E 133 11.19 2.64 58.61
N THR E 134 11.39 3.14 57.40
CA THR E 134 12.70 3.57 56.92
C THR E 134 13.16 4.84 57.63
N LYS E 135 14.46 4.93 57.92
CA LYS E 135 15.07 6.13 58.50
C LYS E 135 16.32 6.51 57.69
N GLY E 136 16.38 7.77 57.26
CA GLY E 136 17.53 8.28 56.53
C GLY E 136 18.71 8.56 57.44
N PRO E 137 19.94 8.48 56.90
CA PRO E 137 21.15 8.73 57.71
C PRO E 137 21.35 10.21 58.06
N SER E 138 22.21 10.45 59.04
CA SER E 138 22.71 11.79 59.34
C SER E 138 24.21 11.77 59.10
N VAL E 139 24.65 12.43 58.02
CA VAL E 139 26.06 12.39 57.60
C VAL E 139 26.82 13.54 58.27
N PHE E 140 27.87 13.19 59.00
CA PHE E 140 28.75 14.16 59.67
C PHE E 140 30.15 14.08 59.07
N PRO E 141 30.80 15.24 58.84
CA PRO E 141 32.18 15.22 58.31
C PRO E 141 33.21 14.90 59.40
N LEU E 142 34.01 13.84 59.18
CA LEU E 142 35.12 13.50 60.08
C LEU E 142 36.30 14.42 59.78
N ALA E 143 36.74 15.16 60.80
CA ALA E 143 37.82 16.15 60.64
C ALA E 143 39.16 15.45 60.35
N PRO E 144 40.03 16.08 59.52
CA PRO E 144 41.32 15.45 59.19
C PRO E 144 42.20 15.13 60.41
N SER E 145 42.83 13.95 60.39
CA SER E 145 43.72 13.48 61.45
C SER E 145 45.08 13.09 60.86
N SER E 146 46.16 13.44 61.57
CA SER E 146 47.52 13.24 61.07
C SER E 146 47.96 11.77 61.15
N LYS E 147 48.40 11.22 60.02
CA LYS E 147 48.86 9.82 59.93
C LYS E 147 50.38 9.72 60.07
N SER E 148 51.11 10.64 59.42
CA SER E 148 52.56 10.73 59.55
C SER E 148 53.02 12.17 59.25
N THR E 149 53.61 12.83 60.25
CA THR E 149 54.09 14.21 60.12
C THR E 149 55.33 14.29 59.20
N SER E 150 56.26 13.37 59.38
CA SER E 150 57.46 13.28 58.53
C SER E 150 57.13 12.83 57.12
N GLY E 151 56.27 11.82 56.99
CA GLY E 151 55.79 11.36 55.68
C GLY E 151 54.91 12.37 54.95
N GLY E 152 54.17 13.18 55.70
CA GLY E 152 53.27 14.17 55.11
C GLY E 152 52.02 13.53 54.56
N THR E 153 51.35 12.74 55.40
CA THR E 153 50.09 12.06 55.04
C THR E 153 49.04 12.31 56.12
N ALA E 154 47.76 12.21 55.73
CA ALA E 154 46.62 12.44 56.63
C ALA E 154 45.42 11.59 56.25
N ALA E 155 44.44 11.50 57.16
CA ALA E 155 43.23 10.70 56.97
C ALA E 155 41.97 11.50 57.31
N LEU E 156 41.05 11.60 56.34
CA LEU E 156 39.78 12.32 56.48
C LEU E 156 38.63 11.47 55.94
N GLY E 157 37.40 11.78 56.35
CA GLY E 157 36.25 10.95 55.96
C GLY E 157 34.88 11.49 56.29
N CYS E 158 33.88 10.59 56.27
CA CYS E 158 32.48 10.92 56.59
C CYS E 158 31.86 9.82 57.45
N LEU E 159 31.13 10.25 58.49
CA LEU E 159 30.44 9.34 59.42
C LEU E 159 28.95 9.29 59.08
N VAL E 160 28.45 8.09 58.79
CA VAL E 160 27.03 7.87 58.49
C VAL E 160 26.38 7.26 59.73
N LYS E 161 25.59 8.08 60.44
CA LYS E 161 25.02 7.70 61.74
C LYS E 161 23.51 7.54 61.68
N ASP E 162 23.01 6.53 62.41
CA ASP E 162 21.58 6.21 62.54
C ASP E 162 20.79 6.22 61.23
N TYR E 163 20.93 5.13 60.48
CA TYR E 163 20.13 4.88 59.28
C TYR E 163 19.51 3.49 59.38
N PHE E 164 18.44 3.28 58.63
CA PHE E 164 17.72 2.01 58.63
C PHE E 164 16.89 1.88 57.36
N PRO E 165 16.96 0.76 56.63
CA PRO E 165 17.82 -0.40 56.90
C PRO E 165 19.12 -0.33 56.11
N GLU E 166 19.87 -1.43 56.07
CA GLU E 166 20.98 -1.58 55.13
C GLU E 166 20.45 -1.63 53.68
N PRO E 167 21.26 -1.28 52.67
CA PRO E 167 22.63 -0.79 52.81
C PRO E 167 22.78 0.67 52.39
N VAL E 168 23.93 1.23 52.71
CA VAL E 168 24.33 2.56 52.25
C VAL E 168 25.61 2.38 51.42
N THR E 169 25.72 3.16 50.36
CA THR E 169 26.91 3.18 49.50
C THR E 169 27.55 4.56 49.53
N VAL E 170 28.88 4.60 49.64
CA VAL E 170 29.65 5.84 49.74
C VAL E 170 30.67 5.89 48.61
N SER E 171 30.67 7.00 47.86
CA SER E 171 31.66 7.26 46.81
C SER E 171 32.24 8.66 46.97
N TRP E 172 33.45 8.86 46.45
CA TRP E 172 34.18 10.13 46.60
C TRP E 172 34.37 10.84 45.26
N ASN E 173 34.00 12.12 45.21
CA ASN E 173 34.07 12.96 44.01
C ASN E 173 33.33 12.35 42.81
N SER E 174 32.17 11.75 43.09
CA SER E 174 31.35 11.02 42.10
C SER E 174 32.12 9.87 41.40
N GLY E 175 32.91 9.14 42.18
CA GLY E 175 33.70 8.00 41.68
C GLY E 175 35.07 8.34 41.09
N ALA E 176 35.45 9.62 41.07
CA ALA E 176 36.76 10.04 40.55
C ALA E 176 37.88 9.68 41.51
N LEU E 177 37.63 9.85 42.80
CA LEU E 177 38.57 9.44 43.85
C LEU E 177 38.17 8.05 44.36
N THR E 178 38.99 7.05 44.03
CA THR E 178 38.85 5.67 44.55
C THR E 178 40.07 5.17 45.35
N SER E 179 41.25 5.77 45.13
CA SER E 179 42.50 5.32 45.78
C SER E 179 42.57 5.75 47.24
N GLY E 180 42.91 4.80 48.11
CA GLY E 180 43.06 5.06 49.55
C GLY E 180 41.78 5.05 50.36
N VAL E 181 40.62 4.82 49.72
CA VAL E 181 39.33 4.88 50.40
C VAL E 181 39.13 3.57 51.17
N HIS E 182 38.63 3.69 52.40
CA HIS E 182 38.40 2.54 53.27
C HIS E 182 37.05 2.69 54.01
N THR E 183 36.00 2.10 53.44
CA THR E 183 34.68 2.07 54.07
C THR E 183 34.62 0.89 55.03
N PHE E 184 34.08 1.14 56.23
CA PHE E 184 34.00 0.12 57.29
C PHE E 184 32.58 -0.42 57.42
N PRO E 185 32.42 -1.67 57.89
CA PRO E 185 31.07 -2.21 58.13
C PRO E 185 30.28 -1.45 59.19
N ALA E 186 28.96 -1.52 59.10
CA ALA E 186 28.07 -0.80 60.01
C ALA E 186 27.99 -1.47 61.38
N VAL E 187 27.63 -0.68 62.38
CA VAL E 187 27.37 -1.18 63.74
C VAL E 187 25.86 -1.31 63.96
N LEU E 188 25.46 -2.35 64.68
CA LEU E 188 24.07 -2.57 65.04
C LEU E 188 23.81 -1.99 66.43
N GLN E 189 23.13 -0.83 66.48
CA GLN E 189 22.79 -0.17 67.76
C GLN E 189 21.76 -0.97 68.53
N SER E 190 21.62 -0.68 69.82
CA SER E 190 20.57 -1.30 70.66
C SER E 190 19.16 -0.93 70.18
N SER E 191 19.01 0.30 69.67
CA SER E 191 17.74 0.78 69.11
C SER E 191 17.24 0.00 67.88
N GLY E 192 18.18 -0.56 67.10
CA GLY E 192 17.86 -1.25 65.85
C GLY E 192 18.16 -0.44 64.59
N LEU E 193 18.97 0.62 64.72
CA LEU E 193 19.41 1.44 63.59
C LEU E 193 20.90 1.21 63.33
N TYR E 194 21.28 1.21 62.05
CA TYR E 194 22.67 0.99 61.65
C TYR E 194 23.45 2.30 61.57
N SER E 195 24.78 2.19 61.61
CA SER E 195 25.68 3.34 61.51
C SER E 195 27.07 2.88 61.08
N LEU E 196 27.62 3.51 60.03
CA LEU E 196 28.95 3.14 59.50
C LEU E 196 29.81 4.37 59.28
N SER E 197 31.10 4.12 59.02
CA SER E 197 32.07 5.18 58.75
C SER E 197 32.88 4.87 57.51
N SER E 198 33.30 5.94 56.82
CA SER E 198 34.16 5.83 55.64
C SER E 198 35.29 6.86 55.78
N VAL E 199 36.52 6.43 55.48
CA VAL E 199 37.71 7.27 55.61
C VAL E 199 38.63 7.09 54.40
N VAL E 200 39.28 8.17 53.97
CA VAL E 200 40.23 8.17 52.86
C VAL E 200 41.56 8.78 53.34
N THR E 201 42.67 8.15 52.97
CA THR E 201 44.00 8.59 53.38
C THR E 201 44.70 9.32 52.22
N VAL E 202 45.08 10.58 52.46
CA VAL E 202 45.61 11.47 51.41
C VAL E 202 46.87 12.21 51.87
N PRO E 203 47.66 12.78 50.93
CA PRO E 203 48.78 13.64 51.32
C PRO E 203 48.34 14.95 52.00
N SER E 204 49.08 15.39 53.01
CA SER E 204 48.77 16.61 53.78
C SER E 204 48.96 17.91 52.97
N SER E 205 49.80 17.85 51.93
CA SER E 205 50.01 18.99 51.04
C SER E 205 48.82 19.32 50.13
N SER E 206 48.02 18.31 49.76
CA SER E 206 46.89 18.48 48.84
C SER E 206 45.63 19.00 49.56
N LEU E 207 45.61 20.31 49.82
CA LEU E 207 44.46 20.99 50.46
C LEU E 207 43.75 21.93 49.47
N GLY E 208 44.52 22.85 48.88
CA GLY E 208 44.01 23.78 47.87
C GLY E 208 44.23 23.35 46.42
N THR E 209 44.51 22.06 46.20
CA THR E 209 44.67 21.49 44.85
C THR E 209 43.66 20.39 44.49
N GLN E 210 43.02 19.76 45.49
CA GLN E 210 42.05 18.68 45.26
C GLN E 210 40.79 18.89 46.09
N THR E 211 39.63 18.56 45.51
CA THR E 211 38.33 18.65 46.18
C THR E 211 37.95 17.27 46.74
N TYR E 212 37.54 17.23 48.01
CA TYR E 212 37.09 16.00 48.69
C TYR E 212 35.61 16.07 49.04
N ILE E 213 34.76 15.41 48.25
CA ILE E 213 33.30 15.37 48.46
C ILE E 213 32.86 13.92 48.61
N CYS E 214 32.40 13.53 49.80
CA CYS E 214 31.83 12.20 50.02
C CYS E 214 30.35 12.20 49.59
N ASN E 215 29.97 11.19 48.80
CA ASN E 215 28.61 11.07 48.28
C ASN E 215 27.91 9.86 48.91
N VAL E 216 27.12 10.12 49.95
CA VAL E 216 26.40 9.07 50.69
C VAL E 216 25.03 8.85 50.03
N ASN E 217 24.79 7.63 49.56
CA ASN E 217 23.50 7.26 48.95
C ASN E 217 22.81 6.18 49.78
N HIS E 218 21.65 6.54 50.33
CA HIS E 218 20.76 5.60 51.03
C HIS E 218 19.53 5.41 50.15
N LYS E 219 19.53 4.34 49.36
CA LYS E 219 18.51 4.07 48.36
C LYS E 219 17.13 3.73 48.93
N PRO E 220 17.06 3.03 50.09
CA PRO E 220 15.75 2.77 50.72
C PRO E 220 14.94 4.02 51.05
N SER E 221 15.57 5.00 51.70
CA SER E 221 14.93 6.29 51.99
C SER E 221 14.86 7.23 50.78
N ASN E 222 15.68 6.94 49.76
CA ASN E 222 15.74 7.71 48.52
C ASN E 222 16.34 9.09 48.78
N THR E 223 17.44 9.10 49.55
CA THR E 223 18.12 10.32 49.96
C THR E 223 19.59 10.23 49.55
N LYS E 224 20.11 11.33 48.98
CA LYS E 224 21.51 11.45 48.60
C LYS E 224 22.11 12.66 49.33
N VAL E 225 23.25 12.45 50.00
CA VAL E 225 23.91 13.51 50.78
C VAL E 225 25.33 13.72 50.25
N ASP E 226 25.64 14.96 49.83
CA ASP E 226 26.96 15.33 49.34
C ASP E 226 27.63 16.29 50.34
N LYS E 227 28.39 15.74 51.28
CA LYS E 227 29.08 16.53 52.32
C LYS E 227 30.51 16.87 51.91
N ARG E 228 30.85 18.16 51.98
CA ARG E 228 32.22 18.64 51.77
C ARG E 228 32.96 18.52 53.10
N VAL E 229 34.10 17.81 53.09
CA VAL E 229 34.86 17.52 54.31
C VAL E 229 35.72 18.73 54.70
N SER F 2 21.53 -27.70 58.87
CA SER F 2 21.52 -28.49 57.58
C SER F 2 21.91 -29.95 57.80
N VAL F 3 21.30 -30.83 57.00
CA VAL F 3 21.54 -32.29 57.10
C VAL F 3 22.90 -32.76 56.53
N LEU F 4 23.56 -31.91 55.75
CA LEU F 4 24.89 -32.20 55.19
C LEU F 4 25.97 -31.53 56.06
N THR F 5 26.77 -32.36 56.75
CA THR F 5 27.73 -31.88 57.76
C THR F 5 29.15 -31.74 57.20
N GLN F 6 29.78 -30.60 57.48
CA GLN F 6 31.19 -30.36 57.15
C GLN F 6 32.02 -30.23 58.43
N SER F 7 33.34 -30.12 58.25
CA SER F 7 34.24 -29.77 59.34
C SER F 7 33.97 -28.33 59.73
N ALA F 8 33.63 -28.10 61.01
CA ALA F 8 33.30 -26.75 61.51
C ALA F 8 34.44 -25.75 61.32
N SER F 9 35.68 -26.23 61.48
CA SER F 9 36.87 -25.47 61.11
C SER F 9 37.99 -26.41 60.69
N VAL F 10 39.00 -25.87 60.03
CA VAL F 10 40.21 -26.63 59.69
C VAL F 10 41.36 -25.65 59.44
N SER F 11 42.58 -26.12 59.66
CA SER F 11 43.78 -25.30 59.47
C SER F 11 44.85 -26.02 58.65
N GLY F 12 45.66 -25.22 57.97
CA GLY F 12 46.80 -25.71 57.19
C GLY F 12 47.87 -24.63 57.08
N SER F 13 49.13 -25.05 56.99
CA SER F 13 50.25 -24.11 56.94
C SER F 13 50.40 -23.46 55.57
N LEU F 14 51.17 -22.37 55.52
CA LEU F 14 51.48 -21.68 54.27
C LEU F 14 52.41 -22.54 53.42
N GLY F 15 52.11 -22.66 52.13
CA GLY F 15 52.83 -23.55 51.22
C GLY F 15 52.58 -25.03 51.49
N GLN F 16 51.41 -25.34 52.04
CA GLN F 16 51.02 -26.72 52.40
C GLN F 16 49.57 -26.95 51.94
N SER F 17 49.10 -28.19 52.06
CA SER F 17 47.72 -28.55 51.68
C SER F 17 46.79 -28.66 52.89
N VAL F 18 45.48 -28.72 52.63
CA VAL F 18 44.46 -28.88 53.67
C VAL F 18 43.23 -29.59 53.10
N THR F 19 42.57 -30.40 53.93
CA THR F 19 41.41 -31.20 53.52
C THR F 19 40.16 -30.79 54.29
N ILE F 20 39.05 -30.60 53.56
CA ILE F 20 37.74 -30.29 54.16
C ILE F 20 36.76 -31.43 53.85
N SER F 21 36.18 -32.02 54.89
CA SER F 21 35.24 -33.13 54.73
C SER F 21 33.81 -32.63 54.48
N CYS F 22 33.01 -33.50 53.88
CA CYS F 22 31.59 -33.22 53.64
C CYS F 22 30.81 -34.55 53.63
N THR F 23 30.17 -34.85 54.76
CA THR F 23 29.40 -36.09 54.92
C THR F 23 28.01 -35.83 55.47
N GLY F 24 27.18 -36.86 55.46
CA GLY F 24 25.83 -36.79 55.99
C GLY F 24 25.16 -38.15 56.02
N PRO F 25 23.83 -38.18 56.20
CA PRO F 25 23.06 -39.41 56.01
C PRO F 25 23.04 -39.87 54.55
N ASN F 26 22.82 -41.17 54.32
CA ASN F 26 22.73 -41.71 52.96
C ASN F 26 21.58 -41.13 52.12
N SER F 27 20.59 -40.55 52.79
CA SER F 27 19.56 -39.72 52.15
C SER F 27 20.15 -38.64 51.24
N VAL F 28 21.19 -37.96 51.73
CA VAL F 28 21.83 -36.85 51.03
C VAL F 28 23.21 -37.19 50.44
N CYS F 29 23.88 -38.23 50.95
CA CYS F 29 25.29 -38.45 50.62
C CYS F 29 25.56 -39.41 49.43
N CYS F 30 26.77 -39.95 49.36
CA CYS F 30 27.60 -39.83 48.16
C CYS F 30 27.51 -40.86 47.01
N SER F 31 26.97 -42.05 47.26
CA SER F 31 26.95 -43.12 46.23
C SER F 31 26.23 -42.73 44.92
N HIS F 32 25.07 -42.10 45.06
CA HIS F 32 24.20 -41.77 43.92
C HIS F 32 24.08 -40.27 43.64
N LYS F 33 24.84 -39.45 44.36
CA LYS F 33 24.76 -37.98 44.24
C LYS F 33 26.14 -37.37 43.96
N SER F 34 26.16 -36.39 43.05
CA SER F 34 27.36 -35.60 42.80
C SER F 34 27.60 -34.62 43.95
N ILE F 35 28.84 -34.15 44.06
CA ILE F 35 29.25 -33.22 45.11
C ILE F 35 30.03 -32.06 44.48
N SER F 36 29.60 -30.84 44.76
CA SER F 36 30.26 -29.61 44.28
C SER F 36 30.67 -28.73 45.45
N TRP F 37 31.76 -27.99 45.27
CA TRP F 37 32.31 -27.11 46.32
C TRP F 37 32.36 -25.65 45.87
N TYR F 38 32.08 -24.74 46.82
CA TYR F 38 32.02 -23.29 46.58
C TYR F 38 32.88 -22.52 47.57
N GLN F 39 33.69 -21.60 47.06
CA GLN F 39 34.41 -20.62 47.89
C GLN F 39 33.48 -19.43 48.12
N TRP F 40 33.04 -19.23 49.36
CA TRP F 40 32.04 -18.22 49.69
C TRP F 40 32.54 -17.27 50.78
N PRO F 41 33.24 -16.19 50.38
CA PRO F 41 33.55 -15.13 51.34
C PRO F 41 32.26 -14.46 51.84
N PRO F 42 32.09 -14.34 53.18
CA PRO F 42 30.85 -13.71 53.70
C PRO F 42 30.67 -12.26 53.23
N GLY F 43 29.45 -11.91 52.84
CA GLY F 43 29.14 -10.58 52.31
C GLY F 43 29.62 -10.33 50.89
N ARG F 44 29.91 -11.39 50.14
CA ARG F 44 30.31 -11.30 48.73
C ARG F 44 29.70 -12.47 47.96
N ALA F 45 29.80 -12.40 46.63
CA ALA F 45 29.32 -13.48 45.76
C ALA F 45 30.33 -14.64 45.74
N PRO F 46 29.85 -15.90 45.82
CA PRO F 46 30.78 -17.04 45.84
C PRO F 46 31.48 -17.32 44.50
N THR F 47 32.30 -18.36 44.48
CA THR F 47 32.97 -18.84 43.27
C THR F 47 32.96 -20.36 43.28
N LEU F 48 32.39 -20.96 42.23
CA LEU F 48 32.41 -22.41 42.06
C LEU F 48 33.83 -22.85 41.79
N ILE F 49 34.34 -23.77 42.63
CA ILE F 49 35.70 -24.31 42.50
C ILE F 49 35.73 -25.75 41.98
N ILE F 50 34.75 -26.56 42.41
CA ILE F 50 34.70 -27.98 42.11
C ILE F 50 33.26 -28.38 41.76
N TYR F 51 33.09 -29.17 40.70
CA TYR F 51 31.77 -29.71 40.32
C TYR F 51 31.90 -31.17 39.88
N GLU F 52 30.81 -31.92 40.04
CA GLU F 52 30.78 -33.36 39.73
C GLU F 52 31.96 -34.10 40.38
N ASP F 53 32.13 -33.88 41.70
CA ASP F 53 33.23 -34.47 42.47
C ASP F 53 34.59 -33.94 41.98
N ASN F 54 35.60 -34.79 41.77
CA ASN F 54 36.98 -34.35 41.48
C ASN F 54 37.19 -33.26 40.41
N GLU F 55 36.33 -33.21 39.39
CA GLU F 55 36.49 -32.23 38.30
C GLU F 55 36.32 -30.79 38.77
N ARG F 56 37.15 -29.89 38.24
CA ARG F 56 37.18 -28.50 38.68
C ARG F 56 36.60 -27.56 37.64
N ALA F 57 36.06 -26.44 38.12
CA ALA F 57 35.37 -25.45 37.28
C ALA F 57 36.34 -24.73 36.33
N PRO F 58 35.80 -24.01 35.32
CA PRO F 58 36.67 -23.29 34.38
C PRO F 58 37.57 -22.23 35.04
N GLY F 59 38.86 -22.25 34.68
CA GLY F 59 39.84 -21.29 35.20
C GLY F 59 40.37 -21.55 36.60
N ILE F 60 39.93 -22.63 37.24
CA ILE F 60 40.34 -22.97 38.61
C ILE F 60 41.74 -23.59 38.56
N SER F 61 42.56 -23.27 39.56
CA SER F 61 43.95 -23.73 39.63
C SER F 61 44.03 -25.25 39.88
N PRO F 62 45.15 -25.89 39.48
CA PRO F 62 45.35 -27.31 39.80
C PRO F 62 45.62 -27.59 41.27
N ARG F 63 45.76 -26.52 42.07
CA ARG F 63 45.88 -26.61 43.52
C ARG F 63 44.66 -27.29 44.16
N PHE F 64 43.47 -27.00 43.63
CA PHE F 64 42.22 -27.57 44.13
C PHE F 64 42.03 -28.98 43.57
N SER F 65 41.55 -29.88 44.42
CA SER F 65 41.29 -31.27 44.04
C SER F 65 40.16 -31.84 44.89
N GLY F 66 39.31 -32.66 44.28
CA GLY F 66 38.20 -33.31 44.97
C GLY F 66 38.37 -34.82 45.03
N TYR F 67 37.67 -35.44 45.98
CA TYR F 67 37.61 -36.89 46.08
C TYR F 67 36.35 -37.28 46.85
N LYS F 68 35.70 -38.36 46.42
CA LYS F 68 34.43 -38.80 46.99
C LYS F 68 34.47 -40.30 47.30
N SER F 69 34.37 -40.63 48.59
CA SER F 69 34.18 -42.00 49.02
C SER F 69 32.68 -42.31 49.06
N TYR F 70 32.35 -43.58 49.33
CA TYR F 70 30.95 -44.01 49.45
C TYR F 70 30.17 -43.34 50.58
N TRP F 71 30.87 -42.89 51.63
CA TRP F 71 30.26 -42.26 52.81
C TRP F 71 30.46 -40.74 52.90
N SER F 72 31.57 -40.23 52.35
CA SER F 72 31.92 -38.81 52.47
C SER F 72 32.71 -38.28 51.29
N ALA F 73 32.68 -36.96 51.13
CA ALA F 73 33.46 -36.25 50.11
C ALA F 73 34.50 -35.36 50.76
N TYR F 74 35.54 -35.02 49.99
CA TYR F 74 36.70 -34.28 50.50
C TYR F 74 37.19 -33.25 49.47
N LEU F 75 37.73 -32.14 49.97
CA LEU F 75 38.28 -31.05 49.14
C LEU F 75 39.69 -30.71 49.56
N THR F 76 40.66 -31.04 48.72
CA THR F 76 42.07 -30.75 49.00
C THR F 76 42.48 -29.42 48.35
N ILE F 77 42.92 -28.47 49.16
CA ILE F 77 43.45 -27.19 48.68
C ILE F 77 44.97 -27.17 48.89
N SER F 78 45.73 -27.46 47.83
CA SER F 78 47.20 -27.50 47.88
C SER F 78 47.81 -26.09 47.81
N ASP F 79 49.11 -25.99 48.13
CA ASP F 79 49.89 -24.73 48.11
C ASP F 79 49.06 -23.51 48.53
N LEU F 80 48.68 -23.50 49.80
CA LEU F 80 47.76 -22.50 50.35
C LEU F 80 48.27 -21.06 50.22
N ARG F 81 47.34 -20.13 50.02
CA ARG F 81 47.63 -18.71 49.83
C ARG F 81 46.81 -17.90 50.86
N PRO F 82 47.10 -16.58 50.99
CA PRO F 82 46.26 -15.73 51.86
C PRO F 82 44.78 -15.68 51.46
N GLU F 83 44.53 -15.62 50.14
CA GLU F 83 43.15 -15.61 49.60
C GLU F 83 42.36 -16.90 49.87
N ASP F 84 43.04 -18.02 50.10
CA ASP F 84 42.37 -19.27 50.49
C ASP F 84 41.79 -19.26 51.91
N GLU F 85 42.24 -18.34 52.76
CA GLU F 85 41.67 -18.19 54.11
C GLU F 85 40.28 -17.57 54.04
N THR F 86 39.26 -18.42 54.04
CA THR F 86 37.86 -17.98 54.01
C THR F 86 36.91 -19.12 54.39
N THR F 87 35.61 -18.95 54.13
CA THR F 87 34.60 -20.01 54.34
C THR F 87 34.40 -20.82 53.06
N TYR F 88 34.15 -22.11 53.22
CA TYR F 88 33.91 -23.04 52.10
C TYR F 88 32.69 -23.90 52.38
N TYR F 89 31.84 -24.06 51.35
CA TYR F 89 30.65 -24.90 51.43
C TYR F 89 30.73 -26.02 50.39
N CYS F 90 30.09 -27.14 50.71
CA CYS F 90 29.88 -28.23 49.75
C CYS F 90 28.39 -28.28 49.40
N CYS F 91 28.07 -28.93 48.28
CA CYS F 91 26.69 -29.12 47.86
C CYS F 91 26.49 -30.52 47.25
N SER F 92 25.44 -31.21 47.72
CA SER F 92 25.05 -32.52 47.20
C SER F 92 23.83 -32.38 46.30
N TYR F 93 23.96 -32.87 45.06
CA TYR F 93 22.95 -32.68 44.02
C TYR F 93 22.90 -33.83 43.02
N THR F 94 21.82 -33.83 42.21
CA THR F 94 21.70 -34.70 41.05
C THR F 94 21.32 -33.86 39.83
N HIS F 95 21.35 -34.48 38.65
CA HIS F 95 21.09 -33.80 37.38
C HIS F 95 19.79 -32.99 37.32
N ASN F 96 18.71 -33.51 37.90
CA ASN F 96 17.41 -32.80 37.92
C ASN F 96 17.08 -32.07 39.23
N SER F 97 17.65 -32.52 40.36
CA SER F 97 17.34 -31.95 41.68
C SER F 97 18.31 -30.83 42.02
N GLY F 98 17.84 -29.81 42.73
CA GLY F 98 18.66 -28.66 43.11
C GLY F 98 19.75 -28.91 44.15
N CYS F 99 20.37 -27.82 44.60
CA CYS F 99 21.54 -27.87 45.48
C CYS F 99 21.09 -28.06 46.95
N VAL F 100 21.82 -28.88 47.71
CA VAL F 100 21.63 -29.03 49.16
C VAL F 100 22.94 -28.62 49.83
N PHE F 101 23.01 -27.38 50.31
CA PHE F 101 24.26 -26.83 50.87
C PHE F 101 24.64 -27.44 52.22
N GLY F 102 25.94 -27.44 52.50
CA GLY F 102 26.47 -27.97 53.77
C GLY F 102 26.43 -26.95 54.89
N THR F 103 26.90 -27.37 56.06
CA THR F 103 26.95 -26.52 57.25
C THR F 103 28.01 -25.42 57.16
N GLY F 104 29.12 -25.71 56.50
CA GLY F 104 30.18 -24.74 56.21
C GLY F 104 31.49 -25.12 56.86
N THR F 105 32.59 -24.59 56.32
CA THR F 105 33.93 -24.81 56.87
C THR F 105 34.77 -23.55 56.73
N LYS F 106 35.22 -23.00 57.85
CA LYS F 106 36.07 -21.82 57.87
C LYS F 106 37.52 -22.31 57.89
N VAL F 107 38.28 -21.93 56.86
CA VAL F 107 39.69 -22.34 56.73
C VAL F 107 40.60 -21.27 57.34
N SER F 108 41.63 -21.73 58.05
CA SER F 108 42.62 -20.85 58.69
C SER F 108 44.02 -21.20 58.19
N VAL F 109 44.65 -20.28 57.46
CA VAL F 109 45.97 -20.49 56.87
C VAL F 109 47.06 -20.09 57.86
N LEU F 110 47.70 -21.09 58.47
CA LEU F 110 48.76 -20.87 59.45
C LEU F 110 50.09 -20.61 58.74
N GLY F 111 51.10 -20.22 59.51
CA GLY F 111 52.43 -19.91 58.99
C GLY F 111 52.50 -18.65 58.14
N GLN F 112 51.61 -17.69 58.40
CA GLN F 112 51.63 -16.39 57.73
C GLN F 112 52.29 -15.34 58.63
N SER F 113 52.90 -14.35 57.99
CA SER F 113 53.50 -13.22 58.70
C SER F 113 52.41 -12.36 59.34
N LYS F 114 52.68 -11.87 60.54
CA LYS F 114 51.74 -11.03 61.28
C LYS F 114 51.77 -9.60 60.75
N ALA F 115 50.59 -8.96 60.71
CA ALA F 115 50.43 -7.61 60.18
C ALA F 115 50.12 -6.64 61.34
N ASN F 116 50.74 -5.46 61.30
CA ASN F 116 50.62 -4.47 62.37
C ASN F 116 49.29 -3.72 62.25
N PRO F 117 48.51 -3.61 63.35
CA PRO F 117 47.17 -3.01 63.28
C PRO F 117 47.21 -1.50 63.05
N SER F 118 46.40 -1.01 62.11
CA SER F 118 46.30 0.42 61.80
C SER F 118 45.06 1.02 62.47
N VAL F 119 45.28 1.68 63.62
CA VAL F 119 44.19 2.24 64.43
C VAL F 119 44.07 3.76 64.18
N THR F 120 42.83 4.25 64.11
CA THR F 120 42.54 5.68 63.99
C THR F 120 41.26 6.01 64.75
N LEU F 121 41.36 6.92 65.72
CA LEU F 121 40.22 7.33 66.55
C LEU F 121 39.74 8.72 66.14
N PHE F 122 38.44 8.85 65.87
CA PHE F 122 37.82 10.13 65.51
C PHE F 122 36.90 10.64 66.63
N PRO F 123 36.93 11.96 66.90
CA PRO F 123 36.00 12.54 67.89
C PRO F 123 34.63 12.83 67.28
N PRO F 124 33.62 13.14 68.12
CA PRO F 124 32.34 13.58 67.57
C PRO F 124 32.45 14.98 66.97
N SER F 125 31.78 15.21 65.84
CA SER F 125 31.81 16.52 65.19
C SER F 125 30.98 17.55 65.97
N SER F 126 31.21 18.83 65.68
CA SER F 126 30.43 19.93 66.28
C SER F 126 28.95 19.94 65.83
N GLU F 127 28.68 19.30 64.69
CA GLU F 127 27.31 19.12 64.20
C GLU F 127 26.60 18.01 64.98
N GLU F 128 27.35 16.95 65.32
CA GLU F 128 26.81 15.84 66.15
C GLU F 128 26.58 16.26 67.61
N LEU F 129 27.48 17.07 68.17
CA LEU F 129 27.31 17.62 69.53
C LEU F 129 26.08 18.54 69.69
N GLN F 130 25.58 19.09 68.57
CA GLN F 130 24.31 19.84 68.53
C GLN F 130 23.03 18.99 68.48
N ALA F 131 23.18 17.70 68.12
CA ALA F 131 22.03 16.80 67.92
C ALA F 131 21.03 16.61 69.09
N ASN F 132 21.44 16.28 70.31
CA ASN F 132 22.84 16.24 70.79
C ASN F 132 23.29 14.83 71.22
N LYS F 133 24.27 14.30 70.48
CA LYS F 133 24.89 13.00 70.79
C LYS F 133 26.41 13.14 70.67
N ALA F 134 27.12 12.09 71.08
CA ALA F 134 28.59 12.09 71.00
C ALA F 134 29.09 10.66 70.84
N THR F 135 29.55 10.32 69.63
CA THR F 135 30.09 9.00 69.34
C THR F 135 31.56 9.07 68.91
N LEU F 136 32.41 8.37 69.65
CA LEU F 136 33.82 8.18 69.28
C LEU F 136 33.93 6.98 68.37
N VAL F 137 34.55 7.18 67.19
CA VAL F 137 34.67 6.14 66.18
C VAL F 137 36.13 5.66 66.12
N CYS F 138 36.36 4.41 66.55
CA CYS F 138 37.68 3.79 66.51
C CYS F 138 37.74 2.75 65.39
N LEU F 139 38.44 3.10 64.31
CA LEU F 139 38.54 2.26 63.12
C LEU F 139 39.85 1.47 63.11
N ILE F 140 39.77 0.16 62.88
CA ILE F 140 40.92 -0.75 62.93
C ILE F 140 40.99 -1.55 61.62
N SER F 141 42.14 -1.50 60.96
CA SER F 141 42.33 -2.20 59.67
C SER F 141 43.75 -2.75 59.53
N ASP F 142 43.91 -3.71 58.63
CA ASP F 142 45.22 -4.28 58.28
C ASP F 142 45.86 -5.03 59.47
N PHE F 143 45.07 -5.86 60.15
CA PHE F 143 45.58 -6.68 61.26
C PHE F 143 45.41 -8.17 60.99
N TYR F 144 46.30 -8.98 61.55
CA TYR F 144 46.30 -10.43 61.35
C TYR F 144 46.97 -11.11 62.55
N PRO F 145 46.38 -12.16 63.14
CA PRO F 145 45.13 -12.81 62.68
C PRO F 145 43.85 -11.99 62.93
N GLY F 146 42.75 -12.47 62.34
CA GLY F 146 41.47 -11.78 62.40
C GLY F 146 40.75 -11.92 63.72
N ALA F 147 41.22 -11.14 64.71
CA ALA F 147 40.63 -11.11 66.04
C ALA F 147 41.13 -9.89 66.80
N VAL F 148 40.22 -9.19 67.47
CA VAL F 148 40.55 -7.99 68.27
C VAL F 148 39.84 -7.99 69.62
N THR F 149 40.35 -7.18 70.54
CA THR F 149 39.69 -6.92 71.82
C THR F 149 39.83 -5.43 72.14
N VAL F 150 38.79 -4.67 71.78
CA VAL F 150 38.78 -3.20 71.92
C VAL F 150 38.29 -2.85 73.31
N ALA F 151 38.99 -1.91 73.96
CA ALA F 151 38.61 -1.42 75.29
C ALA F 151 38.61 0.10 75.28
N TRP F 152 37.52 0.69 75.76
CA TRP F 152 37.37 2.15 75.87
C TRP F 152 37.66 2.63 77.29
N LYS F 153 38.18 3.85 77.41
CA LYS F 153 38.50 4.44 78.70
C LYS F 153 38.11 5.92 78.77
N ALA F 154 37.49 6.30 79.89
CA ALA F 154 37.05 7.68 80.15
C ALA F 154 37.91 8.28 81.26
N ASP F 155 38.91 9.08 80.86
CA ASP F 155 39.89 9.68 81.78
C ASP F 155 40.77 8.60 82.43
N SER F 156 41.37 7.76 81.58
CA SER F 156 42.22 6.62 81.99
C SER F 156 41.51 5.60 82.92
N SER F 157 40.20 5.43 82.71
CA SER F 157 39.38 4.53 83.52
C SER F 157 38.32 3.84 82.66
N PRO F 158 38.17 2.50 82.77
CA PRO F 158 37.27 1.69 81.90
C PRO F 158 35.86 2.25 81.66
N VAL F 159 35.35 2.07 80.44
CA VAL F 159 33.98 2.43 80.06
C VAL F 159 33.22 1.15 79.68
N LYS F 160 32.03 0.98 80.25
CA LYS F 160 31.15 -0.17 79.92
C LYS F 160 29.76 0.20 79.36
N ALA F 161 29.32 1.46 79.52
CA ALA F 161 28.04 1.91 78.99
C ALA F 161 28.22 2.50 77.59
N GLY F 162 27.42 2.04 76.64
CA GLY F 162 27.43 2.56 75.27
C GLY F 162 28.58 2.11 74.38
N VAL F 163 29.30 1.05 74.78
CA VAL F 163 30.40 0.50 73.98
C VAL F 163 29.82 -0.47 72.95
N GLU F 164 30.11 -0.21 71.68
CA GLU F 164 29.70 -1.09 70.58
C GLU F 164 30.93 -1.38 69.72
N THR F 165 31.24 -2.68 69.55
CA THR F 165 32.36 -3.12 68.70
C THR F 165 31.85 -4.11 67.66
N THR F 166 32.16 -3.85 66.39
CA THR F 166 31.76 -4.74 65.30
C THR F 166 32.67 -5.96 65.25
N THR F 167 32.16 -7.04 64.68
CA THR F 167 32.94 -8.27 64.50
C THR F 167 34.06 -8.03 63.45
N PRO F 168 35.16 -8.80 63.53
CA PRO F 168 36.25 -8.62 62.58
C PRO F 168 35.90 -9.10 61.17
N SER F 169 35.93 -8.17 60.21
CA SER F 169 35.58 -8.45 58.80
C SER F 169 36.84 -8.48 57.93
N LYS F 170 36.86 -9.40 56.96
CA LYS F 170 38.04 -9.59 56.10
C LYS F 170 38.13 -8.49 55.04
N GLN F 171 39.29 -7.83 54.98
CA GLN F 171 39.57 -6.76 54.01
C GLN F 171 39.90 -7.35 52.63
N SER F 172 39.80 -6.51 51.60
CA SER F 172 40.18 -6.88 50.22
C SER F 172 41.65 -7.30 50.03
N ASN F 173 42.53 -6.95 50.96
CA ASN F 173 43.96 -7.29 50.88
C ASN F 173 44.33 -8.53 51.73
N ASN F 174 43.35 -9.40 52.01
CA ASN F 174 43.50 -10.61 52.85
C ASN F 174 43.91 -10.37 54.32
N LYS F 175 43.79 -9.12 54.77
CA LYS F 175 43.97 -8.76 56.17
C LYS F 175 42.57 -8.61 56.74
N TYR F 176 42.47 -8.20 58.01
CA TYR F 176 41.17 -8.04 58.66
C TYR F 176 40.94 -6.61 59.12
N ALA F 177 39.67 -6.26 59.29
CA ALA F 177 39.24 -4.91 59.63
C ALA F 177 38.02 -4.94 60.55
N ALA F 178 38.02 -4.09 61.57
CA ALA F 178 36.89 -3.94 62.49
C ALA F 178 36.68 -2.46 62.81
N SER F 179 35.60 -2.17 63.52
CA SER F 179 35.31 -0.80 63.94
C SER F 179 34.54 -0.81 65.27
N SER F 180 34.86 0.16 66.13
CA SER F 180 34.24 0.28 67.45
C SER F 180 33.68 1.69 67.65
N TYR F 181 32.48 1.76 68.20
CA TYR F 181 31.76 3.03 68.43
C TYR F 181 31.40 3.13 69.91
N LEU F 182 31.77 4.25 70.54
CA LEU F 182 31.38 4.53 71.94
C LEU F 182 30.35 5.66 71.99
N SER F 183 29.08 5.30 72.21
CA SER F 183 28.01 6.29 72.34
C SER F 183 28.07 6.95 73.72
N LEU F 184 28.08 8.29 73.73
CA LEU F 184 28.13 9.10 74.96
C LEU F 184 27.12 10.23 74.90
N THR F 185 26.74 10.72 76.08
CA THR F 185 25.98 11.97 76.21
C THR F 185 26.97 13.14 76.16
N PRO F 186 26.50 14.36 75.78
CA PRO F 186 27.41 15.52 75.71
C PRO F 186 27.98 16.01 77.05
N GLU F 187 27.38 15.61 78.18
CA GLU F 187 27.92 15.92 79.51
C GLU F 187 29.16 15.06 79.80
N GLN F 188 29.06 13.76 79.52
CA GLN F 188 30.20 12.83 79.68
C GLN F 188 31.39 13.19 78.78
N TRP F 189 31.11 13.65 77.57
CA TRP F 189 32.15 14.12 76.65
C TRP F 189 32.90 15.33 77.20
N LYS F 190 32.15 16.32 77.68
CA LYS F 190 32.73 17.57 78.23
C LYS F 190 33.31 17.44 79.65
N SER F 191 32.83 16.47 80.44
CA SER F 191 33.23 16.31 81.85
C SER F 191 34.52 15.50 82.10
N HIS F 192 35.21 15.06 81.04
CA HIS F 192 36.44 14.27 81.16
C HIS F 192 37.59 14.93 80.39
N ARG F 193 38.80 14.73 80.88
CA ARG F 193 40.00 15.32 80.26
C ARG F 193 40.42 14.65 78.97
N SER F 194 40.16 13.34 78.85
CA SER F 194 40.47 12.60 77.62
C SER F 194 39.70 11.27 77.53
N TYR F 195 39.56 10.78 76.30
CA TYR F 195 38.97 9.46 76.01
C TYR F 195 39.94 8.64 75.15
N SER F 196 40.02 7.34 75.42
CA SER F 196 40.99 6.46 74.76
C SER F 196 40.34 5.22 74.15
N CYS F 197 40.91 4.74 73.05
CA CYS F 197 40.54 3.46 72.44
C CYS F 197 41.75 2.53 72.46
N GLN F 198 41.64 1.41 73.17
CA GLN F 198 42.73 0.46 73.36
C GLN F 198 42.45 -0.85 72.60
N VAL F 199 43.14 -1.03 71.48
CA VAL F 199 43.01 -2.24 70.66
C VAL F 199 44.12 -3.21 71.07
N THR F 200 43.74 -4.39 71.56
CA THR F 200 44.69 -5.39 72.05
C THR F 200 44.73 -6.62 71.15
N HIS F 201 45.91 -6.89 70.57
CA HIS F 201 46.19 -8.13 69.83
C HIS F 201 47.20 -8.97 70.61
N GLU F 202 47.28 -10.25 70.27
CA GLU F 202 48.27 -11.17 70.84
C GLU F 202 49.72 -10.76 70.54
N GLY F 203 49.95 -10.17 69.37
CA GLY F 203 51.28 -9.69 68.97
C GLY F 203 51.66 -8.34 69.54
N SER F 204 50.71 -7.40 69.58
CA SER F 204 50.98 -6.03 70.03
C SER F 204 49.69 -5.27 70.37
N THR F 205 49.68 -4.61 71.54
CA THR F 205 48.58 -3.74 71.95
C THR F 205 48.87 -2.32 71.47
N VAL F 206 47.87 -1.68 70.86
CA VAL F 206 47.95 -0.28 70.43
C VAL F 206 46.84 0.54 71.09
N GLU F 207 47.18 1.77 71.49
CA GLU F 207 46.25 2.69 72.12
C GLU F 207 46.22 3.99 71.32
N LYS F 208 45.04 4.58 71.17
CA LYS F 208 44.90 5.92 70.60
C LYS F 208 43.94 6.76 71.43
N THR F 209 44.38 7.97 71.78
CA THR F 209 43.70 8.85 72.72
C THR F 209 43.24 10.13 72.02
N VAL F 210 42.02 10.57 72.36
CA VAL F 210 41.50 11.87 71.94
C VAL F 210 41.11 12.67 73.18
N ALA F 211 41.18 14.00 73.08
CA ALA F 211 40.93 14.88 74.21
C ALA F 211 39.88 15.94 73.83
N PRO F 212 38.78 16.05 74.62
CA PRO F 212 37.84 17.17 74.43
C PRO F 212 38.46 18.53 74.73
N THR F 213 39.32 18.58 75.74
CA THR F 213 40.08 19.79 76.08
C THR F 213 40.94 20.35 74.94
N GLU F 214 41.46 19.47 74.08
CA GLU F 214 42.29 19.86 72.92
C GLU F 214 41.68 19.29 71.64
C1 NAG G . 18.21 -25.29 23.09
C2 NAG G . 18.43 -26.79 23.08
C3 NAG G . 18.45 -27.49 24.44
C4 NAG G . 18.74 -26.61 25.65
C5 NAG G . 18.49 -25.13 25.43
C6 NAG G . 19.17 -24.32 26.51
C7 NAG G . 17.49 -27.99 21.17
C8 NAG G . 16.22 -28.53 20.58
N2 NAG G . 17.33 -27.38 22.33
O3 NAG G . 19.44 -28.53 24.42
O4 NAG G . 17.88 -26.95 26.74
O5 NAG G . 18.96 -24.72 24.16
O6 NAG G . 20.59 -24.35 26.33
O7 NAG G . 18.58 -28.13 20.62
C1 NAG G . 18.57 -27.73 27.71
C2 NAG G . 17.83 -27.62 29.05
C3 NAG G . 18.41 -28.61 30.08
C4 NAG G . 18.76 -29.97 29.47
C5 NAG G . 19.37 -29.92 28.07
C6 NAG G . 19.45 -31.29 27.42
C7 NAG G . 18.66 -25.35 29.94
C8 NAG G . 20.14 -25.65 29.99
N2 NAG G . 17.72 -26.23 29.52
O3 NAG G . 17.43 -28.79 31.11
O4 NAG G . 19.69 -30.65 30.33
O5 NAG G . 18.59 -29.08 27.24
O6 NAG G . 20.15 -31.19 26.17
O7 NAG G . 18.31 -24.23 30.29
C1 BMA G . 19.06 -31.84 30.82
C2 BMA G . 20.02 -32.81 31.49
C3 BMA G . 19.21 -34.05 31.88
C4 BMA G . 17.96 -33.69 32.69
C5 BMA G . 17.14 -32.61 31.95
C6 BMA G . 15.89 -32.01 32.61
O2 BMA G . 20.64 -32.21 32.64
O3 BMA G . 20.05 -34.98 32.57
O4 BMA G . 17.17 -34.86 32.86
O5 BMA G . 18.02 -31.52 31.72
O6 BMA G . 15.48 -32.61 33.86
C1 MAN G . 14.34 -33.52 33.88
C2 MAN G . 13.14 -33.15 33.02
C3 MAN G . 12.67 -31.75 33.38
C4 MAN G . 12.38 -31.65 34.89
C5 MAN G . 12.89 -32.79 35.81
C6 MAN G . 11.76 -33.67 36.36
O2 MAN G . 12.06 -34.09 33.19
O3 MAN G . 11.53 -31.40 32.57
O4 MAN G . 12.97 -30.43 35.36
O5 MAN G . 13.88 -33.67 35.23
O6 MAN G . 11.46 -33.34 37.73
C1 MAN G . 11.89 -30.78 31.30
C2 MAN G . 10.73 -29.89 30.81
C3 MAN G . 9.85 -30.43 29.65
C4 MAN G . 10.43 -31.62 28.89
C5 MAN G . 11.24 -32.53 29.81
C6 MAN G . 11.80 -33.76 29.09
O2 MAN G . 11.27 -28.62 30.44
O3 MAN G . 9.59 -29.37 28.72
O4 MAN G . 9.35 -32.37 28.31
O5 MAN G . 12.30 -31.74 30.32
O6 MAN G . 11.16 -34.95 29.58
C1 MAN G . 20.10 -36.26 31.91
C2 MAN G . 20.73 -37.32 32.81
C3 MAN G . 22.23 -37.03 32.99
C4 MAN G . 22.92 -36.88 31.64
C5 MAN G . 22.17 -35.90 30.73
C6 MAN G . 22.77 -35.89 29.32
O2 MAN G . 20.58 -38.60 32.21
O3 MAN G . 22.83 -38.10 33.73
O4 MAN G . 24.26 -36.42 31.85
O5 MAN G . 20.79 -36.23 30.65
O6 MAN G . 21.91 -35.22 28.41
C1 NAG H . 16.32 -2.29 12.90
C2 NAG H . 17.08 -1.03 13.33
C3 NAG H . 18.51 -1.43 13.68
C4 NAG H . 18.48 -2.31 14.93
C5 NAG H . 17.28 -3.29 15.01
C6 NAG H . 16.47 -3.04 16.29
C7 NAG H . 17.52 -0.01 11.10
C8 NAG H . 17.37 1.25 10.30
N2 NAG H . 17.05 0.05 12.35
O3 NAG H . 19.28 -0.25 13.90
O4 NAG H . 19.75 -3.02 15.00
O5 NAG H . 16.32 -3.29 13.94
O6 NAG H . 17.28 -3.17 17.46
O7 NAG H . 18.06 -0.98 10.61
C1 NAG H . 20.84 -2.28 15.64
C2 NAG H . 22.00 -1.98 14.69
C3 NAG H . 23.20 -1.51 15.53
C4 NAG H . 22.87 -0.30 16.42
C5 NAG H . 21.39 -0.21 16.86
C6 NAG H . 20.87 1.23 16.72
C7 NAG H . 22.73 -4.29 14.07
C8 NAG H . 23.03 -5.18 12.90
N2 NAG H . 22.34 -3.06 13.75
O3 NAG H . 24.29 -1.17 14.66
O4 NAG H . 23.79 -0.33 17.55
O5 NAG H . 20.45 -1.01 16.15
O6 NAG H . 20.71 1.56 15.32
O7 NAG H . 22.86 -4.70 15.22
C1 BMA H . 23.67 0.70 18.56
C2 BMA H . 24.36 0.24 19.85
C3 BMA H . 23.99 1.20 20.97
C4 BMA H . 24.38 2.63 20.57
C5 BMA H . 23.84 3.00 19.17
C6 BMA H . 24.34 4.37 18.70
O2 BMA H . 25.78 0.20 19.65
O3 BMA H . 24.59 0.79 22.21
O4 BMA H . 23.87 3.56 21.54
O5 BMA H . 24.18 2.00 18.21
O6 BMA H . 25.75 4.34 18.47
C1 MAN H . 23.80 -0.11 23.02
C2 MAN H . 23.70 0.45 24.44
C3 MAN H . 23.82 -0.63 25.53
C4 MAN H . 25.04 -1.53 25.33
C5 MAN H . 25.43 -1.67 23.86
C6 MAN H . 25.99 -3.06 23.57
O2 MAN H . 22.44 1.13 24.61
O3 MAN H . 22.64 -1.45 25.56
O4 MAN H . 26.14 -1.00 26.07
O5 MAN H . 24.31 -1.46 23.01
O6 MAN H . 27.18 -3.27 24.34
C1 NAG I . 7.53 -19.80 12.55
C2 NAG I . 7.35 -20.87 11.44
C3 NAG I . 6.62 -22.14 11.93
C4 NAG I . 5.48 -21.90 12.91
C5 NAG I . 5.53 -20.51 13.54
C6 NAG I . 4.72 -20.40 14.83
C7 NAG I . 6.62 -20.71 9.05
C8 NAG I . 5.99 -19.78 8.05
N2 NAG I . 6.75 -20.19 10.28
O3 NAG I . 7.57 -23.00 12.56
O4 NAG I . 4.23 -22.11 12.20
O5 NAG I . 6.91 -20.16 13.79
O6 NAG I . 5.59 -20.50 15.98
O7 NAG I . 6.97 -21.84 8.76
C1 NAG I . 3.72 -23.46 12.21
C2 NAG I . 2.21 -23.36 12.11
C3 NAG I . 1.55 -24.74 12.11
C4 NAG I . 2.21 -25.67 11.09
C5 NAG I . 3.74 -25.65 11.20
C6 NAG I . 4.39 -26.45 10.07
C7 NAG I . 0.80 -21.58 13.12
C8 NAG I . 0.51 -20.83 14.39
N2 NAG I . 1.74 -22.52 13.22
O3 NAG I . 0.15 -24.62 11.79
O4 NAG I . 1.71 -27.00 11.28
O5 NAG I . 4.22 -24.30 11.16
O6 NAG I . 5.64 -26.99 10.52
O7 NAG I . 0.21 -21.32 12.08
C1 NAG J . -3.83 -8.70 -9.20
C2 NAG J . -3.23 -8.80 -10.58
C3 NAG J . -4.42 -9.14 -11.46
C4 NAG J . -4.92 -10.53 -11.03
C5 NAG J . -5.01 -10.73 -9.50
C6 NAG J . -4.95 -12.23 -9.15
C7 NAG J . -1.16 -7.50 -10.93
C8 NAG J . -0.59 -6.18 -11.34
N2 NAG J . -2.50 -7.59 -10.94
O3 NAG J . -4.05 -9.13 -12.85
O4 NAG J . -6.22 -10.77 -11.61
O5 NAG J . -3.99 -10.04 -8.76
O6 NAG J . -4.79 -12.43 -7.73
O7 NAG J . -0.42 -8.42 -10.62
C1 NAG J . -6.15 -11.39 -12.91
C2 NAG J . -7.17 -12.51 -13.05
C3 NAG J . -7.01 -13.18 -14.41
C4 NAG J . -6.95 -12.17 -15.56
C5 NAG J . -6.02 -10.98 -15.26
C6 NAG J . -6.14 -9.86 -16.30
C7 NAG J . -7.95 -14.24 -11.48
C8 NAG J . -7.55 -15.21 -10.40
N2 NAG J . -6.97 -13.50 -12.00
O3 NAG J . -8.10 -14.09 -14.65
O4 NAG J . -6.47 -12.89 -16.71
O5 NAG J . -6.34 -10.44 -13.96
O6 NAG J . -5.45 -8.67 -15.85
O7 NAG J . -9.12 -14.15 -11.83
C1 BMA J . -7.29 -12.68 -17.88
C2 BMA J . -6.61 -13.29 -19.09
C3 BMA J . -7.32 -12.83 -20.36
C4 BMA J . -8.84 -12.63 -20.22
C5 BMA J . -9.46 -12.69 -18.80
C6 BMA J . -10.78 -13.46 -18.80
O2 BMA J . -6.61 -14.72 -18.97
O3 BMA J . -7.06 -13.78 -21.40
O4 BMA J . -9.17 -11.34 -20.78
O5 BMA J . -8.59 -13.25 -17.82
O6 BMA J . -11.31 -13.56 -17.48
C1 MAN J . -6.69 -13.17 -22.65
C2 MAN J . -6.88 -14.14 -23.80
C3 MAN J . -6.03 -15.39 -23.54
C4 MAN J . -4.61 -15.12 -23.02
C5 MAN J . -4.34 -13.73 -22.40
C6 MAN J . -3.00 -13.14 -22.84
O2 MAN J . -6.51 -13.52 -25.05
O3 MAN J . -5.95 -16.16 -24.76
O4 MAN J . -4.33 -16.11 -22.04
O5 MAN J . -5.33 -12.72 -22.69
O6 MAN J . -1.92 -13.77 -22.14
C1 MAN J . -7.54 -13.53 -26.07
C2 MAN J . -6.86 -13.77 -27.42
C3 MAN J . -6.84 -12.52 -28.29
C4 MAN J . -8.23 -11.94 -28.48
C5 MAN J . -9.10 -12.02 -27.21
C6 MAN J . -10.25 -13.03 -27.33
O2 MAN J . -7.53 -14.83 -28.12
O3 MAN J . -6.28 -12.82 -29.57
O4 MAN J . -8.09 -10.58 -28.89
O5 MAN J . -8.30 -12.31 -26.05
O6 MAN J . -11.43 -12.38 -27.83
C1 MAN K . -7.18 -18.16 -16.99
C2 MAN K . -6.48 -18.48 -18.31
C3 MAN K . -7.34 -18.14 -19.54
C4 MAN K . -8.82 -18.07 -19.17
C5 MAN K . -9.08 -17.02 -18.07
C6 MAN K . -10.47 -17.21 -17.46
O2 MAN K . -6.15 -19.87 -18.31
O3 MAN K . -7.14 -19.08 -20.60
O4 MAN K . -9.57 -17.70 -20.35
O5 MAN K . -8.05 -17.03 -17.06
O6 MAN K . -10.45 -17.84 -16.16
C1 MAN K . -11.57 -18.74 -15.99
C2 MAN K . -11.95 -18.89 -14.51
C3 MAN K . -11.06 -19.89 -13.75
C4 MAN K . -10.79 -21.16 -14.54
C5 MAN K . -10.31 -20.79 -15.94
C6 MAN K . -9.95 -22.00 -16.80
O2 MAN K . -13.32 -19.29 -14.41
O3 MAN K . -11.67 -20.26 -12.50
O4 MAN K . -9.80 -21.94 -13.86
O5 MAN K . -11.33 -20.02 -16.59
O6 MAN K . -8.57 -21.97 -17.16
C1 NAG L . -12.60 -3.06 -5.51
C2 NAG L . -13.63 -1.95 -5.38
C3 NAG L . -14.85 -2.60 -4.75
C4 NAG L . -15.31 -3.87 -5.52
C5 NAG L . -14.24 -4.57 -6.38
C6 NAG L . -14.80 -4.91 -7.76
C7 NAG L . -12.36 0.15 -5.17
C8 NAG L . -11.87 1.21 -4.23
N2 NAG L . -13.08 -0.84 -4.62
O3 NAG L . -15.92 -1.65 -4.72
O4 NAG L . -15.80 -4.81 -4.54
O5 NAG L . -13.04 -3.84 -6.61
O6 NAG L . -13.86 -5.72 -8.46
O7 NAG L . -12.13 0.22 -6.37
C1 NAG L . -17.04 -5.49 -4.86
C2 NAG L . -16.82 -7.01 -4.80
C3 NAG L . -17.90 -7.87 -4.10
C4 NAG L . -18.97 -7.11 -3.31
C5 NAG L . -19.27 -5.81 -4.05
C6 NAG L . -20.42 -4.99 -3.47
C7 NAG L . -15.64 -8.27 -6.61
C8 NAG L . -15.73 -8.69 -8.04
N2 NAG L . -16.67 -7.53 -6.17
O3 NAG L . -17.25 -8.78 -3.21
O4 NAG L . -20.15 -7.93 -3.16
O5 NAG L . -18.08 -5.03 -3.99
O6 NAG L . -20.24 -4.80 -2.05
O7 NAG L . -14.68 -8.59 -5.92
C1 BMA L . -20.26 -8.65 -1.90
C2 BMA L . -20.97 -7.81 -0.84
C3 BMA L . -21.74 -8.61 0.23
C4 BMA L . -21.34 -10.09 0.39
C5 BMA L . -20.74 -10.75 -0.86
C6 BMA L . -21.33 -12.16 -1.08
O2 BMA L . -21.87 -6.89 -1.46
O3 BMA L . -23.16 -8.54 -0.03
O4 BMA L . -20.39 -10.21 1.46
O5 BMA L . -20.93 -9.92 -2.03
O6 BMA L . -22.68 -12.10 -1.60
C1 MAN L . -23.92 -8.27 1.17
C2 MAN L . -25.36 -8.73 0.98
C3 MAN L . -26.16 -7.78 0.08
C4 MAN L . -26.01 -6.33 0.53
C5 MAN L . -24.53 -5.96 0.67
C6 MAN L . -24.37 -4.55 1.19
O2 MAN L . -26.00 -8.84 2.26
O3 MAN L . -27.54 -8.15 0.10
O4 MAN L . -26.63 -5.47 -0.43
O5 MAN L . -23.88 -6.88 1.56
O6 MAN L . -24.80 -3.61 0.20
C1 MAN L . -22.76 -12.42 -3.02
C2 MAN L . -23.78 -11.47 -3.67
C3 MAN L . -25.21 -11.97 -3.51
C4 MAN L . -25.34 -13.42 -3.96
C5 MAN L . -24.37 -14.30 -3.18
C6 MAN L . -24.41 -15.72 -3.71
O2 MAN L . -23.46 -11.33 -5.06
O3 MAN L . -26.10 -11.14 -4.27
O4 MAN L . -26.68 -13.86 -3.76
O5 MAN L . -23.02 -13.80 -3.28
O6 MAN L . -25.66 -16.34 -3.40
C1 NAG M . -15.34 -4.58 -30.58
C2 NAG M . -16.35 -5.01 -29.52
C3 NAG M . -17.28 -6.15 -29.93
C4 NAG M . -17.55 -6.28 -31.43
C5 NAG M . -16.38 -5.81 -32.29
C6 NAG M . -16.73 -5.75 -33.77
C7 NAG M . -16.18 -5.48 -27.12
C8 NAG M . -15.27 -5.94 -26.02
N2 NAG M . -15.62 -5.42 -28.33
O3 NAG M . -18.52 -5.95 -29.24
O4 NAG M . -17.80 -7.66 -31.75
O5 NAG M . -15.98 -4.53 -31.84
O6 NAG M . -16.86 -7.07 -34.31
O7 NAG M . -17.34 -5.17 -26.91
C1 NAG M . -19.18 -8.07 -31.53
C2 NAG M . -19.78 -8.50 -32.87
C3 NAG M . -20.50 -9.86 -32.82
C4 NAG M . -21.18 -10.21 -31.48
C5 NAG M . -20.62 -9.46 -30.27
C6 NAG M . -20.68 -10.29 -29.00
C7 NAG M . -20.76 -7.18 -34.71
C8 NAG M . -21.73 -6.09 -35.04
N2 NAG M . -20.67 -7.48 -33.41
O3 NAG M . -19.55 -10.90 -33.14
O4 NAG M . -22.59 -9.95 -31.59
O5 NAG M . -19.27 -9.09 -30.55
O6 NAG M . -20.87 -9.44 -27.87
O7 NAG M . -20.11 -7.74 -35.59
C1 NAG N . -0.49 16.21 -12.80
C2 NAG N . -1.38 16.73 -11.68
C3 NAG N . -0.88 18.08 -11.13
C4 NAG N . 0.65 18.27 -11.12
C5 NAG N . 1.39 17.42 -12.16
C6 NAG N . 2.88 17.26 -11.84
C7 NAG N . -3.79 16.15 -11.84
C8 NAG N . -5.07 16.47 -12.55
N2 NAG N . -2.73 16.87 -12.22
O3 NAG N . -1.37 18.24 -9.79
O4 NAG N . 0.93 19.65 -11.42
O5 NAG N . 0.83 16.11 -12.28
O6 NAG N . 3.49 16.51 -12.89
O7 NAG N . -3.75 15.29 -10.97
C1 NAG N . 0.91 20.62 -10.34
C2 NAG N . 0.26 21.89 -10.89
C3 NAG N . -0.19 22.86 -9.78
C4 NAG N . 0.54 22.64 -8.45
C5 NAG N . 0.45 21.17 -8.01
C6 NAG N . -0.66 20.95 -6.97
C7 NAG N . 0.69 23.35 -12.83
C8 NAG N . 1.73 23.94 -13.74
N2 NAG N . 1.13 22.54 -11.85
O3 NAG N . -1.60 22.71 -9.58
O4 NAG N . 1.93 23.00 -8.62
O5 NAG N . 0.22 20.27 -9.12
O6 NAG N . -0.15 21.17 -5.64
O7 NAG N . -0.49 23.62 -13.00
C1 BMA N . 2.38 24.32 -8.25
C2 BMA N . 3.22 24.87 -9.40
C3 BMA N . 3.96 26.14 -8.99
C4 BMA N . 3.04 27.15 -8.29
C5 BMA N . 2.01 26.52 -7.34
C6 BMA N . 0.92 27.50 -6.89
O2 BMA N . 2.38 25.12 -10.52
O3 BMA N . 4.50 26.80 -10.15
O4 BMA N . 3.86 28.05 -7.53
O5 BMA N . 1.42 25.34 -7.93
O6 BMA N . 0.64 28.61 -7.78
C1 MAN N . 5.86 26.45 -10.48
C2 MAN N . 6.50 27.58 -11.28
C3 MAN N . 5.82 27.72 -12.65
C4 MAN N . 5.72 26.38 -13.38
C5 MAN N . 5.29 25.22 -12.48
C6 MAN N . 5.52 23.88 -13.16
O2 MAN N . 7.90 27.35 -11.44
O3 MAN N . 6.56 28.65 -13.45
O4 MAN N . 4.75 26.52 -14.43
O5 MAN N . 5.98 25.23 -11.23
O6 MAN N . 4.95 22.83 -12.37
C1 MAN N . -0.53 29.35 -7.37
C2 MAN N . -1.77 28.79 -8.11
C3 MAN N . -2.06 29.48 -9.44
C4 MAN N . -2.07 31.00 -9.27
C5 MAN N . -0.72 31.46 -8.71
C6 MAN N . -0.74 32.96 -8.47
O2 MAN N . -2.91 28.89 -7.25
O3 MAN N . -3.31 29.03 -9.97
O4 MAN N . -2.34 31.63 -10.52
O5 MAN N . -0.39 30.79 -7.49
O6 MAN N . -0.77 33.67 -9.70
C1 NAG O . -5.09 19.55 -1.15
C2 NAG O . -5.95 19.20 -2.37
C3 NAG O . -7.38 18.92 -1.92
C4 NAG O . -7.46 17.93 -0.75
C5 NAG O . -6.41 18.23 0.32
C6 NAG O . -6.30 17.08 1.33
C7 NAG O . -4.85 20.47 -4.19
C8 NAG O . -4.97 21.61 -5.15
N2 NAG O . -5.89 20.27 -3.36
O3 NAG O . -8.12 18.39 -3.03
O4 NAG O . -8.76 17.99 -0.08
O5 NAG O . -5.11 18.43 -0.26
O6 NAG O . -6.36 17.59 2.67
O7 NAG O . -3.83 19.79 -4.18
C1 NAG O . -9.73 16.98 -0.44
C2 NAG O . -10.62 16.69 0.77
C3 NAG O . -11.77 15.75 0.39
C4 NAG O . -12.57 16.34 -0.75
C5 NAG O . -11.64 16.60 -1.94
C6 NAG O . -12.38 17.29 -3.09
C7 NAG O . -9.35 14.98 2.11
C8 NAG O . -8.63 14.78 3.42
N2 NAG O . -9.88 16.21 1.93
O3 NAG O . -12.63 15.52 1.52
O4 NAG O . -13.63 15.45 -1.12
O5 NAG O . -10.53 17.42 -1.55
O6 NAG O . -12.50 16.40 -4.21
O7 NAG O . -9.41 14.07 1.30
C1 NAG P . -14.06 4.03 -11.71
C2 NAG P . -15.23 3.25 -11.13
C3 NAG P . -16.50 3.94 -11.58
C4 NAG P . -16.51 5.44 -11.27
C5 NAG P . -15.16 6.08 -10.86
C6 NAG P . -15.21 6.60 -9.42
C7 NAG P . -14.86 0.82 -10.88
C8 NAG P . -14.46 0.97 -9.44
N2 NAG P . -15.20 1.89 -11.61
O3 NAG P . -17.62 3.30 -10.94
O4 NAG P . -16.91 6.21 -12.42
O5 NAG P . -13.98 5.27 -11.03
O6 NAG P . -15.92 7.84 -9.38
O7 NAG P . -14.88 -0.30 -11.40
C1 NAG P . -18.22 5.93 -12.93
C2 NAG P . -18.89 7.24 -13.30
C3 NAG P . -20.32 6.95 -13.79
C4 NAG P . -20.29 5.90 -14.90
C5 NAG P . -19.33 4.73 -14.68
C6 NAG P . -19.06 3.97 -15.97
C7 NAG P . -18.95 9.51 -12.37
C8 NAG P . -18.79 10.37 -11.14
N2 NAG P . -18.80 8.20 -12.20
O3 NAG P . -20.92 8.14 -14.30
O4 NAG P . -21.57 5.29 -15.00
O5 NAG P . -18.10 5.18 -14.13
O6 NAG P . -19.67 2.68 -15.94
O7 NAG P . -19.20 10.01 -13.44
C1 BMA P . -22.48 5.98 -15.88
C2 BMA P . -23.39 4.94 -16.50
C3 BMA P . -24.29 5.61 -17.53
C4 BMA P . -24.98 6.84 -16.95
C5 BMA P . -24.09 7.69 -16.02
C6 BMA P . -24.92 8.63 -15.16
O2 BMA P . -24.17 4.31 -15.48
O3 BMA P . -25.21 4.58 -17.95
O4 BMA P . -25.38 7.69 -18.01
O5 BMA P . -23.29 6.90 -15.16
O6 BMA P . -25.64 7.91 -14.13
C1 MAN P . -25.82 4.82 -19.22
C2 MAN P . -26.92 3.79 -19.44
C3 MAN P . -26.39 2.46 -19.97
C4 MAN P . -25.56 2.70 -21.23
C5 MAN P . -24.40 3.65 -20.88
C6 MAN P . -23.57 3.94 -22.12
O2 MAN P . -27.78 4.36 -20.42
O3 MAN P . -27.47 1.58 -20.27
O4 MAN P . -25.07 1.46 -21.74
O5 MAN P . -24.91 4.88 -20.33
O6 MAN P . -22.98 5.25 -22.05
C1 MAN P . -29.17 4.52 -20.10
C2 MAN P . -29.91 3.86 -21.26
C3 MAN P . -29.59 4.62 -22.56
C4 MAN P . -29.90 6.11 -22.40
C5 MAN P . -29.21 6.69 -21.15
C6 MAN P . -29.55 8.16 -20.92
O2 MAN P . -31.33 3.85 -21.01
O3 MAN P . -30.27 4.05 -23.68
O4 MAN P . -29.46 6.79 -23.59
O5 MAN P . -29.56 5.90 -20.01
O6 MAN P . -30.52 8.33 -19.89
C1 MAN P . -31.78 2.68 -20.26
C2 MAN P . -33.18 2.29 -20.71
C3 MAN P . -34.30 3.18 -20.15
C4 MAN P . -34.02 3.85 -18.78
C5 MAN P . -32.55 3.97 -18.36
C6 MAN P . -32.41 4.04 -16.85
O2 MAN P . -33.41 0.92 -20.33
O3 MAN P . -35.52 2.42 -20.04
O4 MAN P . -34.56 5.18 -18.82
O5 MAN P . -31.77 2.87 -18.85
O6 MAN P . -32.91 5.28 -16.36
C1 MAN P . -26.16 8.83 -13.15
C2 MAN P . -26.91 8.03 -12.10
C3 MAN P . -28.38 8.42 -12.01
C4 MAN P . -29.03 8.48 -13.40
C5 MAN P . -28.19 9.33 -14.36
C6 MAN P . -29.01 10.47 -14.97
O2 MAN P . -26.28 8.17 -10.81
O3 MAN P . -28.50 9.71 -11.40
O4 MAN P . -29.16 7.16 -13.94
O5 MAN P . -27.03 9.85 -13.70
O6 MAN P . -29.40 11.45 -13.99
C1 MAN P . -30.26 12.43 -14.60
C2 MAN P . -30.35 13.68 -13.69
C3 MAN P . -31.38 13.55 -12.56
C4 MAN P . -32.64 12.74 -12.92
C5 MAN P . -32.32 11.51 -13.76
C6 MAN P . -33.57 10.75 -14.21
O2 MAN P . -30.64 14.82 -14.52
O3 MAN P . -31.78 14.85 -12.14
O4 MAN P . -33.30 12.33 -11.72
O5 MAN P . -31.56 11.91 -14.90
O6 MAN P . -33.53 9.40 -13.76
C1 NAG Q . -0.28 14.40 -44.77
C2 NAG Q . -1.75 14.76 -44.54
C3 NAG Q . -2.14 16.05 -45.24
C4 NAG Q . -1.16 17.17 -44.93
C5 NAG Q . 0.26 16.74 -45.25
C6 NAG Q . 1.28 17.81 -44.85
C7 NAG Q . -3.44 12.97 -44.26
C8 NAG Q . -4.28 11.96 -44.99
N2 NAG Q . -2.63 13.72 -45.03
O3 NAG Q . -3.46 16.42 -44.82
O4 NAG Q . -1.52 18.32 -45.71
O5 NAG Q . 0.58 15.53 -44.55
O6 NAG Q . 2.36 17.83 -45.80
O7 NAG Q . -3.51 13.08 -43.04
C1 NAG R . 3.98 8.24 -48.81
C2 NAG R . 3.99 9.73 -48.50
C3 NAG R . 3.48 10.54 -49.68
C4 NAG R . 4.07 10.09 -51.02
C5 NAG R . 4.04 8.58 -51.17
C6 NAG R . 4.77 8.07 -52.41
C7 NAG R . 3.39 11.02 -46.49
C8 NAG R . 2.44 11.13 -45.33
N2 NAG R . 3.18 10.00 -47.32
O3 NAG R . 3.78 11.93 -49.49
O4 NAG R . 3.32 10.70 -52.08
O5 NAG R . 4.66 7.98 -50.03
O6 NAG R . 4.48 6.68 -52.61
O7 NAG R . 4.29 11.83 -46.64
C1 NAG S . 14.23 12.05 -25.89
C2 NAG S . 15.39 12.43 -26.84
C3 NAG S . 15.43 13.90 -27.32
C4 NAG S . 14.41 14.85 -26.71
C5 NAG S . 13.98 14.37 -25.33
C6 NAG S . 13.03 15.34 -24.64
C7 NAG S . 17.83 11.99 -26.79
C8 NAG S . 18.95 11.49 -25.94
N2 NAG S . 16.63 12.03 -26.19
O3 NAG S . 15.28 13.91 -28.76
O4 NAG S . 14.97 16.16 -26.62
O5 NAG S . 13.35 13.11 -25.51
O6 NAG S . 13.77 16.26 -23.83
O7 NAG S . 18.03 12.33 -27.95
C1 NAG T . 23.97 6.48 7.74
C2 NAG T . 25.39 6.17 7.26
C3 NAG T . 26.35 7.20 7.83
C4 NAG T . 25.96 8.56 7.30
C5 NAG T . 24.51 8.93 7.64
C6 NAG T . 24.02 10.00 6.67
C7 NAG T . 25.51 3.73 6.86
C8 NAG T . 26.00 2.41 7.38
N2 NAG T . 25.78 4.80 7.61
O3 NAG T . 27.69 6.89 7.44
O4 NAG T . 26.83 9.56 7.86
O5 NAG T . 23.57 7.85 7.55
O6 NAG T . 22.89 10.68 7.23
O7 NAG T . 24.89 3.78 5.80
C1 NAG U . -8.10 -9.72 -1.37
C2 NAG U . -7.43 -10.89 -2.08
C3 NAG U . -8.26 -12.18 -1.95
C4 NAG U . -8.73 -12.40 -0.51
C5 NAG U . -9.44 -11.15 0.01
C6 NAG U . -9.92 -11.32 1.45
C7 NAG U . -6.31 -10.89 -4.34
C8 NAG U . -5.38 -12.05 -4.05
N2 NAG U . -7.22 -10.45 -3.46
O3 NAG U . -7.50 -13.34 -2.32
O4 NAG U . -9.61 -13.55 -0.44
O5 NAG U . -8.52 -10.06 -0.04
O6 NAG U . -11.19 -12.00 1.46
O7 NAG U . -6.20 -10.32 -5.41
C1 NAG V . 42.50 -15.40 15.79
C2 NAG V . 41.87 -14.83 17.06
C3 NAG V . 41.75 -13.33 16.89
C4 NAG V . 43.08 -12.67 16.52
C5 NAG V . 43.91 -13.47 15.49
C6 NAG V . 45.38 -13.07 15.55
C7 NAG V . 40.10 -15.70 18.56
C8 NAG V . 38.73 -16.32 18.63
N2 NAG V . 40.56 -15.44 17.33
O3 NAG V . 41.29 -12.74 18.12
O4 NAG V . 42.82 -11.37 15.98
O5 NAG V . 43.83 -14.87 15.72
O6 NAG V . 46.15 -13.89 14.66
O7 NAG V . 40.72 -15.48 19.59
C1 NAG W . 51.72 -26.37 19.73
C2 NAG W . 52.75 -26.98 18.79
C3 NAG W . 54.03 -26.14 18.76
C4 NAG W . 53.71 -24.68 18.45
C5 NAG W . 52.65 -24.14 19.41
C6 NAG W . 52.22 -22.72 19.02
C7 NAG W . 52.34 -29.44 18.72
C8 NAG W . 52.81 -30.79 19.18
N2 NAG W . 53.05 -28.38 19.14
O3 NAG W . 54.94 -26.65 17.77
O4 NAG W . 54.90 -23.89 18.53
O5 NAG W . 51.50 -24.99 19.42
O6 NAG W . 53.31 -21.80 19.17
O7 NAG W . 51.35 -29.35 18.01
C1 MAN X . -29.48 2.24 -11.38
C2 MAN X . -29.22 2.45 -12.87
C3 MAN X . -29.62 1.21 -13.66
C4 MAN X . -31.02 0.74 -13.29
C5 MAN X . -31.18 0.64 -11.78
C6 MAN X . -30.28 -0.44 -11.20
O2 MAN X . -27.83 2.73 -13.08
O3 MAN X . -28.68 0.16 -13.42
O4 MAN X . -31.99 1.66 -13.82
O5 MAN X . -30.85 1.90 -11.18
O6 MAN X . -30.56 -0.60 -9.80
C1 MAN Y . -28.16 4.67 -12.36
C2 MAN Y . -29.52 4.75 -11.65
C3 MAN Y . -29.45 5.23 -10.18
C4 MAN Y . -28.07 5.17 -9.50
C5 MAN Y . -26.90 4.48 -10.23
C6 MAN Y . -26.50 3.19 -9.48
O2 MAN Y . -30.31 3.54 -11.81
O3 MAN Y . -30.41 4.54 -9.37
O4 MAN Y . -27.68 6.51 -9.19
O5 MAN Y . -27.10 4.10 -11.60
O6 MAN Y . -25.79 3.53 -8.29
#